data_3GES
# 
_entry.id   3GES 
# 
_audit_conform.dict_name       mmcif_pdbx.dic 
_audit_conform.dict_version    5.378 
_audit_conform.dict_location   http://mmcif.pdb.org/dictionaries/ascii/mmcif_pdbx.dic 
# 
loop_
_database_2.database_id 
_database_2.database_code 
_database_2.pdbx_database_accession 
_database_2.pdbx_DOI 
PDB   3GES         pdb_00003ges 10.2210/pdb3ges/pdb 
NDB   UR0189       ?            ?                   
RCSB  RCSB051769   ?            ?                   
WWPDB D_1000051769 ?            ?                   
# 
loop_
_pdbx_database_related.db_name 
_pdbx_database_related.db_id 
_pdbx_database_related.details 
_pdbx_database_related.content_type 
PDB 1U8D 'Guanine riboswitch bound to hypoxanthine' unspecified 
PDB 3G4M .                                          unspecified 
PDB 3GAO .                                          unspecified 
PDB 3GER .                                          unspecified 
# 
_pdbx_database_status.status_code                     REL 
_pdbx_database_status.entry_id                        3GES 
_pdbx_database_status.recvd_initial_deposition_date   2009-02-26 
_pdbx_database_status.deposit_site                    RCSB 
_pdbx_database_status.process_site                    RCSB 
_pdbx_database_status.status_code_sf                  REL 
_pdbx_database_status.status_code_mr                  ? 
_pdbx_database_status.SG_entry                        ? 
_pdbx_database_status.pdb_format_compatible           Y 
_pdbx_database_status.status_code_cs                  ? 
_pdbx_database_status.status_code_nmr_data            ? 
_pdbx_database_status.methods_development_category    ? 
# 
loop_
_audit_author.name 
_audit_author.pdbx_ordinal 
'Gilbert, S.D.' 1 
'Batey, R.T.'   2 
# 
_citation.id                        primary 
_citation.title                     
'Adaptive ligand binding by the purine riboswitch in the recognition of Guanine and adenine analogs' 
_citation.journal_abbrev            Structure 
_citation.journal_volume            17 
_citation.page_first                857 
_citation.page_last                 868 
_citation.year                      2009 
_citation.journal_id_ASTM           STRUE6 
_citation.country                   UK 
_citation.journal_id_ISSN           0969-2126 
_citation.journal_id_CSD            2005 
_citation.book_publisher            ? 
_citation.pdbx_database_id_PubMed   19523903 
_citation.pdbx_database_id_DOI      10.1016/j.str.2009.04.009 
# 
loop_
_citation_author.citation_id 
_citation_author.name 
_citation_author.ordinal 
_citation_author.identifier_ORCID 
primary 'Gilbert, S.D.' 1 ? 
primary 'Reyes, F.E.'   2 ? 
primary 'Edwards, A.L.' 3 ? 
primary 'Batey, R.T.'   4 ? 
# 
_cell.entry_id           3GES 
_cell.length_a           130.940 
_cell.length_b           35.040 
_cell.length_c           42.190 
_cell.angle_alpha        90.00 
_cell.angle_beta         89.61 
_cell.angle_gamma        90.00 
_cell.Z_PDB              4 
_cell.pdbx_unique_axis   ? 
_cell.length_a_esd       ? 
_cell.length_b_esd       ? 
_cell.length_c_esd       ? 
_cell.angle_alpha_esd    ? 
_cell.angle_beta_esd     ? 
_cell.angle_gamma_esd    ? 
# 
_symmetry.entry_id                         3GES 
_symmetry.space_group_name_H-M             'C 1 2 1' 
_symmetry.pdbx_full_space_group_name_H-M   ? 
_symmetry.cell_setting                     ? 
_symmetry.Int_Tables_number                5 
_symmetry.space_group_name_Hall            ? 
# 
loop_
_entity.id 
_entity.type 
_entity.src_method 
_entity.pdbx_description 
_entity.formula_weight 
_entity.pdbx_number_of_molecules 
_entity.pdbx_ec 
_entity.pdbx_mutation 
_entity.pdbx_fragment 
_entity.details 
1 polymer     syn 'Guanine riboswitch'    21507.768 1   ? C74U ? ? 
2 non-polymer syn 6-O-methylguanine       165.153   1   ? ?    ? ? 
3 non-polymer syn 'ACETATE ION'           59.044    1   ? ?    ? ? 
4 non-polymer syn 'COBALT HEXAMMINE(III)' 161.116   8   ? ?    ? ? 
5 water       nat water                   18.015    110 ? ?    ? ? 
# 
_entity_poly.entity_id                      1 
_entity_poly.type                           polyribonucleotide 
_entity_poly.nstd_linkage                   no 
_entity_poly.nstd_monomer                   no 
_entity_poly.pdbx_seq_one_letter_code       GGACAUAUAAUCGCGUGGAUAUGGCACGCAAGUUUCUACCGGGCACCGUAAAUGUCCGAUUAUGUCC 
_entity_poly.pdbx_seq_one_letter_code_can   GGACAUAUAAUCGCGUGGAUAUGGCACGCAAGUUUCUACCGGGCACCGUAAAUGUCCGAUUAUGUCC 
_entity_poly.pdbx_strand_id                 A 
_entity_poly.pdbx_target_identifier         ? 
# 
loop_
_entity_poly_seq.entity_id 
_entity_poly_seq.num 
_entity_poly_seq.mon_id 
_entity_poly_seq.hetero 
1 1  G n 
1 2  G n 
1 3  A n 
1 4  C n 
1 5  A n 
1 6  U n 
1 7  A n 
1 8  U n 
1 9  A n 
1 10 A n 
1 11 U n 
1 12 C n 
1 13 G n 
1 14 C n 
1 15 G n 
1 16 U n 
1 17 G n 
1 18 G n 
1 19 A n 
1 20 U n 
1 21 A n 
1 22 U n 
1 23 G n 
1 24 G n 
1 25 C n 
1 26 A n 
1 27 C n 
1 28 G n 
1 29 C n 
1 30 A n 
1 31 A n 
1 32 G n 
1 33 U n 
1 34 U n 
1 35 U n 
1 36 C n 
1 37 U n 
1 38 A n 
1 39 C n 
1 40 C n 
1 41 G n 
1 42 G n 
1 43 G n 
1 44 C n 
1 45 A n 
1 46 C n 
1 47 C n 
1 48 G n 
1 49 U n 
1 50 A n 
1 51 A n 
1 52 A n 
1 53 U n 
1 54 G n 
1 55 U n 
1 56 C n 
1 57 C n 
1 58 G n 
1 59 A n 
1 60 U n 
1 61 U n 
1 62 A n 
1 63 U n 
1 64 G n 
1 65 U n 
1 66 C n 
1 67 C n 
# 
_pdbx_entity_src_syn.entity_id              1 
_pdbx_entity_src_syn.pdbx_src_id            1 
_pdbx_entity_src_syn.pdbx_alt_source_flag   sample 
_pdbx_entity_src_syn.pdbx_beg_seq_num       ? 
_pdbx_entity_src_syn.pdbx_end_seq_num       ? 
_pdbx_entity_src_syn.organism_scientific    ? 
_pdbx_entity_src_syn.organism_common_name   ? 
_pdbx_entity_src_syn.ncbi_taxonomy_id       ? 
_pdbx_entity_src_syn.details                
;This sequence was engineered based on the guanine riboswitch in the 5'UTR of the xpt-pbuX gene in Bacillus subtilis.
;
# 
_struct_ref.id                         1 
_struct_ref.db_name                    PDB 
_struct_ref.db_code                    3GES 
_struct_ref.pdbx_db_accession          3GES 
_struct_ref.entity_id                  1 
_struct_ref.pdbx_align_begin           1 
_struct_ref.pdbx_seq_one_letter_code   GGACAUAUAAUCGCGUGGAUAUGGCACGCAAGUUUCUACCGGGCACCGUAAAUGUCCGAUUAUGUCC 
_struct_ref.pdbx_db_isoform            ? 
# 
_struct_ref_seq.align_id                      1 
_struct_ref_seq.ref_id                        1 
_struct_ref_seq.pdbx_PDB_id_code              3GES 
_struct_ref_seq.pdbx_strand_id                A 
_struct_ref_seq.seq_align_beg                 1 
_struct_ref_seq.pdbx_seq_align_beg_ins_code   ? 
_struct_ref_seq.seq_align_end                 67 
_struct_ref_seq.pdbx_seq_align_end_ins_code   ? 
_struct_ref_seq.pdbx_db_accession             3GES 
_struct_ref_seq.db_align_beg                  15 
_struct_ref_seq.pdbx_db_align_beg_ins_code    ? 
_struct_ref_seq.db_align_end                  81 
_struct_ref_seq.pdbx_db_align_end_ins_code    ? 
_struct_ref_seq.pdbx_auth_seq_align_beg       15 
_struct_ref_seq.pdbx_auth_seq_align_end       81 
# 
loop_
_chem_comp.id 
_chem_comp.type 
_chem_comp.mon_nstd_flag 
_chem_comp.name 
_chem_comp.pdbx_synonyms 
_chem_comp.formula 
_chem_comp.formula_weight 
6GO non-polymer   . 6-O-methylguanine            6-methoxy-7H-purin-2-amine 'C6 H7 N5 O'      165.153 
A   'RNA linking' y "ADENOSINE-5'-MONOPHOSPHATE" ?                          'C10 H14 N5 O7 P' 347.221 
ACT non-polymer   . 'ACETATE ION'                ?                          'C2 H3 O2 -1'     59.044  
C   'RNA linking' y "CYTIDINE-5'-MONOPHOSPHATE"  ?                          'C9 H14 N3 O8 P'  323.197 
G   'RNA linking' y "GUANOSINE-5'-MONOPHOSPHATE" ?                          'C10 H14 N5 O8 P' 363.221 
HOH non-polymer   . WATER                        ?                          'H2 O'            18.015  
NCO non-polymer   . 'COBALT HEXAMMINE(III)'      ?                          'Co H18 N6 3'     161.116 
U   'RNA linking' y "URIDINE-5'-MONOPHOSPHATE"   ?                          'C9 H13 N2 O9 P'  324.181 
# 
_exptl.entry_id          3GES 
_exptl.method            'X-RAY DIFFRACTION' 
_exptl.crystals_number   1 
# 
_exptl_crystal.id                    1 
_exptl_crystal.density_meas          ? 
_exptl_crystal.density_Matthews      2.25 
_exptl_crystal.density_percent_sol   45.33 
_exptl_crystal.description           ? 
_exptl_crystal.F_000                 ? 
_exptl_crystal.preparation           ? 
# 
_exptl_crystal_grow.crystal_id      1 
_exptl_crystal_grow.method          'VAPOR DIFFUSION, HANGING DROP' 
_exptl_crystal_grow.temp            298 
_exptl_crystal_grow.temp_details    ? 
_exptl_crystal_grow.pH              7.5 
_exptl_crystal_grow.pdbx_details    
;25% PEG 3K, 560 mM ammonium acetate, 12 mM cobalt hexammine, 10 mM K+ HEPES, pH 7.5, VAPOR DIFFUSION, HANGING DROP, temperature 298K
;
_exptl_crystal_grow.pdbx_pH_range   ? 
# 
loop_
_exptl_crystal_grow_comp.crystal_id 
_exptl_crystal_grow_comp.id 
_exptl_crystal_grow_comp.sol_id 
_exptl_crystal_grow_comp.name 
_exptl_crystal_grow_comp.volume 
_exptl_crystal_grow_comp.conc 
_exptl_crystal_grow_comp.details 
1 1 1 'ammonium acetate' ? ? ? 
1 2 1 'PEG 3K'           ? ? ? 
1 3 1 'cobalt hexammine' ? ? ? 
1 4 1 'K+ HEPES'         ? ? ? 
1 5 2 'ammonium acetate' ? ? ? 
1 6 2 'PEG 3K'           ? ? ? 
1 7 2 'cobalt hexammine' ? ? ? 
1 8 2 'K+ HEPES'         ? ? ? 
# 
_diffrn.id                     1 
_diffrn.ambient_temp           100 
_diffrn.ambient_temp_details   ? 
_diffrn.crystal_id             1 
# 
_diffrn_detector.diffrn_id              1 
_diffrn_detector.detector               'IMAGE PLATE' 
_diffrn_detector.type                   RIGAKU 
_diffrn_detector.pdbx_collection_date   2005-08-23 
_diffrn_detector.details                ? 
# 
_diffrn_radiation.diffrn_id                        1 
_diffrn_radiation.wavelength_id                    1 
_diffrn_radiation.pdbx_monochromatic_or_laue_m_l   M 
_diffrn_radiation.monochromator                    'Ni filter' 
_diffrn_radiation.pdbx_diffrn_protocol             'SINGLE WAVELENGTH' 
_diffrn_radiation.pdbx_scattering_type             x-ray 
# 
_diffrn_radiation_wavelength.id           1 
_diffrn_radiation_wavelength.wavelength   1.5418 
_diffrn_radiation_wavelength.wt           1.0 
# 
_diffrn_source.diffrn_id                   1 
_diffrn_source.source                      'ROTATING ANODE' 
_diffrn_source.type                        RIGAKU 
_diffrn_source.pdbx_synchrotron_site       ? 
_diffrn_source.pdbx_synchrotron_beamline   ? 
_diffrn_source.pdbx_wavelength             ? 
_diffrn_source.pdbx_wavelength_list        1.5418 
# 
_reflns.entry_id                     3GES 
_reflns.observed_criterion_sigma_I   3.0 
_reflns.observed_criterion_sigma_F   ? 
_reflns.d_resolution_low             19.44 
_reflns.d_resolution_high            2.15 
_reflns.number_obs                   9699 
_reflns.number_all                   ? 
_reflns.percent_possible_obs         90.9 
_reflns.pdbx_Rmerge_I_obs            ? 
_reflns.pdbx_Rsym_value              0.096 
_reflns.pdbx_netI_over_sigmaI        11.6 
_reflns.B_iso_Wilson_estimate        29.3 
_reflns.pdbx_redundancy              6.67 
_reflns.R_free_details               ? 
_reflns.limit_h_max                  ? 
_reflns.limit_h_min                  ? 
_reflns.limit_k_max                  ? 
_reflns.limit_k_min                  ? 
_reflns.limit_l_max                  ? 
_reflns.limit_l_min                  ? 
_reflns.observed_criterion_F_max     ? 
_reflns.observed_criterion_F_min     ? 
_reflns.pdbx_chi_squared             ? 
_reflns.pdbx_scaling_rejects         ? 
_reflns.pdbx_diffrn_id               1 
_reflns.pdbx_ordinal                 1 
# 
_reflns_shell.d_res_high             2.15 
_reflns_shell.d_res_low              2.23 
_reflns_shell.percent_possible_all   91.4 
_reflns_shell.Rmerge_I_obs           ? 
_reflns_shell.pdbx_Rsym_value        0.357 
_reflns_shell.meanI_over_sigI_obs    3.0 
_reflns_shell.pdbx_redundancy        6.67 
_reflns_shell.percent_possible_obs   ? 
_reflns_shell.number_unique_all      978 
_reflns_shell.number_measured_all    ? 
_reflns_shell.number_measured_obs    ? 
_reflns_shell.number_unique_obs      ? 
_reflns_shell.pdbx_chi_squared       ? 
_reflns_shell.pdbx_diffrn_id         ? 
_reflns_shell.pdbx_ordinal           1 
# 
_refine.entry_id                                 3GES 
_refine.ls_number_reflns_obs                     9692 
_refine.ls_number_reflns_all                     ? 
_refine.pdbx_ls_sigma_I                          ? 
_refine.pdbx_ls_sigma_F                          0.0 
_refine.pdbx_data_cutoff_high_absF               790331.13 
_refine.pdbx_data_cutoff_low_absF                0.000000 
_refine.pdbx_data_cutoff_high_rms_absF           ? 
_refine.ls_d_res_low                             19.44 
_refine.ls_d_res_high                            2.15 
_refine.ls_percent_reflns_obs                    90.8 
_refine.ls_R_factor_obs                          0.238 
_refine.ls_R_factor_all                          ? 
_refine.ls_R_factor_R_work                       0.238 
_refine.ls_R_factor_R_free                       0.283 
_refine.ls_R_factor_R_free_error                 0.012 
_refine.ls_R_factor_R_free_error_details         ? 
_refine.ls_percent_reflns_R_free                 5.3 
_refine.ls_number_reflns_R_free                  514 
_refine.ls_number_parameters                     ? 
_refine.ls_number_restraints                     ? 
_refine.occupancy_min                            ? 
_refine.occupancy_max                            ? 
_refine.correlation_coeff_Fo_to_Fc               ? 
_refine.correlation_coeff_Fo_to_Fc_free          ? 
_refine.B_iso_mean                               40.1 
_refine.aniso_B[1][1]                            2.47 
_refine.aniso_B[2][2]                            -6.01 
_refine.aniso_B[3][3]                            3.54 
_refine.aniso_B[1][2]                            0.00 
_refine.aniso_B[1][3]                            -3.92 
_refine.aniso_B[2][3]                            0.00 
_refine.solvent_model_details                    'FLAT MODEL' 
_refine.solvent_model_param_ksol                 0.4 
_refine.solvent_model_param_bsol                 53.5171 
_refine.pdbx_solvent_vdw_probe_radii             ? 
_refine.pdbx_solvent_ion_probe_radii             ? 
_refine.pdbx_solvent_shrinkage_radii             ? 
_refine.pdbx_ls_cross_valid_method               THROUGHOUT 
_refine.details                                  'BULK SOLVENT MODEL USED' 
_refine.pdbx_starting_model                      'PDB entry 1U8D' 
_refine.pdbx_method_to_determine_struct          'MOLECULAR REPLACEMENT' 
_refine.pdbx_isotropic_thermal_model             RESTRAINED 
_refine.pdbx_stereochemistry_target_values       ? 
_refine.pdbx_stereochem_target_val_spec_case     ? 
_refine.pdbx_R_Free_selection_details            RANDOM 
_refine.pdbx_overall_ESU_R                       ? 
_refine.pdbx_overall_ESU_R_Free                  ? 
_refine.overall_SU_ML                            ? 
_refine.overall_SU_B                             ? 
_refine.ls_redundancy_reflns_obs                 ? 
_refine.B_iso_min                                ? 
_refine.B_iso_max                                ? 
_refine.overall_SU_R_Cruickshank_DPI             ? 
_refine.overall_SU_R_free                        ? 
_refine.ls_wR_factor_R_free                      ? 
_refine.ls_wR_factor_R_work                      ? 
_refine.overall_FOM_free_R_set                   ? 
_refine.overall_FOM_work_R_set                   ? 
_refine.pdbx_overall_phase_error                 ? 
_refine.pdbx_refine_id                           'X-RAY DIFFRACTION' 
_refine.pdbx_diffrn_id                           1 
_refine.pdbx_TLS_residual_ADP_flag               ? 
_refine.pdbx_overall_SU_R_free_Cruickshank_DPI   ? 
_refine.pdbx_overall_SU_R_Blow_DPI               ? 
_refine.pdbx_overall_SU_R_free_Blow_DPI          ? 
# 
_refine_analyze.entry_id                        3GES 
_refine_analyze.Luzzati_coordinate_error_obs    0.33 
_refine_analyze.Luzzati_sigma_a_obs             0.34 
_refine_analyze.Luzzati_d_res_low_obs           5.00 
_refine_analyze.Luzzati_coordinate_error_free   0.47 
_refine_analyze.Luzzati_sigma_a_free            0.47 
_refine_analyze.Luzzati_d_res_low_free          ? 
_refine_analyze.number_disordered_residues      ? 
_refine_analyze.occupancy_sum_hydrogen          ? 
_refine_analyze.occupancy_sum_non_hydrogen      ? 
_refine_analyze.pdbx_Luzzati_d_res_high_obs     ? 
_refine_analyze.pdbx_refine_id                  'X-RAY DIFFRACTION' 
# 
_refine_hist.pdbx_refine_id                   'X-RAY DIFFRACTION' 
_refine_hist.cycle_id                         LAST 
_refine_hist.pdbx_number_atoms_protein        0 
_refine_hist.pdbx_number_atoms_nucleic_acid   1422 
_refine_hist.pdbx_number_atoms_ligand         72 
_refine_hist.number_atoms_solvent             110 
_refine_hist.number_atoms_total               1604 
_refine_hist.d_res_high                       2.15 
_refine_hist.d_res_low                        19.44 
# 
loop_
_refine_ls_restr.type 
_refine_ls_restr.dev_ideal 
_refine_ls_restr.dev_ideal_target 
_refine_ls_restr.weight 
_refine_ls_restr.number 
_refine_ls_restr.pdbx_refine_id 
_refine_ls_restr.pdbx_restraint_function 
c_bond_d                0.005 ? ? ? 'X-RAY DIFFRACTION' ? 
c_bond_d_na             ?     ? ? ? 'X-RAY DIFFRACTION' ? 
c_bond_d_prot           ?     ? ? ? 'X-RAY DIFFRACTION' ? 
c_angle_d               ?     ? ? ? 'X-RAY DIFFRACTION' ? 
c_angle_d_na            ?     ? ? ? 'X-RAY DIFFRACTION' ? 
c_angle_d_prot          ?     ? ? ? 'X-RAY DIFFRACTION' ? 
c_angle_deg             1.0   ? ? ? 'X-RAY DIFFRACTION' ? 
c_angle_deg_na          ?     ? ? ? 'X-RAY DIFFRACTION' ? 
c_angle_deg_prot        ?     ? ? ? 'X-RAY DIFFRACTION' ? 
c_dihedral_angle_d      21.1  ? ? ? 'X-RAY DIFFRACTION' ? 
c_dihedral_angle_d_na   ?     ? ? ? 'X-RAY DIFFRACTION' ? 
c_dihedral_angle_d_prot ?     ? ? ? 'X-RAY DIFFRACTION' ? 
c_improper_angle_d      1.47  ? ? ? 'X-RAY DIFFRACTION' ? 
c_improper_angle_d_na   ?     ? ? ? 'X-RAY DIFFRACTION' ? 
c_improper_angle_d_prot ?     ? ? ? 'X-RAY DIFFRACTION' ? 
c_mcbond_it             ?     ? ? ? 'X-RAY DIFFRACTION' ? 
c_mcangle_it            ?     ? ? ? 'X-RAY DIFFRACTION' ? 
c_scbond_it             ?     ? ? ? 'X-RAY DIFFRACTION' ? 
c_scangle_it            ?     ? ? ? 'X-RAY DIFFRACTION' ? 
# 
_refine_ls_shell.pdbx_total_number_of_bins_used   6 
_refine_ls_shell.d_res_high                       2.15 
_refine_ls_shell.d_res_low                        2.28 
_refine_ls_shell.number_reflns_R_work             1529 
_refine_ls_shell.R_factor_R_work                  0.321 
_refine_ls_shell.percent_reflns_obs               91.3 
_refine_ls_shell.R_factor_R_free                  0.416 
_refine_ls_shell.R_factor_R_free_error            0.043 
_refine_ls_shell.percent_reflns_R_free            5.7 
_refine_ls_shell.number_reflns_R_free             92 
_refine_ls_shell.number_reflns_all                ? 
_refine_ls_shell.R_factor_all                     ? 
_refine_ls_shell.number_reflns_obs                ? 
_refine_ls_shell.redundancy_reflns_obs            ? 
_refine_ls_shell.pdbx_refine_id                   'X-RAY DIFFRACTION' 
# 
loop_
_pdbx_xplor_file.serial_no 
_pdbx_xplor_file.param_file 
_pdbx_xplor_file.topol_file 
_pdbx_xplor_file.pdbx_refine_id 
1 water_rep.param          water_rep.top          'X-RAY DIFFRACTION' 
2 dna-rna_rep_revise.param dna-rna_rep_revise.top 'X-RAY DIFFRACTION' 
3 ion.param                ion.top                'X-RAY DIFFRACTION' 
4 cohex_rep.param          cohex_rep.top          'X-RAY DIFFRACTION' 
5 OMG.param                OMG.top                'X-RAY DIFFRACTION' 
# 
_struct.entry_id                  3GES 
_struct.title                     'Crystal structure of the guanine riboswitch C74U mutant bound to 6-O-methylguanine' 
_struct.pdbx_model_details        ? 
_struct.pdbx_CASP_flag            ? 
_struct.pdbx_model_type_details   ? 
# 
_struct_keywords.entry_id        3GES 
_struct_keywords.pdbx_keywords   RNA 
_struct_keywords.text            
'riboswitch, mRNA, guanine, RNA-ligand complex, double helix, three-way junction, base triple, RNA' 
# 
loop_
_struct_asym.id 
_struct_asym.pdbx_blank_PDB_chainid_flag 
_struct_asym.pdbx_modified 
_struct_asym.entity_id 
_struct_asym.details 
A N N 1 ? 
B N N 2 ? 
C N N 3 ? 
D N N 4 ? 
E N N 4 ? 
F N N 4 ? 
G N N 4 ? 
H N N 4 ? 
I N N 4 ? 
J N N 4 ? 
K N N 4 ? 
L N N 5 ? 
# 
_struct_biol.id        1 
_struct_biol.details   
'Coordinates for a complete multimer representing the known biologically significant monomeric state of the molecule are given.' 
# 
loop_
_struct_conn.id 
_struct_conn.conn_type_id 
_struct_conn.pdbx_leaving_atom_flag 
_struct_conn.pdbx_PDB_id 
_struct_conn.ptnr1_label_asym_id 
_struct_conn.ptnr1_label_comp_id 
_struct_conn.ptnr1_label_seq_id 
_struct_conn.ptnr1_label_atom_id 
_struct_conn.pdbx_ptnr1_label_alt_id 
_struct_conn.pdbx_ptnr1_PDB_ins_code 
_struct_conn.pdbx_ptnr1_standard_comp_id 
_struct_conn.ptnr1_symmetry 
_struct_conn.ptnr2_label_asym_id 
_struct_conn.ptnr2_label_comp_id 
_struct_conn.ptnr2_label_seq_id 
_struct_conn.ptnr2_label_atom_id 
_struct_conn.pdbx_ptnr2_label_alt_id 
_struct_conn.pdbx_ptnr2_PDB_ins_code 
_struct_conn.ptnr1_auth_asym_id 
_struct_conn.ptnr1_auth_comp_id 
_struct_conn.ptnr1_auth_seq_id 
_struct_conn.ptnr2_auth_asym_id 
_struct_conn.ptnr2_auth_comp_id 
_struct_conn.ptnr2_auth_seq_id 
_struct_conn.ptnr2_symmetry 
_struct_conn.pdbx_ptnr3_label_atom_id 
_struct_conn.pdbx_ptnr3_label_seq_id 
_struct_conn.pdbx_ptnr3_label_comp_id 
_struct_conn.pdbx_ptnr3_label_asym_id 
_struct_conn.pdbx_ptnr3_label_alt_id 
_struct_conn.pdbx_ptnr3_PDB_ins_code 
_struct_conn.details 
_struct_conn.pdbx_dist_value 
_struct_conn.pdbx_value_order 
_struct_conn.pdbx_role 
hydrog1  hydrog ? ? A G 1  N1 ? ? ? 1_555 A C 67 N3 ? ? A G 15 A C 81 1_555 ? ? ? ? ? ? WATSON-CRICK         ? ? ? 
hydrog2  hydrog ? ? A G 1  N2 ? ? ? 1_555 A C 67 O2 ? ? A G 15 A C 81 1_555 ? ? ? ? ? ? WATSON-CRICK         ? ? ? 
hydrog3  hydrog ? ? A G 1  O6 ? ? ? 1_555 A C 67 N4 ? ? A G 15 A C 81 1_555 ? ? ? ? ? ? WATSON-CRICK         ? ? ? 
hydrog4  hydrog ? ? A G 2  N1 ? ? ? 1_555 A C 66 N3 ? ? A G 16 A C 80 1_555 ? ? ? ? ? ? WATSON-CRICK         ? ? ? 
hydrog5  hydrog ? ? A G 2  N2 ? ? ? 1_555 A C 66 O2 ? ? A G 16 A C 80 1_555 ? ? ? ? ? ? WATSON-CRICK         ? ? ? 
hydrog6  hydrog ? ? A G 2  O6 ? ? ? 1_555 A C 66 N4 ? ? A G 16 A C 80 1_555 ? ? ? ? ? ? WATSON-CRICK         ? ? ? 
hydrog7  hydrog ? ? A A 3  N1 ? ? ? 1_555 A U 65 N3 ? ? A A 17 A U 79 1_555 ? ? ? ? ? ? WATSON-CRICK         ? ? ? 
hydrog8  hydrog ? ? A A 3  N6 ? ? ? 1_555 A U 65 O4 ? ? A A 17 A U 79 1_555 ? ? ? ? ? ? WATSON-CRICK         ? ? ? 
hydrog9  hydrog ? ? A C 4  N3 ? ? ? 1_555 A G 64 N1 ? ? A C 18 A G 78 1_555 ? ? ? ? ? ? WATSON-CRICK         ? ? ? 
hydrog10 hydrog ? ? A C 4  N4 ? ? ? 1_555 A G 64 O6 ? ? A C 18 A G 78 1_555 ? ? ? ? ? ? WATSON-CRICK         ? ? ? 
hydrog11 hydrog ? ? A C 4  O2 ? ? ? 1_555 A G 64 N2 ? ? A C 18 A G 78 1_555 ? ? ? ? ? ? WATSON-CRICK         ? ? ? 
hydrog12 hydrog ? ? A A 5  N1 ? ? ? 1_555 A U 63 N3 ? ? A A 19 A U 77 1_555 ? ? ? ? ? ? WATSON-CRICK         ? ? ? 
hydrog13 hydrog ? ? A A 5  N6 ? ? ? 1_555 A U 63 O4 ? ? A A 19 A U 77 1_555 ? ? ? ? ? ? WATSON-CRICK         ? ? ? 
hydrog14 hydrog ? ? A U 6  N3 ? ? ? 1_555 A A 62 N1 ? ? A U 20 A A 76 1_555 ? ? ? ? ? ? WATSON-CRICK         ? ? ? 
hydrog15 hydrog ? ? A U 6  O4 ? ? ? 1_555 A A 62 N6 ? ? A U 20 A A 76 1_555 ? ? ? ? ? ? WATSON-CRICK         ? ? ? 
hydrog16 hydrog ? ? A A 7  N1 ? ? ? 1_555 A U 61 N3 ? ? A A 21 A U 75 1_555 ? ? ? ? ? ? WATSON-CRICK         ? ? ? 
hydrog17 hydrog ? ? A A 7  N6 ? ? ? 1_555 A U 61 O4 ? ? A A 21 A U 75 1_555 ? ? ? ? ? ? WATSON-CRICK         ? ? ? 
hydrog18 hydrog ? ? A U 8  O4 ? ? ? 1_555 A G 32 N1 ? ? A U 22 A G 46 1_555 ? ? ? ? ? ? 'U-G MISPAIR'        ? ? ? 
hydrog19 hydrog ? ? A U 8  N3 ? ? ? 1_555 A A 38 N1 ? ? A U 22 A A 52 1_555 ? ? ? ? ? ? WATSON-CRICK         ? ? ? 
hydrog20 hydrog ? ? A U 8  O4 ? ? ? 1_555 A A 38 N6 ? ? A U 22 A A 52 1_555 ? ? ? ? ? ? WATSON-CRICK         ? ? ? 
hydrog21 hydrog ? ? A A 9  N1 ? ? ? 1_555 A G 32 N2 ? ? A A 23 A G 46 1_555 ? ? ? ? ? ? TYPE_10_PAIR         ? ? ? 
hydrog22 hydrog ? ? A A 9  N6 ? ? ? 1_555 A G 32 N3 ? ? A A 23 A G 46 1_555 ? ? ? ? ? ? TYPE_10_PAIR         ? ? ? 
hydrog23 hydrog ? ? A U 11 N3 ? ? ? 1_555 A A 31 N1 ? ? A U 25 A A 45 1_555 ? ? ? ? ? ? WATSON-CRICK         ? ? ? 
hydrog24 hydrog ? ? A U 11 O4 ? ? ? 1_555 A A 31 N6 ? ? A U 25 A A 45 1_555 ? ? ? ? ? ? WATSON-CRICK         ? ? ? 
hydrog25 hydrog ? ? A G 13 N1 ? ? ? 1_555 A C 29 N3 ? ? A G 27 A C 43 1_555 ? ? ? ? ? ? WATSON-CRICK         ? ? ? 
hydrog26 hydrog ? ? A G 13 N2 ? ? ? 1_555 A C 29 O2 ? ? A G 27 A C 43 1_555 ? ? ? ? ? ? WATSON-CRICK         ? ? ? 
hydrog27 hydrog ? ? A G 13 O6 ? ? ? 1_555 A C 29 N4 ? ? A G 27 A C 43 1_555 ? ? ? ? ? ? WATSON-CRICK         ? ? ? 
hydrog28 hydrog ? ? A C 14 N3 ? ? ? 1_555 A G 28 N1 ? ? A C 28 A G 42 1_555 ? ? ? ? ? ? WATSON-CRICK         ? ? ? 
hydrog29 hydrog ? ? A C 14 N4 ? ? ? 1_555 A G 28 O6 ? ? A C 28 A G 42 1_555 ? ? ? ? ? ? WATSON-CRICK         ? ? ? 
hydrog30 hydrog ? ? A C 14 O2 ? ? ? 1_555 A G 28 N2 ? ? A C 28 A G 42 1_555 ? ? ? ? ? ? WATSON-CRICK         ? ? ? 
hydrog31 hydrog ? ? A G 15 N1 ? ? ? 1_555 A C 27 N3 ? ? A G 29 A C 41 1_555 ? ? ? ? ? ? WATSON-CRICK         ? ? ? 
hydrog32 hydrog ? ? A G 15 N2 ? ? ? 1_555 A C 27 O2 ? ? A G 29 A C 41 1_555 ? ? ? ? ? ? WATSON-CRICK         ? ? ? 
hydrog33 hydrog ? ? A G 15 O6 ? ? ? 1_555 A C 27 N4 ? ? A G 29 A C 41 1_555 ? ? ? ? ? ? WATSON-CRICK         ? ? ? 
hydrog34 hydrog ? ? A U 16 N3 ? ? ? 1_555 A A 26 N1 ? ? A U 30 A A 40 1_555 ? ? ? ? ? ? WATSON-CRICK         ? ? ? 
hydrog35 hydrog ? ? A U 16 O4 ? ? ? 1_555 A A 26 N6 ? ? A U 30 A A 40 1_555 ? ? ? ? ? ? WATSON-CRICK         ? ? ? 
hydrog36 hydrog ? ? A G 17 N1 ? ? ? 1_555 A C 25 N3 ? ? A G 31 A C 39 1_555 ? ? ? ? ? ? WATSON-CRICK         ? ? ? 
hydrog37 hydrog ? ? A G 17 N2 ? ? ? 1_555 A C 25 O2 ? ? A G 31 A C 39 1_555 ? ? ? ? ? ? WATSON-CRICK         ? ? ? 
hydrog38 hydrog ? ? A G 17 O6 ? ? ? 1_555 A C 25 N4 ? ? A G 31 A C 39 1_555 ? ? ? ? ? ? WATSON-CRICK         ? ? ? 
hydrog39 hydrog ? ? A A 19 N1 ? ? ? 1_555 A A 52 N6 ? ? A A 33 A A 66 1_555 ? ? ? ? ? ? TYPE_5_PAIR          ? ? ? 
hydrog40 hydrog ? ? A A 19 N6 ? ? ? 1_555 A A 52 N7 ? ? A A 33 A A 66 1_555 ? ? ? ? ? ? TYPE_5_PAIR          ? ? ? 
hydrog41 hydrog ? ? A U 20 N3 ? ? ? 1_555 A A 51 N7 ? ? A U 34 A A 65 1_555 ? ? ? ? ? ? 'REVERSED HOOGSTEEN' ? ? ? 
hydrog42 hydrog ? ? A U 20 O2 ? ? ? 1_555 A A 51 N6 ? ? A U 34 A A 65 1_555 ? ? ? ? ? ? 'REVERSED HOOGSTEEN' ? ? ? 
hydrog43 hydrog ? ? A A 21 N6 ? ? ? 1_555 A A 50 N1 ? ? A A 35 A A 64 1_555 ? ? ? ? ? ? TYPE_5_PAIR          ? ? ? 
hydrog44 hydrog ? ? A A 21 N7 ? ? ? 1_555 A A 50 N6 ? ? A A 35 A A 64 1_555 ? ? ? ? ? ? TYPE_5_PAIR          ? ? ? 
hydrog45 hydrog ? ? A G 23 O6 ? ? ? 1_555 A C 46 N4 ? ? A G 37 A C 60 1_555 ? ? ? ? ? ? 'G-C PAIR'           ? ? ? 
hydrog46 hydrog ? ? A G 23 N1 ? ? ? 1_555 A C 47 N3 ? ? A G 37 A C 61 1_555 ? ? ? ? ? ? WATSON-CRICK         ? ? ? 
hydrog47 hydrog ? ? A G 23 N2 ? ? ? 1_555 A C 47 O2 ? ? A G 37 A C 61 1_555 ? ? ? ? ? ? WATSON-CRICK         ? ? ? 
hydrog48 hydrog ? ? A G 23 O6 ? ? ? 1_555 A C 47 N4 ? ? A G 37 A C 61 1_555 ? ? ? ? ? ? WATSON-CRICK         ? ? ? 
hydrog49 hydrog ? ? A G 24 N1 ? ? ? 1_555 A C 46 N3 ? ? A G 38 A C 60 1_555 ? ? ? ? ? ? WATSON-CRICK         ? ? ? 
hydrog50 hydrog ? ? A G 24 N2 ? ? ? 1_555 A C 46 O2 ? ? A G 38 A C 60 1_555 ? ? ? ? ? ? WATSON-CRICK         ? ? ? 
hydrog51 hydrog ? ? A G 24 O6 ? ? ? 1_555 A C 46 N4 ? ? A G 38 A C 60 1_555 ? ? ? ? ? ? WATSON-CRICK         ? ? ? 
hydrog52 hydrog ? ? A G 24 N2 ? ? ? 1_555 A A 52 N1 ? ? A G 38 A A 66 1_555 ? ? ? ? ? ? TYPE_10_PAIR         ? ? ? 
hydrog53 hydrog ? ? A G 24 N3 ? ? ? 1_555 A A 52 N6 ? ? A G 38 A A 66 1_555 ? ? ? ? ? ? TYPE_10_PAIR         ? ? ? 
hydrog54 hydrog ? ? A G 32 N1 ? ? ? 1_555 A C 39 N3 ? ? A G 46 A C 53 1_555 ? ? ? ? ? ? WATSON-CRICK         ? ? ? 
hydrog55 hydrog ? ? A G 32 N2 ? ? ? 1_555 A C 39 O2 ? ? A G 46 A C 53 1_555 ? ? ? ? ? ? WATSON-CRICK         ? ? ? 
hydrog56 hydrog ? ? A G 32 O6 ? ? ? 1_555 A C 39 N4 ? ? A G 46 A C 53 1_555 ? ? ? ? ? ? WATSON-CRICK         ? ? ? 
hydrog57 hydrog ? ? A U 33 N3 ? ? ? 1_555 A U 37 O4 ? ? A U 47 A U 51 1_555 ? ? ? ? ? ? 'U-U MISPAIR'        ? ? ? 
hydrog58 hydrog ? ? A U 35 N3 ? ? ? 1_555 A A 62 N3 ? ? A U 49 A A 76 1_555 ? ? ? ? ? ? 'U-A PAIR'           ? ? ? 
hydrog59 hydrog ? ? A C 36 N4 ? ? ? 1_555 A U 61 O2 ? ? A C 50 A U 75 1_555 ? ? ? ? ? ? 'C-U MISPAIR'        ? ? ? 
hydrog60 hydrog ? ? A C 40 N3 ? ? ? 1_555 A G 58 N1 ? ? A C 54 A G 72 1_555 ? ? ? ? ? ? WATSON-CRICK         ? ? ? 
hydrog61 hydrog ? ? A C 40 N4 ? ? ? 1_555 A G 58 O6 ? ? A C 54 A G 72 1_555 ? ? ? ? ? ? WATSON-CRICK         ? ? ? 
hydrog62 hydrog ? ? A C 40 O2 ? ? ? 1_555 A G 58 N2 ? ? A C 54 A G 72 1_555 ? ? ? ? ? ? WATSON-CRICK         ? ? ? 
hydrog63 hydrog ? ? A G 41 N1 ? ? ? 1_555 A C 57 N3 ? ? A G 55 A C 71 1_555 ? ? ? ? ? ? WATSON-CRICK         ? ? ? 
hydrog64 hydrog ? ? A G 41 N2 ? ? ? 1_555 A C 57 O2 ? ? A G 55 A C 71 1_555 ? ? ? ? ? ? WATSON-CRICK         ? ? ? 
hydrog65 hydrog ? ? A G 41 O6 ? ? ? 1_555 A C 57 N4 ? ? A G 55 A C 71 1_555 ? ? ? ? ? ? WATSON-CRICK         ? ? ? 
hydrog66 hydrog ? ? A G 42 N1 ? ? ? 1_555 A C 56 N3 ? ? A G 56 A C 70 1_555 ? ? ? ? ? ? WATSON-CRICK         ? ? ? 
hydrog67 hydrog ? ? A G 42 N2 ? ? ? 1_555 A C 56 O2 ? ? A G 56 A C 70 1_555 ? ? ? ? ? ? WATSON-CRICK         ? ? ? 
hydrog68 hydrog ? ? A G 42 O6 ? ? ? 1_555 A C 56 N4 ? ? A G 56 A C 70 1_555 ? ? ? ? ? ? WATSON-CRICK         ? ? ? 
hydrog69 hydrog ? ? A G 43 N1 ? ? ? 1_555 A U 55 O2 ? ? A G 57 A U 69 1_555 ? ? ? ? ? ? TYPE_28_PAIR         ? ? ? 
hydrog70 hydrog ? ? A G 43 O6 ? ? ? 1_555 A U 55 N3 ? ? A G 57 A U 69 1_555 ? ? ? ? ? ? TYPE_28_PAIR         ? ? ? 
hydrog71 hydrog ? ? A C 44 N3 ? ? ? 1_555 A G 54 N1 ? ? A C 58 A G 68 1_555 ? ? ? ? ? ? WATSON-CRICK         ? ? ? 
hydrog72 hydrog ? ? A C 44 N4 ? ? ? 1_555 A G 54 O6 ? ? A C 58 A G 68 1_555 ? ? ? ? ? ? WATSON-CRICK         ? ? ? 
hydrog73 hydrog ? ? A C 44 O2 ? ? ? 1_555 A G 54 N2 ? ? A C 58 A G 68 1_555 ? ? ? ? ? ? WATSON-CRICK         ? ? ? 
hydrog74 hydrog ? ? A A 45 N1 ? ? ? 1_555 A U 53 N3 ? ? A A 59 A U 67 1_555 ? ? ? ? ? ? WATSON-CRICK         ? ? ? 
hydrog75 hydrog ? ? A A 45 N6 ? ? ? 1_555 A U 53 O4 ? ? A A 59 A U 67 1_555 ? ? ? ? ? ? WATSON-CRICK         ? ? ? 
hydrog76 hydrog ? ? A C 47 O2 ? ? ? 1_555 A A 51 N6 ? ? A C 61 A A 65 1_555 ? ? ? ? ? ? 'C-A MISPAIR'        ? ? ? 
hydrog77 hydrog ? ? A G 48 N2 ? ? ? 1_555 A U 49 O4 ? ? A G 62 A U 63 1_555 ? ? ? ? ? ? 'G-U MISPAIR'        ? ? ? 
# 
_struct_conn_type.id          hydrog 
_struct_conn_type.criteria    ? 
_struct_conn_type.reference   ? 
# 
loop_
_struct_site.id 
_struct_site.pdbx_evidence_code 
_struct_site.pdbx_auth_asym_id 
_struct_site.pdbx_auth_comp_id 
_struct_site.pdbx_auth_seq_id 
_struct_site.pdbx_auth_ins_code 
_struct_site.pdbx_num_residues 
_struct_site.details 
AC1 Software A 6GO 91  ? 9 'BINDING SITE FOR RESIDUE 6GO A 91'  
AC2 Software A ACT 96  ? 6 'BINDING SITE FOR RESIDUE ACT A 96'  
AC3 Software A NCO 101 ? 7 'BINDING SITE FOR RESIDUE NCO A 101' 
AC4 Software A NCO 102 ? 6 'BINDING SITE FOR RESIDUE NCO A 102' 
AC5 Software A NCO 103 ? 7 'BINDING SITE FOR RESIDUE NCO A 103' 
AC6 Software A NCO 104 ? 8 'BINDING SITE FOR RESIDUE NCO A 104' 
AC7 Software A NCO 105 ? 4 'BINDING SITE FOR RESIDUE NCO A 105' 
AC8 Software A NCO 108 ? 4 'BINDING SITE FOR RESIDUE NCO A 108' 
AC9 Software A NCO 109 ? 3 'BINDING SITE FOR RESIDUE NCO A 109' 
BC1 Software A NCO 112 ? 8 'BINDING SITE FOR RESIDUE NCO A 112' 
# 
loop_
_struct_site_gen.id 
_struct_site_gen.site_id 
_struct_site_gen.pdbx_num_res 
_struct_site_gen.label_comp_id 
_struct_site_gen.label_asym_id 
_struct_site_gen.label_seq_id 
_struct_site_gen.pdbx_auth_ins_code 
_struct_site_gen.auth_comp_id 
_struct_site_gen.auth_asym_id 
_struct_site_gen.auth_seq_id 
_struct_site_gen.label_atom_id 
_struct_site_gen.label_alt_id 
_struct_site_gen.symmetry 
_struct_site_gen.details 
1  AC1 9 A   A 7  ? A   A 21  . ? 1_555 ? 
2  AC1 9 U   A 8  ? U   A 22  . ? 1_555 ? 
3  AC1 9 U   A 33 ? U   A 47  . ? 1_555 ? 
4  AC1 9 U   A 37 ? U   A 51  . ? 1_555 ? 
5  AC1 9 A   A 38 ? A   A 52  . ? 1_555 ? 
6  AC1 9 A   A 59 ? A   A 73  . ? 1_555 ? 
7  AC1 9 U   A 60 ? U   A 74  . ? 1_555 ? 
8  AC1 9 U   A 61 ? U   A 75  . ? 1_555 ? 
9  AC1 9 HOH L .  ? HOH A 310 . ? 1_555 ? 
10 AC2 6 G   A 18 ? G   A 32  . ? 1_555 ? 
11 AC2 6 A   A 19 ? A   A 33  . ? 1_555 ? 
12 AC2 6 G   A 24 ? G   A 38  . ? 1_555 ? 
13 AC2 6 C   A 25 ? C   A 39  . ? 1_555 ? 
14 AC2 6 U   A 53 ? U   A 67  . ? 1_555 ? 
15 AC2 6 HOH L .  ? HOH A 328 . ? 1_555 ? 
16 AC3 7 G   A 13 ? G   A 27  . ? 1_555 ? 
17 AC3 7 C   A 14 ? C   A 28  . ? 1_555 ? 
18 AC3 7 G   A 15 ? G   A 29  . ? 4_555 ? 
19 AC3 7 U   A 16 ? U   A 30  . ? 4_555 ? 
20 AC3 7 A   A 52 ? A   A 66  . ? 1_555 ? 
21 AC3 7 U   A 53 ? U   A 67  . ? 1_555 ? 
22 AC3 7 HOH L .  ? HOH A 410 . ? 1_555 ? 
23 AC4 6 G   A 24 ? G   A 38  . ? 1_555 ? 
24 AC4 6 C   A 25 ? C   A 39  . ? 1_555 ? 
25 AC4 6 G   A 42 ? G   A 56  . ? 1_555 ? 
26 AC4 6 G   A 43 ? G   A 57  . ? 4_546 ? 
27 AC4 6 C   A 44 ? C   A 58  . ? 4_546 ? 
28 AC4 6 HOH L .  ? HOH A 333 . ? 1_555 ? 
29 AC5 7 C   A 25 ? C   A 39  . ? 1_555 ? 
30 AC5 7 G   A 41 ? G   A 55  . ? 1_555 ? 
31 AC5 7 G   A 42 ? G   A 56  . ? 1_555 ? 
32 AC5 7 G   A 43 ? G   A 57  . ? 1_555 ? 
33 AC5 7 G   A 54 ? G   A 68  . ? 1_555 ? 
34 AC5 7 U   A 55 ? U   A 69  . ? 1_555 ? 
35 AC5 7 HOH L .  ? HOH A 339 . ? 1_555 ? 
36 AC6 8 U   A 16 ? U   A 30  . ? 1_555 ? 
37 AC6 8 G   A 17 ? G   A 31  . ? 1_555 ? 
38 AC6 8 G   A 18 ? G   A 32  . ? 1_555 ? 
39 AC6 8 A   A 51 ? A   A 65  . ? 1_555 ? 
40 AC6 8 A   A 52 ? A   A 66  . ? 1_555 ? 
41 AC6 8 HOH L .  ? HOH A 305 . ? 1_555 ? 
42 AC6 8 HOH L .  ? HOH A 312 . ? 1_555 ? 
43 AC6 8 HOH L .  ? HOH A 328 . ? 1_555 ? 
44 AC7 4 G   A 23 ? G   A 37  . ? 1_555 ? 
45 AC7 4 G   A 24 ? G   A 38  . ? 1_555 ? 
46 AC7 4 HOH L .  ? HOH A 365 . ? 1_555 ? 
47 AC7 4 HOH L .  ? HOH A 396 . ? 1_555 ? 
48 AC8 4 G   A 32 ? G   A 46  . ? 1_555 ? 
49 AC8 4 U   A 33 ? U   A 47  . ? 1_555 ? 
50 AC8 4 C   A 36 ? C   A 50  . ? 1_555 ? 
51 AC8 4 HOH L .  ? HOH A 382 . ? 1_555 ? 
52 AC9 3 A   A 10 ? A   A 24  . ? 1_555 ? 
53 AC9 3 C   A 57 ? C   A 71  . ? 1_555 ? 
54 AC9 3 HOH L .  ? HOH A 307 . ? 1_555 ? 
55 BC1 8 U   A 22 ? U   A 36  . ? 4_556 ? 
56 BC1 8 G   A 28 ? G   A 42  . ? 1_565 ? 
57 BC1 8 C   A 29 ? C   A 43  . ? 1_565 ? 
58 BC1 8 G   A 58 ? G   A 72  . ? 1_555 ? 
59 BC1 8 A   A 59 ? A   A 73  . ? 1_555 ? 
60 BC1 8 HOH L .  ? HOH A 353 . ? 1_555 ? 
61 BC1 8 HOH L .  ? HOH A 356 . ? 1_565 ? 
62 BC1 8 HOH L .  ? HOH A 413 . ? 1_555 ? 
# 
_atom_sites.entry_id                    3GES 
_atom_sites.fract_transf_matrix[1][1]   0.00313900 
_atom_sites.fract_transf_matrix[1][2]   -0.00159443 
_atom_sites.fract_transf_matrix[1][3]   0.00677724 
_atom_sites.fract_transf_matrix[2][1]   -0.01038442 
_atom_sites.fract_transf_matrix[2][2]   -0.02654390 
_atom_sites.fract_transf_matrix[2][3]   -0.00143507 
_atom_sites.fract_transf_matrix[3][1]   0.01974566 
_atom_sites.fract_transf_matrix[3][2]   -0.00712987 
_atom_sites.fract_transf_matrix[3][3]   -0.01100483 
_atom_sites.fract_transf_vector[1]      0.322691 
_atom_sites.fract_transf_vector[2]      -0.449851 
_atom_sites.fract_transf_vector[3]      0.229274 
# 
loop_
_atom_type.symbol 
C  
CO 
N  
O  
P  
# 
loop_
_atom_site.group_PDB 
_atom_site.id 
_atom_site.type_symbol 
_atom_site.label_atom_id 
_atom_site.label_alt_id 
_atom_site.label_comp_id 
_atom_site.label_asym_id 
_atom_site.label_entity_id 
_atom_site.label_seq_id 
_atom_site.pdbx_PDB_ins_code 
_atom_site.Cartn_x 
_atom_site.Cartn_y 
_atom_site.Cartn_z 
_atom_site.occupancy 
_atom_site.B_iso_or_equiv 
_atom_site.pdbx_formal_charge 
_atom_site.auth_seq_id 
_atom_site.auth_comp_id 
_atom_site.auth_asym_id 
_atom_site.auth_atom_id 
_atom_site.pdbx_PDB_model_num 
ATOM   1    O  "O5'" . G   A 1 1  ? 14.931  -16.050 11.079  1.00 98.55 ? 15  G   A "O5'" 1 
ATOM   2    C  "C5'" . G   A 1 1  ? 15.223  -16.410 9.724   1.00 98.26 ? 15  G   A "C5'" 1 
ATOM   3    C  "C4'" . G   A 1 1  ? 14.905  -17.855 9.402   1.00 98.10 ? 15  G   A "C4'" 1 
ATOM   4    O  "O4'" . G   A 1 1  ? 15.566  -18.721 10.366  1.00 97.73 ? 15  G   A "O4'" 1 
ATOM   5    C  "C3'" . G   A 1 1  ? 13.441  -18.268 9.475   1.00 98.00 ? 15  G   A "C3'" 1 
ATOM   6    O  "O3'" . G   A 1 1  ? 12.719  -17.957 8.290   1.00 97.56 ? 15  G   A "O3'" 1 
ATOM   7    C  "C2'" . G   A 1 1  ? 13.549  -19.771 9.707   1.00 97.85 ? 15  G   A "C2'" 1 
ATOM   8    O  "O2'" . G   A 1 1  ? 13.845  -20.508 8.538   1.00 98.30 ? 15  G   A "O2'" 1 
ATOM   9    C  "C1'" . G   A 1 1  ? 14.732  -19.830 10.669  1.00 96.98 ? 15  G   A "C1'" 1 
ATOM   10   N  N9    . G   A 1 1  ? 14.252  -19.675 12.036  1.00 95.73 ? 15  G   A N9    1 
ATOM   11   C  C8    . G   A 1 1  ? 14.483  -18.618 12.884  1.00 95.42 ? 15  G   A C8    1 
ATOM   12   N  N7    . G   A 1 1  ? 13.886  -18.748 14.037  1.00 95.15 ? 15  G   A N7    1 
ATOM   13   C  C5    . G   A 1 1  ? 13.230  -19.968 13.948  1.00 94.83 ? 15  G   A C5    1 
ATOM   14   C  C6    . G   A 1 1  ? 12.417  -20.644 14.895  1.00 94.51 ? 15  G   A C6    1 
ATOM   15   O  O6    . G   A 1 1  ? 12.101  -20.284 16.037  1.00 93.90 ? 15  G   A O6    1 
ATOM   16   N  N1    . G   A 1 1  ? 11.956  -21.860 14.396  1.00 94.25 ? 15  G   A N1    1 
ATOM   17   C  C2    . G   A 1 1  ? 12.239  -22.361 13.146  1.00 94.45 ? 15  G   A C2    1 
ATOM   18   N  N2    . G   A 1 1  ? 11.699  -23.557 12.852  1.00 94.20 ? 15  G   A N2    1 
ATOM   19   N  N3    . G   A 1 1  ? 12.993  -21.738 12.255  1.00 94.66 ? 15  G   A N3    1 
ATOM   20   C  C4    . G   A 1 1  ? 13.452  -20.556 12.721  1.00 95.03 ? 15  G   A C4    1 
ATOM   21   P  P     . G   A 1 2  ? 11.172  -17.532 8.396   1.00 96.67 ? 16  G   A P     1 
ATOM   22   O  OP1   . G   A 1 2  ? 10.690  -17.171 7.037   1.00 96.89 ? 16  G   A OP1   1 
ATOM   23   O  OP2   . G   A 1 2  ? 11.057  -16.549 9.503   1.00 96.90 ? 16  G   A OP2   1 
ATOM   24   O  "O5'" . G   A 1 2  ? 10.429  -18.861 8.865   1.00 94.92 ? 16  G   A "O5'" 1 
ATOM   25   C  "C5'" . G   A 1 2  ? 10.422  -20.023 8.043   1.00 92.24 ? 16  G   A "C5'" 1 
ATOM   26   C  "C4'" . G   A 1 2  ? 9.685   -21.146 8.735   1.00 90.01 ? 16  G   A "C4'" 1 
ATOM   27   O  "O4'" . G   A 1 2  ? 10.379  -21.486 9.965   1.00 89.49 ? 16  G   A "O4'" 1 
ATOM   28   C  "C3'" . G   A 1 2  ? 8.273   -20.815 9.187   1.00 88.33 ? 16  G   A "C3'" 1 
ATOM   29   O  "O3'" . G   A 1 2  ? 7.339   -20.996 8.132   1.00 86.84 ? 16  G   A "O3'" 1 
ATOM   30   C  "C2'" . G   A 1 2  ? 8.054   -21.817 10.312  1.00 88.18 ? 16  G   A "C2'" 1 
ATOM   31   O  "O2'" . G   A 1 2  ? 7.716   -23.109 9.854   1.00 87.73 ? 16  G   A "O2'" 1 
ATOM   32   C  "C1'" . G   A 1 2  ? 9.436   -21.845 10.962  1.00 88.30 ? 16  G   A "C1'" 1 
ATOM   33   N  N9    . G   A 1 2  ? 9.539   -20.892 12.059  1.00 87.93 ? 16  G   A N9    1 
ATOM   34   C  C8    . G   A 1 2  ? 10.165  -19.667 12.051  1.00 87.68 ? 16  G   A C8    1 
ATOM   35   N  N7    . G   A 1 2  ? 10.084  -19.045 13.195  1.00 87.62 ? 16  G   A N7    1 
ATOM   36   C  C5    . G   A 1 2  ? 9.361   -19.911 14.005  1.00 87.48 ? 16  G   A C5    1 
ATOM   37   C  C6    . G   A 1 2  ? 8.957   -19.786 15.362  1.00 87.70 ? 16  G   A C6    1 
ATOM   38   O  O6    . G   A 1 2  ? 9.172   -18.850 16.150  1.00 87.65 ? 16  G   A O6    1 
ATOM   39   N  N1    . G   A 1 2  ? 8.237   -20.902 15.784  1.00 87.57 ? 16  G   A N1    1 
ATOM   40   C  C2    . G   A 1 2  ? 7.946   -21.997 15.004  1.00 87.18 ? 16  G   A C2    1 
ATOM   41   N  N2    . G   A 1 2  ? 7.242   -22.976 15.588  1.00 86.73 ? 16  G   A N2    1 
ATOM   42   N  N3    . G   A 1 2  ? 8.319   -22.125 13.744  1.00 87.10 ? 16  G   A N3    1 
ATOM   43   C  C4    . G   A 1 2  ? 9.017   -21.054 13.313  1.00 87.42 ? 16  G   A C4    1 
ATOM   44   P  P     . A   A 1 3  ? 5.983   -20.134 8.123   1.00 85.98 ? 17  A   A P     1 
ATOM   45   O  OP1   . A   A 1 3  ? 5.219   -20.474 6.892   1.00 85.84 ? 17  A   A OP1   1 
ATOM   46   O  OP2   . A   A 1 3  ? 6.353   -18.719 8.392   1.00 85.40 ? 17  A   A OP2   1 
ATOM   47   O  "O5'" . A   A 1 3  ? 5.179   -20.670 9.390   1.00 83.87 ? 17  A   A "O5'" 1 
ATOM   48   C  "C5'" . A   A 1 3  ? 4.923   -22.062 9.558   1.00 79.92 ? 17  A   A "C5'" 1 
ATOM   49   C  "C4'" . A   A 1 3  ? 3.923   -22.282 10.669  1.00 77.03 ? 17  A   A "C4'" 1 
ATOM   50   O  "O4'" . A   A 1 3  ? 4.631   -22.434 11.931  1.00 75.58 ? 17  A   A "O4'" 1 
ATOM   51   C  "C3'" . A   A 1 3  ? 2.958   -21.137 10.927  1.00 75.19 ? 17  A   A "C3'" 1 
ATOM   52   O  "O3'" . A   A 1 3  ? 1.853   -21.156 10.037  1.00 73.95 ? 17  A   A "O3'" 1 
ATOM   53   C  "C2'" . A   A 1 3  ? 2.551   -21.391 12.373  1.00 74.38 ? 17  A   A "C2'" 1 
ATOM   54   O  "O2'" . A   A 1 3  ? 1.603   -22.431 12.504  1.00 73.84 ? 17  A   A "O2'" 1 
ATOM   55   C  "C1'" . A   A 1 3  ? 3.881   -21.839 12.976  1.00 73.43 ? 17  A   A "C1'" 1 
ATOM   56   N  N9    . A   A 1 3  ? 4.632   -20.695 13.487  1.00 71.50 ? 17  A   A N9    1 
ATOM   57   C  C8    . A   A 1 3  ? 5.357   -19.773 12.773  1.00 70.94 ? 17  A   A C8    1 
ATOM   58   N  N7    . A   A 1 3  ? 5.900   -18.839 13.514  1.00 70.38 ? 17  A   A N7    1 
ATOM   59   C  C5    . A   A 1 3  ? 5.514   -19.174 14.804  1.00 69.71 ? 17  A   A C5    1 
ATOM   60   C  C6    . A   A 1 3  ? 5.761   -18.576 16.046  1.00 69.02 ? 17  A   A C6    1 
ATOM   61   N  N6    . A   A 1 3  ? 6.492   -17.471 16.202  1.00 68.69 ? 17  A   A N6    1 
ATOM   62   N  N1    . A   A 1 3  ? 5.224   -19.159 17.138  1.00 68.95 ? 17  A   A N1    1 
ATOM   63   C  C2    . A   A 1 3  ? 4.490   -20.266 16.980  1.00 68.60 ? 17  A   A C2    1 
ATOM   64   N  N3    . A   A 1 3  ? 4.188   -20.922 15.867  1.00 69.08 ? 17  A   A N3    1 
ATOM   65   C  C4    . A   A 1 3  ? 4.736   -20.316 14.801  1.00 70.28 ? 17  A   A C4    1 
ATOM   66   P  P     . C   A 1 4  ? 0.836   -19.915 10.018  1.00 72.49 ? 18  C   A P     1 
ATOM   67   O  OP1   . C   A 1 4  ? -0.039  -20.022 8.822   1.00 72.39 ? 18  C   A OP1   1 
ATOM   68   O  OP2   . C   A 1 4  ? 1.623   -18.672 10.249  1.00 71.33 ? 18  C   A OP2   1 
ATOM   69   O  "O5'" . C   A 1 4  ? -0.057  -20.159 11.307  1.00 70.09 ? 18  C   A "O5'" 1 
ATOM   70   C  "C5'" . C   A 1 4  ? -0.686  -19.073 11.947  1.00 66.81 ? 18  C   A "C5'" 1 
ATOM   71   C  "C4'" . C   A 1 4  ? -0.721  -19.294 13.432  1.00 64.83 ? 18  C   A "C4'" 1 
ATOM   72   O  "O4'" . C   A 1 4  ? 0.618   -19.539 13.930  1.00 64.21 ? 18  C   A "O4'" 1 
ATOM   73   C  "C3'" . C   A 1 4  ? -1.170  -18.069 14.193  1.00 63.54 ? 18  C   A "C3'" 1 
ATOM   74   O  "O3'" . C   A 1 4  ? -2.577  -18.008 14.164  1.00 61.37 ? 18  C   A "O3'" 1 
ATOM   75   C  "C2'" . C   A 1 4  ? -0.579  -18.308 15.572  1.00 63.21 ? 18  C   A "C2'" 1 
ATOM   76   O  "O2'" . C   A 1 4  ? -1.342  -19.204 16.348  1.00 62.87 ? 18  C   A "O2'" 1 
ATOM   77   C  "C1'" . C   A 1 4  ? 0.765   -18.941 15.210  1.00 63.36 ? 18  C   A "C1'" 1 
ATOM   78   N  N1    . C   A 1 4  ? 1.840   -17.943 15.124  1.00 63.13 ? 18  C   A N1    1 
ATOM   79   C  C2    . C   A 1 4  ? 2.201   -17.244 16.280  1.00 63.39 ? 18  C   A C2    1 
ATOM   80   O  O2    . C   A 1 4  ? 1.602   -17.489 17.342  1.00 63.31 ? 18  C   A O2    1 
ATOM   81   N  N3    . C   A 1 4  ? 3.189   -16.319 16.211  1.00 63.07 ? 18  C   A N3    1 
ATOM   82   C  C4    . C   A 1 4  ? 3.803   -16.085 15.048  1.00 62.66 ? 18  C   A C4    1 
ATOM   83   N  N4    . C   A 1 4  ? 4.767   -15.164 15.026  1.00 62.58 ? 18  C   A N4    1 
ATOM   84   C  C5    . C   A 1 4  ? 3.455   -16.784 13.857  1.00 62.64 ? 18  C   A C5    1 
ATOM   85   C  C6    . C   A 1 4  ? 2.478   -17.696 13.940  1.00 62.87 ? 18  C   A C6    1 
ATOM   86   P  P     . A   A 1 5  ? -3.285  -16.641 13.747  1.00 59.28 ? 19  A   A P     1 
ATOM   87   O  OP1   . A   A 1 5  ? -4.685  -16.951 13.369  1.00 59.72 ? 19  A   A OP1   1 
ATOM   88   O  OP2   . A   A 1 5  ? -2.405  -15.929 12.787  1.00 58.40 ? 19  A   A OP2   1 
ATOM   89   O  "O5'" . A   A 1 5  ? -3.289  -15.845 15.121  1.00 57.56 ? 19  A   A "O5'" 1 
ATOM   90   C  "C5'" . A   A 1 5  ? -3.641  -16.513 16.326  1.00 54.82 ? 19  A   A "C5'" 1 
ATOM   91   C  "C4'" . A   A 1 5  ? -3.355  -15.630 17.509  1.00 52.69 ? 19  A   A "C4'" 1 
ATOM   92   O  "O4'" . A   A 1 5  ? -1.966  -15.806 17.888  1.00 51.63 ? 19  A   A "O4'" 1 
ATOM   93   C  "C3'" . A   A 1 5  ? -3.467  -14.141 17.230  1.00 51.53 ? 19  A   A "C3'" 1 
ATOM   94   O  "O3'" . A   A 1 5  ? -4.805  -13.680 17.326  1.00 50.16 ? 19  A   A "O3'" 1 
ATOM   95   C  "C2'" . A   A 1 5  ? -2.581  -13.554 18.312  1.00 51.01 ? 19  A   A "C2'" 1 
ATOM   96   O  "O2'" . A   A 1 5  ? -3.239  -13.537 19.559  1.00 51.57 ? 19  A   A "O2'" 1 
ATOM   97   C  "C1'" . A   A 1 5  ? -1.442  -14.573 18.341  1.00 50.96 ? 19  A   A "C1'" 1 
ATOM   98   N  N9    . A   A 1 5  ? -0.333  -14.202 17.468  1.00 50.57 ? 19  A   A N9    1 
ATOM   99   C  C8    . A   A 1 5  ? -0.078  -14.607 16.184  1.00 50.30 ? 19  A   A C8    1 
ATOM   100  N  N7    . A   A 1 5  ? 1.015   -14.090 15.676  1.00 51.55 ? 19  A   A N7    1 
ATOM   101  C  C5    . A   A 1 5  ? 1.513   -13.290 16.698  1.00 51.48 ? 19  A   A C5    1 
ATOM   102  C  C6    . A   A 1 5  ? 2.658   -12.473 16.800  1.00 51.62 ? 19  A   A C6    1 
ATOM   103  N  N6    . A   A 1 5  ? 3.555   -12.316 15.823  1.00 51.35 ? 19  A   A N6    1 
ATOM   104  N  N1    . A   A 1 5  ? 2.853   -11.812 17.962  1.00 51.69 ? 19  A   A N1    1 
ATOM   105  C  C2    . A   A 1 5  ? 1.964   -11.968 18.948  1.00 51.20 ? 19  A   A C2    1 
ATOM   106  N  N3    . A   A 1 5  ? 0.858   -12.705 18.974  1.00 51.33 ? 19  A   A N3    1 
ATOM   107  C  C4    . A   A 1 5  ? 0.688   -13.348 17.804  1.00 51.06 ? 19  A   A C4    1 
ATOM   108  P  P     . U   A 1 6  ? -5.280  -12.451 16.410  1.00 48.15 ? 20  U   A P     1 
ATOM   109  O  OP1   . U   A 1 6  ? -6.759  -12.396 16.419  1.00 47.57 ? 20  U   A OP1   1 
ATOM   110  O  OP2   . U   A 1 6  ? -4.559  -12.561 15.117  1.00 49.37 ? 20  U   A OP2   1 
ATOM   111  O  "O5'" . U   A 1 6  ? -4.707  -11.183 17.180  1.00 47.07 ? 20  U   A "O5'" 1 
ATOM   112  C  "C5'" . U   A 1 6  ? -4.748  -11.129 18.598  1.00 44.04 ? 20  U   A "C5'" 1 
ATOM   113  C  "C4'" . U   A 1 6  ? -3.972  -9.939  19.110  1.00 43.56 ? 20  U   A "C4'" 1 
ATOM   114  O  "O4'" . U   A 1 6  ? -2.569  -10.300 19.212  1.00 42.50 ? 20  U   A "O4'" 1 
ATOM   115  C  "C3'" . U   A 1 6  ? -3.971  -8.703  18.219  1.00 41.86 ? 20  U   A "C3'" 1 
ATOM   116  O  "O3'" . U   A 1 6  ? -5.130  -7.909  18.418  1.00 40.98 ? 20  U   A "O3'" 1 
ATOM   117  C  "C2'" . U   A 1 6  ? -2.707  -7.991  18.679  1.00 41.38 ? 20  U   A "C2'" 1 
ATOM   118  O  "O2'" . U   A 1 6  ? -2.889  -7.295  19.895  1.00 40.74 ? 20  U   A "O2'" 1 
ATOM   119  C  "C1'" . U   A 1 6  ? -1.766  -9.172  18.905  1.00 41.50 ? 20  U   A "C1'" 1 
ATOM   120  N  N1    . U   A 1 6  ? -0.966  -9.471  17.711  1.00 41.36 ? 20  U   A N1    1 
ATOM   121  C  C2    . U   A 1 6  ? 0.190   -8.746  17.538  1.00 41.65 ? 20  U   A C2    1 
ATOM   122  O  O2    . U   A 1 6  ? 0.555   -7.893  18.331  1.00 41.78 ? 20  U   A O2    1 
ATOM   123  N  N3    . U   A 1 6  ? 0.900   -9.048  16.404  1.00 40.93 ? 20  U   A N3    1 
ATOM   124  C  C4    . U   A 1 6  ? 0.577   -9.982  15.446  1.00 40.77 ? 20  U   A C4    1 
ATOM   125  O  O4    . U   A 1 6  ? 1.328   -10.141 14.481  1.00 40.20 ? 20  U   A O4    1 
ATOM   126  C  C5    . U   A 1 6  ? -0.637  -10.695 15.697  1.00 40.17 ? 20  U   A C5    1 
ATOM   127  C  C6    . U   A 1 6  ? -1.349  -10.422 16.796  1.00 40.55 ? 20  U   A C6    1 
ATOM   128  P  P     . A   A 1 7  ? -5.722  -7.042  17.202  1.00 41.64 ? 21  A   A P     1 
ATOM   129  O  OP1   . A   A 1 7  ? -6.868  -6.278  17.756  1.00 39.43 ? 21  A   A OP1   1 
ATOM   130  O  OP2   . A   A 1 7  ? -5.930  -7.936  16.033  1.00 39.82 ? 21  A   A OP2   1 
ATOM   131  O  "O5'" . A   A 1 7  ? -4.551  -6.013  16.857  1.00 40.45 ? 21  A   A "O5'" 1 
ATOM   132  C  "C5'" . A   A 1 7  ? -4.116  -5.073  17.836  1.00 38.84 ? 21  A   A "C5'" 1 
ATOM   133  C  "C4'" . A   A 1 7  ? -3.055  -4.150  17.282  1.00 37.72 ? 21  A   A "C4'" 1 
ATOM   134  O  "O4'" . A   A 1 7  ? -1.795  -4.865  17.188  1.00 37.30 ? 21  A   A "O4'" 1 
ATOM   135  C  "C3'" . A   A 1 7  ? -3.304  -3.679  15.856  1.00 38.51 ? 21  A   A "C3'" 1 
ATOM   136  O  "O3'" . A   A 1 7  ? -4.168  -2.540  15.849  1.00 38.40 ? 21  A   A "O3'" 1 
ATOM   137  C  "C2'" . A   A 1 7  ? -1.898  -3.319  15.379  1.00 38.09 ? 21  A   A "C2'" 1 
ATOM   138  O  "O2'" . A   A 1 7  ? -1.458  -2.032  15.756  1.00 39.73 ? 21  A   A "O2'" 1 
ATOM   139  C  "C1'" . A   A 1 7  ? -1.047  -4.360  16.101  1.00 36.88 ? 21  A   A "C1'" 1 
ATOM   140  N  N9    . A   A 1 7  ? -0.567  -5.457  15.266  1.00 36.55 ? 21  A   A N9    1 
ATOM   141  C  C8    . A   A 1 7  ? -1.237  -6.548  14.772  1.00 36.87 ? 21  A   A C8    1 
ATOM   142  N  N7    . A   A 1 7  ? -0.493  -7.329  14.022  1.00 35.82 ? 21  A   A N7    1 
ATOM   143  C  C5    . A   A 1 7  ? 0.752   -6.709  14.026  1.00 36.20 ? 21  A   A C5    1 
ATOM   144  C  C6    . A   A 1 7  ? 1.983   -7.033  13.415  1.00 36.45 ? 21  A   A C6    1 
ATOM   145  N  N6    . A   A 1 7  ? 2.173   -8.102  12.646  1.00 35.74 ? 21  A   A N6    1 
ATOM   146  N  N1    . A   A 1 7  ? 3.028   -6.202  13.626  1.00 35.66 ? 21  A   A N1    1 
ATOM   147  C  C2    . A   A 1 7  ? 2.841   -5.122  14.398  1.00 37.20 ? 21  A   A C2    1 
ATOM   148  N  N3    . A   A 1 7  ? 1.737   -4.713  15.025  1.00 36.62 ? 21  A   A N3    1 
ATOM   149  C  C4    . A   A 1 7  ? 0.720   -5.559  14.795  1.00 36.22 ? 21  A   A C4    1 
ATOM   150  P  P     . U   A 1 8  ? -5.484  -2.543  14.925  1.00 37.16 ? 22  U   A P     1 
ATOM   151  O  OP1   . U   A 1 8  ? -6.051  -1.176  14.912  1.00 38.90 ? 22  U   A OP1   1 
ATOM   152  O  OP2   . U   A 1 8  ? -6.332  -3.682  15.352  1.00 38.97 ? 22  U   A OP2   1 
ATOM   153  O  "O5'" . U   A 1 8  ? -4.912  -2.869  13.479  1.00 38.09 ? 22  U   A "O5'" 1 
ATOM   154  C  "C5'" . U   A 1 8  ? -5.772  -3.080  12.372  1.00 36.38 ? 22  U   A "C5'" 1 
ATOM   155  C  "C4'" . U   A 1 8  ? -4.982  -3.641  11.213  1.00 37.52 ? 22  U   A "C4'" 1 
ATOM   156  O  "O4'" . U   A 1 8  ? -4.174  -2.571  10.636  1.00 35.52 ? 22  U   A "O4'" 1 
ATOM   157  C  "C3'" . U   A 1 8  ? -3.976  -4.711  11.634  1.00 37.63 ? 22  U   A "C3'" 1 
ATOM   158  O  "O3'" . U   A 1 8  ? -3.716  -5.604  10.558  1.00 39.26 ? 22  U   A "O3'" 1 
ATOM   159  C  "C2'" . U   A 1 8  ? -2.734  -3.891  11.977  1.00 36.98 ? 22  U   A "C2'" 1 
ATOM   160  O  "O2'" . U   A 1 8  ? -1.525  -4.611  11.829  1.00 37.86 ? 22  U   A "O2'" 1 
ATOM   161  C  "C1'" . U   A 1 8  ? -2.809  -2.786  10.928  1.00 34.29 ? 22  U   A "C1'" 1 
ATOM   162  N  N1    . U   A 1 8  ? -2.201  -1.507  11.316  1.00 34.28 ? 22  U   A N1    1 
ATOM   163  C  C2    . U   A 1 8  ? -1.021  -1.152  10.688  1.00 34.12 ? 22  U   A C2    1 
ATOM   164  O  O2    . U   A 1 8  ? -0.479  -1.852  9.837   1.00 35.17 ? 22  U   A O2    1 
ATOM   165  N  N3    . U   A 1 8  ? -0.490  0.044   11.089  1.00 32.81 ? 22  U   A N3    1 
ATOM   166  C  C4    . U   A 1 8  ? -1.000  0.901   12.038  1.00 34.30 ? 22  U   A C4    1 
ATOM   167  O  O4    . U   A 1 8  ? -0.355  1.909   12.349  1.00 34.91 ? 22  U   A O4    1 
ATOM   168  C  C5    . U   A 1 8  ? -2.228  0.467   12.636  1.00 33.82 ? 22  U   A C5    1 
ATOM   169  C  C6    . U   A 1 8  ? -2.773  -0.694  12.262  1.00 33.11 ? 22  U   A C6    1 
ATOM   170  P  P     . A   A 1 9  ? -4.664  -6.886  10.334  1.00 41.43 ? 23  A   A P     1 
ATOM   171  O  OP1   . A   A 1 9  ? -5.650  -6.928  11.448  1.00 42.58 ? 23  A   A OP1   1 
ATOM   172  O  OP2   . A   A 1 9  ? -3.819  -8.075  10.048  1.00 39.52 ? 23  A   A OP2   1 
ATOM   173  O  "O5'" . A   A 1 9  ? -5.480  -6.542  9.017   1.00 39.27 ? 23  A   A "O5'" 1 
ATOM   174  C  "C5'" . A   A 1 9  ? -4.830  -6.039  7.866   1.00 38.03 ? 23  A   A "C5'" 1 
ATOM   175  C  "C4'" . A   A 1 9  ? -5.778  -5.160  7.113   1.00 38.08 ? 23  A   A "C4'" 1 
ATOM   176  O  "O4'" . A   A 1 9  ? -6.432  -4.283  8.056   1.00 36.61 ? 23  A   A "O4'" 1 
ATOM   177  C  "C3'" . A   A 1 9  ? -5.157  -4.197  6.119   1.00 37.73 ? 23  A   A "C3'" 1 
ATOM   178  O  "O3'" . A   A 1 9  ? -4.943  -4.871  4.881   1.00 37.40 ? 23  A   A "O3'" 1 
ATOM   179  C  "C2'" . A   A 1 9  ? -6.261  -3.152  5.972   1.00 36.85 ? 23  A   A "C2'" 1 
ATOM   180  O  "O2'" . A   A 1 9  ? -7.243  -3.547  5.040   1.00 35.45 ? 23  A   A "O2'" 1 
ATOM   181  C  "C1'" . A   A 1 9  ? -6.873  -3.127  7.379   1.00 36.04 ? 23  A   A "C1'" 1 
ATOM   182  N  N9    . A   A 1 9  ? -6.501  -1.956  8.173   1.00 34.57 ? 23  A   A N9    1 
ATOM   183  C  C8    . A   A 1 9  ? -7.299  -1.252  9.040   1.00 35.27 ? 23  A   A C8    1 
ATOM   184  N  N7    . A   A 1 9  ? -6.701  -0.221  9.592   1.00 34.01 ? 23  A   A N7    1 
ATOM   185  C  C5    . A   A 1 9  ? -5.423  -0.254  9.055   1.00 33.37 ? 23  A   A C5    1 
ATOM   186  C  C6    . A   A 1 9  ? -4.309  0.576   9.225   1.00 33.23 ? 23  A   A C6    1 
ATOM   187  N  N6    . A   A 1 9  ? -4.299  1.655   10.008  1.00 33.13 ? 23  A   A N6    1 
ATOM   188  N  N1    . A   A 1 9  ? -3.187  0.261   8.550   1.00 34.14 ? 23  A   A N1    1 
ATOM   189  C  C2    . A   A 1 9  ? -3.195  -0.812  7.754   1.00 33.46 ? 23  A   A C2    1 
ATOM   190  N  N3    . A   A 1 9  ? -4.178  -1.662  7.504   1.00 34.02 ? 23  A   A N3    1 
ATOM   191  C  C4    . A   A 1 9  ? -5.281  -1.323  8.190   1.00 33.72 ? 23  A   A C4    1 
ATOM   192  P  P     . A   A 1 10 ? -3.455  -5.305  4.449   1.00 37.92 ? 24  A   A P     1 
ATOM   193  O  OP1   . A   A 1 10 ? -3.584  -6.221  3.285   1.00 36.97 ? 24  A   A OP1   1 
ATOM   194  O  OP2   . A   A 1 10 ? -2.729  -5.761  5.659   1.00 37.92 ? 24  A   A OP2   1 
ATOM   195  O  "O5'" . A   A 1 10 ? -2.790  -3.942  3.956   1.00 37.04 ? 24  A   A "O5'" 1 
ATOM   196  C  "C5'" . A   A 1 10 ? -2.418  -2.927  4.884   1.00 35.61 ? 24  A   A "C5'" 1 
ATOM   197  C  "C4'" . A   A 1 10 ? -1.061  -2.373  4.532   1.00 35.31 ? 24  A   A "C4'" 1 
ATOM   198  O  "O4'" . A   A 1 10 ? -0.061  -3.362  4.877   1.00 34.86 ? 24  A   A "O4'" 1 
ATOM   199  C  "C3'" . A   A 1 10 ? -0.816  -2.109  3.052   1.00 35.03 ? 24  A   A "C3'" 1 
ATOM   200  O  "O3'" . A   A 1 10 ? -1.283  -0.818  2.681   1.00 36.31 ? 24  A   A "O3'" 1 
ATOM   201  C  "C2'" . A   A 1 10 ? 0.705   -2.178  2.959   1.00 34.81 ? 24  A   A "C2'" 1 
ATOM   202  O  "O2'" . A   A 1 10 ? 1.335   -0.980  3.356   1.00 35.60 ? 24  A   A "O2'" 1 
ATOM   203  C  "C1'" . A   A 1 10 ? 1.028   -3.273  3.975   1.00 33.12 ? 24  A   A "C1'" 1 
ATOM   204  N  N9    . A   A 1 10 ? 1.234   -4.590  3.386   1.00 32.60 ? 24  A   A N9    1 
ATOM   205  C  C8    . A   A 1 10 ? 0.368   -5.654  3.388   1.00 32.71 ? 24  A   A C8    1 
ATOM   206  N  N7    . A   A 1 10 ? 0.850   -6.729  2.818   1.00 31.27 ? 24  A   A N7    1 
ATOM   207  C  C5    . A   A 1 10 ? 2.112   -6.342  2.400   1.00 32.11 ? 24  A   A C5    1 
ATOM   208  C  C6    . A   A 1 10 ? 3.134   -7.035  1.734   1.00 32.77 ? 24  A   A C6    1 
ATOM   209  N  N6    . A   A 1 10 ? 3.035   -8.318  1.374   1.00 31.78 ? 24  A   A N6    1 
ATOM   210  N  N1    . A   A 1 10 ? 4.273   -6.359  1.457   1.00 31.61 ? 24  A   A N1    1 
ATOM   211  C  C2    . A   A 1 10 ? 4.367   -5.075  1.838   1.00 32.13 ? 24  A   A C2    1 
ATOM   212  N  N3    . A   A 1 10 ? 3.477   -4.318  2.477   1.00 32.80 ? 24  A   A N3    1 
ATOM   213  C  C4    . A   A 1 10 ? 2.357   -5.023  2.732   1.00 32.16 ? 24  A   A C4    1 
ATOM   214  P  P     . U   A 1 11 ? -2.330  -0.663  1.473   1.00 34.99 ? 25  U   A P     1 
ATOM   215  O  OP1   . U   A 1 11 ? -2.581  -2.021  0.921   1.00 36.76 ? 25  U   A OP1   1 
ATOM   216  O  OP2   . U   A 1 11 ? -1.842  0.411   0.579   1.00 36.22 ? 25  U   A OP2   1 
ATOM   217  O  "O5'" . U   A 1 11 ? -3.648  -0.139  2.188   1.00 35.13 ? 25  U   A "O5'" 1 
ATOM   218  C  "C5'" . U   A 1 11 ? -4.632  -1.051  2.662   1.00 37.31 ? 25  U   A "C5'" 1 
ATOM   219  C  "C4'" . U   A 1 11 ? -5.507  -0.377  3.686   1.00 36.96 ? 25  U   A "C4'" 1 
ATOM   220  O  "O4'" . U   A 1 11 ? -4.777  -0.262  4.935   1.00 36.86 ? 25  U   A "O4'" 1 
ATOM   221  C  "C3'" . U   A 1 11 ? -5.907  1.044   3.343   1.00 37.53 ? 25  U   A "C3'" 1 
ATOM   222  O  "O3'" . U   A 1 11 ? -7.081  1.012   2.541   1.00 39.37 ? 25  U   A "O3'" 1 
ATOM   223  C  "C2'" . U   A 1 11 ? -6.171  1.636   4.721   1.00 36.09 ? 25  U   A "C2'" 1 
ATOM   224  O  "O2'" . U   A 1 11 ? -7.420  1.243   5.243   1.00 37.40 ? 25  U   A "O2'" 1 
ATOM   225  C  "C1'" . U   A 1 11 ? -5.061  0.984   5.543   1.00 35.55 ? 25  U   A "C1'" 1 
ATOM   226  N  N1    . U   A 1 11 ? -3.816  1.764   5.590   1.00 34.00 ? 25  U   A N1    1 
ATOM   227  C  C2    . U   A 1 11 ? -3.827  2.951   6.296   1.00 33.82 ? 25  U   A C2    1 
ATOM   228  O  O2    . U   A 1 11 ? -4.816  3.356   6.899   1.00 33.38 ? 25  U   A O2    1 
ATOM   229  N  N3    . U   A 1 11 ? -2.641  3.645   6.275   1.00 31.60 ? 25  U   A N3    1 
ATOM   230  C  C4    . U   A 1 11 ? -1.469  3.275   5.640   1.00 30.85 ? 25  U   A C4    1 
ATOM   231  O  O4    . U   A 1 11 ? -0.493  4.016   5.702   1.00 28.93 ? 25  U   A O4    1 
ATOM   232  C  C5    . U   A 1 11 ? -1.533  2.030   4.947   1.00 32.57 ? 25  U   A C5    1 
ATOM   233  C  C6    . U   A 1 11 ? -2.675  1.332   4.945   1.00 34.40 ? 25  U   A C6    1 
ATOM   234  P  P     . C   A 1 12 ? -7.210  1.984   1.263   1.00 41.76 ? 26  C   A P     1 
ATOM   235  O  OP1   . C   A 1 12 ? -8.523  1.699   0.629   1.00 40.79 ? 26  C   A OP1   1 
ATOM   236  O  OP2   . C   A 1 12 ? -5.969  1.876   0.450   1.00 40.22 ? 26  C   A OP2   1 
ATOM   237  O  "O5'" . C   A 1 12 ? -7.297  3.425   1.922   1.00 39.54 ? 26  C   A "O5'" 1 
ATOM   238  C  "C5'" . C   A 1 12 ? -8.320  3.707   2.865   1.00 44.54 ? 26  C   A "C5'" 1 
ATOM   239  C  "C4'" . C   A 1 12 ? -8.017  4.985   3.594   1.00 48.44 ? 26  C   A "C4'" 1 
ATOM   240  O  "O4'" . C   A 1 12 ? -6.942  4.768   4.553   1.00 49.85 ? 26  C   A "O4'" 1 
ATOM   241  C  "C3'" . C   A 1 12 ? -7.483  6.118   2.736   1.00 50.50 ? 26  C   A "C3'" 1 
ATOM   242  O  "O3'" . C   A 1 12 ? -8.523  6.779   2.019   1.00 54.01 ? 26  C   A "O3'" 1 
ATOM   243  C  "C2'" . C   A 1 12 ? -6.867  7.002   3.808   1.00 50.04 ? 26  C   A "C2'" 1 
ATOM   244  O  "O2'" . C   A 1 12 ? -7.855  7.627   4.594   1.00 49.54 ? 26  C   A "O2'" 1 
ATOM   245  C  "C1'" . C   A 1 12 ? -6.151  5.949   4.655   1.00 49.81 ? 26  C   A "C1'" 1 
ATOM   246  N  N1    . C   A 1 12 ? -4.807  5.663   4.125   1.00 49.24 ? 26  C   A N1    1 
ATOM   247  C  C2    . C   A 1 12 ? -3.736  6.473   4.527   1.00 48.77 ? 26  C   A C2    1 
ATOM   248  O  O2    . C   A 1 12 ? -3.943  7.386   5.356   1.00 45.00 ? 26  C   A O2    1 
ATOM   249  N  N3    . C   A 1 12 ? -2.504  6.242   4.002   1.00 48.84 ? 26  C   A N3    1 
ATOM   250  C  C4    . C   A 1 12 ? -2.326  5.251   3.118   1.00 49.73 ? 26  C   A C4    1 
ATOM   251  N  N4    . C   A 1 12 ? -1.105  5.072   2.608   1.00 49.02 ? 26  C   A N4    1 
ATOM   252  C  C5    . C   A 1 12 ? -3.394  4.403   2.714   1.00 49.17 ? 26  C   A C5    1 
ATOM   253  C  C6    . C   A 1 12 ? -4.604  4.639   3.239   1.00 50.15 ? 26  C   A C6    1 
ATOM   254  P  P     . G   A 1 13 ? -8.164  7.638   0.699   1.00 56.44 ? 27  G   A P     1 
ATOM   255  O  OP1   . G   A 1 13 ? -9.144  7.316   -0.378  1.00 55.64 ? 27  G   A OP1   1 
ATOM   256  O  OP2   . G   A 1 13 ? -6.711  7.464   0.436   1.00 55.43 ? 27  G   A OP2   1 
ATOM   257  O  "O5'" . G   A 1 13 ? -8.397  9.141   1.176   1.00 55.24 ? 27  G   A "O5'" 1 
ATOM   258  C  "C5'" . G   A 1 13 ? -9.291  9.430   2.250   1.00 55.05 ? 27  G   A "C5'" 1 
ATOM   259  C  "C4'" . G   A 1 13 ? -9.203  10.889  2.638   1.00 53.90 ? 27  G   A "C4'" 1 
ATOM   260  O  "O4'" . G   A 1 13 ? -8.524  11.001  3.932   1.00 54.99 ? 27  G   A "O4'" 1 
ATOM   261  C  "C3'" . G   A 1 13 ? -8.416  11.800  1.701   1.00 52.61 ? 27  G   A "C3'" 1 
ATOM   262  O  "O3'" . G   A 1 13 ? -9.225  12.362  0.659   1.00 50.17 ? 27  G   A "O3'" 1 
ATOM   263  C  "C2'" . G   A 1 13 ? -7.963  12.882  2.667   1.00 53.36 ? 27  G   A "C2'" 1 
ATOM   264  O  "O2'" . G   A 1 13 ? -9.056  13.719  2.994   1.00 50.95 ? 27  G   A "O2'" 1 
ATOM   265  C  "C1'" . G   A 1 13 ? -7.546  12.034  3.872   1.00 53.61 ? 27  G   A "C1'" 1 
ATOM   266  N  N9    . G   A 1 13 ? -6.228  11.408  3.715   1.00 54.53 ? 27  G   A N9    1 
ATOM   267  C  C8    . G   A 1 13 ? -5.982  10.139  3.245   1.00 53.32 ? 27  G   A C8    1 
ATOM   268  N  N7    . G   A 1 13 ? -4.710  9.855   3.161   1.00 53.04 ? 27  G   A N7    1 
ATOM   269  C  C5    . G   A 1 13 ? -4.065  11.001  3.609   1.00 52.85 ? 27  G   A C5    1 
ATOM   270  C  C6    . G   A 1 13 ? -2.668  11.289  3.727   1.00 52.64 ? 27  G   A C6    1 
ATOM   271  O  O6    . G   A 1 13 ? -1.700  10.567  3.442   1.00 52.20 ? 27  G   A O6    1 
ATOM   272  N  N1    . G   A 1 13 ? -2.450  12.568  4.226   1.00 50.85 ? 27  G   A N1    1 
ATOM   273  C  C2    . G   A 1 13 ? -3.435  13.460  4.567   1.00 51.10 ? 27  G   A C2    1 
ATOM   274  N  N2    . G   A 1 13 ? -3.004  14.643  5.026   1.00 49.03 ? 27  G   A N2    1 
ATOM   275  N  N3    . G   A 1 13 ? -4.741  13.211  4.462   1.00 51.98 ? 27  G   A N3    1 
ATOM   276  C  C4    . G   A 1 13 ? -4.981  11.970  3.975   1.00 53.54 ? 27  G   A C4    1 
ATOM   277  P  P     . C   A 1 14 ? -8.554  12.725  -0.770  1.00 50.29 ? 28  C   A P     1 
ATOM   278  O  OP1   . C   A 1 14 ? -9.575  13.273  -1.706  1.00 48.51 ? 28  C   A OP1   1 
ATOM   279  O  OP2   . C   A 1 14 ? -7.764  11.527  -1.185  1.00 52.11 ? 28  C   A OP2   1 
ATOM   280  O  "O5'" . C   A 1 14 ? -7.516  13.890  -0.416  1.00 45.72 ? 28  C   A "O5'" 1 
ATOM   281  C  "C5'" . C   A 1 14 ? -7.928  15.012  0.365   1.00 38.42 ? 28  C   A "C5'" 1 
ATOM   282  C  "C4'" . C   A 1 14 ? -6.741  15.868  0.769   1.00 31.18 ? 28  C   A "C4'" 1 
ATOM   283  O  "O4'" . C   A 1 14 ? -5.915  15.172  1.733   1.00 30.16 ? 28  C   A "O4'" 1 
ATOM   284  C  "C3'" . C   A 1 14 ? -5.749  16.295  -0.304  1.00 27.24 ? 28  C   A "C3'" 1 
ATOM   285  O  "O3'" . C   A 1 14 ? -6.269  17.377  -1.054  1.00 25.58 ? 28  C   A "O3'" 1 
ATOM   286  C  "C2'" . C   A 1 14 ? -4.582  16.745  0.563   1.00 27.63 ? 28  C   A "C2'" 1 
ATOM   287  O  "O2'" . C   A 1 14 ? -4.835  17.983  1.195   1.00 22.84 ? 28  C   A "O2'" 1 
ATOM   288  C  "C1'" . C   A 1 14 ? -4.576  15.646  1.632   1.00 28.12 ? 28  C   A "C1'" 1 
ATOM   289  N  N1    . C   A 1 14 ? -3.701  14.521  1.267   1.00 27.17 ? 28  C   A N1    1 
ATOM   290  C  C2    . C   A 1 14 ? -2.341  14.606  1.570   1.00 28.15 ? 28  C   A C2    1 
ATOM   291  O  O2    . C   A 1 14 ? -1.924  15.600  2.193   1.00 30.88 ? 28  C   A O2    1 
ATOM   292  N  N3    . C   A 1 14 ? -1.511  13.604  1.192   1.00 26.69 ? 28  C   A N3    1 
ATOM   293  C  C4    . C   A 1 14 ? -1.997  12.539  0.559   1.00 25.69 ? 28  C   A C4    1 
ATOM   294  N  N4    . C   A 1 14 ? -1.135  11.584  0.203   1.00 22.12 ? 28  C   A N4    1 
ATOM   295  C  C5    . C   A 1 14 ? -3.384  12.410  0.261   1.00 26.55 ? 28  C   A C5    1 
ATOM   296  C  C6    . C   A 1 14 ? -4.194  13.420  0.627   1.00 26.76 ? 28  C   A C6    1 
ATOM   297  P  P     . G   A 1 15 ? -5.626  17.752  -2.483  1.00 26.24 ? 29  G   A P     1 
ATOM   298  O  OP1   . G   A 1 15 ? -6.490  18.769  -3.137  1.00 25.09 ? 29  G   A OP1   1 
ATOM   299  O  OP2   . G   A 1 15 ? -5.340  16.485  -3.189  1.00 28.71 ? 29  G   A OP2   1 
ATOM   300  O  "O5'" . G   A 1 15 ? -4.248  18.453  -2.098  1.00 28.28 ? 29  G   A "O5'" 1 
ATOM   301  C  "C5'" . G   A 1 15 ? -4.221  19.661  -1.338  1.00 25.68 ? 29  G   A "C5'" 1 
ATOM   302  C  "C4'" . G   A 1 15 ? -2.791  20.104  -1.131  1.00 24.60 ? 29  G   A "C4'" 1 
ATOM   303  O  "O4'" . G   A 1 15 ? -2.113  19.116  -0.309  1.00 25.71 ? 29  G   A "O4'" 1 
ATOM   304  C  "C3'" . G   A 1 15 ? -1.958  20.155  -2.404  1.00 22.27 ? 29  G   A "C3'" 1 
ATOM   305  O  "O3'" . G   A 1 15 ? -2.126  21.374  -3.103  1.00 18.90 ? 29  G   A "O3'" 1 
ATOM   306  C  "C2'" . G   A 1 15 ? -0.548  19.990  -1.868  1.00 22.98 ? 29  G   A "C2'" 1 
ATOM   307  O  "O2'" . G   A 1 15 ? -0.035  21.170  -1.293  1.00 25.08 ? 29  G   A "O2'" 1 
ATOM   308  C  "C1'" . G   A 1 15 ? -0.778  18.944  -0.777  1.00 26.94 ? 29  G   A "C1'" 1 
ATOM   309  N  N9    . G   A 1 15 ? -0.623  17.570  -1.248  1.00 26.08 ? 29  G   A N9    1 
ATOM   310  C  C8    . G   A 1 15 ? -1.622  16.678  -1.551  1.00 28.66 ? 29  G   A C8    1 
ATOM   311  N  N7    . G   A 1 15 ? -1.172  15.495  -1.889  1.00 26.71 ? 29  G   A N7    1 
ATOM   312  C  C5    . G   A 1 15 ? 0.205   15.619  -1.813  1.00 26.03 ? 29  G   A C5    1 
ATOM   313  C  C6    . G   A 1 15 ? 1.231   14.658  -2.047  1.00 26.78 ? 29  G   A C6    1 
ATOM   314  O  O6    . G   A 1 15 ? 1.114   13.455  -2.353  1.00 28.09 ? 29  G   A O6    1 
ATOM   315  N  N1    . G   A 1 15 ? 2.497   15.216  -1.883  1.00 24.70 ? 29  G   A N1    1 
ATOM   316  C  C2    . G   A 1 15 ? 2.743   16.525  -1.523  1.00 26.46 ? 29  G   A C2    1 
ATOM   317  N  N2    . G   A 1 15 ? 4.030   16.886  -1.420  1.00 24.11 ? 29  G   A N2    1 
ATOM   318  N  N3    . G   A 1 15 ? 1.794   17.419  -1.283  1.00 23.88 ? 29  G   A N3    1 
ATOM   319  C  C4    . G   A 1 15 ? 0.562   16.904  -1.446  1.00 26.71 ? 29  G   A C4    1 
ATOM   320  P  P     . U   A 1 16 ? -2.309  21.355  -4.694  1.00 21.48 ? 30  U   A P     1 
ATOM   321  O  OP1   . U   A 1 16 ? -2.817  22.682  -5.074  1.00 22.73 ? 30  U   A OP1   1 
ATOM   322  O  OP2   . U   A 1 16 ? -3.049  20.133  -5.094  1.00 17.36 ? 30  U   A OP2   1 
ATOM   323  O  "O5'" . U   A 1 16 ? -0.836  21.175  -5.269  1.00 22.24 ? 30  U   A "O5'" 1 
ATOM   324  C  "C5'" . U   A 1 16 ? 0.123   22.220  -5.191  1.00 20.79 ? 30  U   A "C5'" 1 
ATOM   325  C  "C4'" . U   A 1 16 ? 1.501   21.679  -5.524  1.00 22.87 ? 30  U   A "C4'" 1 
ATOM   326  O  "O4'" . U   A 1 16 ? 1.892   20.670  -4.543  1.00 25.07 ? 30  U   A "O4'" 1 
ATOM   327  C  "C3'" . U   A 1 16 ? 1.638   20.917  -6.836  1.00 21.80 ? 30  U   A "C3'" 1 
ATOM   328  O  "O3'" . U   A 1 16 ? 1.646   21.798  -7.962  1.00 20.59 ? 30  U   A "O3'" 1 
ATOM   329  C  "C2'" . U   A 1 16 ? 2.969   20.223  -6.593  1.00 23.36 ? 30  U   A "C2'" 1 
ATOM   330  O  "O2'" . U   A 1 16 ? 4.051   21.125  -6.586  1.00 20.92 ? 30  U   A "O2'" 1 
ATOM   331  C  "C1'" . U   A 1 16 ? 2.762   19.725  -5.160  1.00 25.57 ? 30  U   A "C1'" 1 
ATOM   332  N  N1    . U   A 1 16 ? 2.133   18.394  -5.104  1.00 27.99 ? 30  U   A N1    1 
ATOM   333  C  C2    . U   A 1 16 ? 2.959   17.283  -5.221  1.00 28.64 ? 30  U   A C2    1 
ATOM   334  O  O2    . U   A 1 16 ? 4.176   17.369  -5.351  1.00 29.03 ? 30  U   A O2    1 
ATOM   335  N  N3    . U   A 1 16 ? 2.307   16.071  -5.187  1.00 28.11 ? 30  U   A N3    1 
ATOM   336  C  C4    . U   A 1 16 ? 0.943   15.862  -5.058  1.00 29.01 ? 30  U   A C4    1 
ATOM   337  O  O4    . U   A 1 16 ? 0.491   14.710  -5.102  1.00 28.47 ? 30  U   A O4    1 
ATOM   338  C  C5    . U   A 1 16 ? 0.169   17.055  -4.932  1.00 26.73 ? 30  U   A C5    1 
ATOM   339  C  C6    . U   A 1 16 ? 0.774   18.247  -4.958  1.00 28.17 ? 30  U   A C6    1 
ATOM   340  P  P     . G   A 1 17 ? 1.052   21.307  -9.386  1.00 22.64 ? 31  G   A P     1 
ATOM   341  O  OP1   . G   A 1 17 ? 1.029   22.476  -10.303 1.00 23.08 ? 31  G   A OP1   1 
ATOM   342  O  OP2   . G   A 1 17 ? -0.205  20.530  -9.177  1.00 22.05 ? 31  G   A OP2   1 
ATOM   343  O  "O5'" . G   A 1 17 ? 2.166   20.306  -9.920  1.00 20.95 ? 31  G   A "O5'" 1 
ATOM   344  C  "C5'" . G   A 1 17 ? 3.476   20.768  -10.219 1.00 18.96 ? 31  G   A "C5'" 1 
ATOM   345  C  "C4'" . G   A 1 17 ? 4.445   19.609  -10.278 1.00 19.62 ? 31  G   A "C4'" 1 
ATOM   346  O  "O4'" . G   A 1 17 ? 4.404   18.868  -9.032  1.00 18.36 ? 31  G   A "O4'" 1 
ATOM   347  C  "C3'" . G   A 1 17 ? 4.178   18.529  -11.313 1.00 20.36 ? 31  G   A "C3'" 1 
ATOM   348  O  "O3'" . G   A 1 17 ? 4.579   18.909  -12.619 1.00 23.41 ? 31  G   A "O3'" 1 
ATOM   349  C  "C2'" . G   A 1 17 ? 5.049   17.417  -10.776 1.00 20.97 ? 31  G   A "C2'" 1 
ATOM   350  O  "O2'" . G   A 1 17 ? 6.424   17.674  -10.961 1.00 23.80 ? 31  G   A "O2'" 1 
ATOM   351  C  "C1'" . G   A 1 17 ? 4.703   17.502  -9.293  1.00 20.83 ? 31  G   A "C1'" 1 
ATOM   352  N  N9    . G   A 1 17 ? 3.520   16.693  -9.010  1.00 21.59 ? 31  G   A N9    1 
ATOM   353  C  C8    . G   A 1 17 ? 2.259   17.114  -8.666  1.00 22.30 ? 31  G   A C8    1 
ATOM   354  N  N7    . G   A 1 17 ? 1.429   16.124  -8.465  1.00 22.58 ? 31  G   A N7    1 
ATOM   355  C  C5    . G   A 1 17 ? 2.188   14.990  -8.701  1.00 21.27 ? 31  G   A C5    1 
ATOM   356  C  C6    . G   A 1 17 ? 1.834   13.614  -8.651  1.00 22.10 ? 31  G   A C6    1 
ATOM   357  O  O6    . G   A 1 17 ? 0.745   13.116  -8.353  1.00 20.15 ? 31  G   A O6    1 
ATOM   358  N  N1    . G   A 1 17 ? 2.915   12.792  -8.990  1.00 17.68 ? 31  G   A N1    1 
ATOM   359  C  C2    . G   A 1 17 ? 4.175   13.242  -9.323  1.00 17.93 ? 31  G   A C2    1 
ATOM   360  N  N2    . G   A 1 17 ? 5.110   12.316  -9.625  1.00 12.98 ? 31  G   A N2    1 
ATOM   361  N  N3    . G   A 1 17 ? 4.508   14.515  -9.360  1.00 21.44 ? 31  G   A N3    1 
ATOM   362  C  C4    . G   A 1 17 ? 3.476   15.327  -9.042  1.00 21.41 ? 31  G   A C4    1 
ATOM   363  P  P     . G   A 1 18 ? 3.848   18.257  -13.892 1.00 27.83 ? 32  G   A P     1 
ATOM   364  O  OP1   . G   A 1 18 ? 4.424   18.856  -15.123 1.00 27.90 ? 32  G   A OP1   1 
ATOM   365  O  OP2   . G   A 1 18 ? 2.387   18.319  -13.667 1.00 29.31 ? 32  G   A OP2   1 
ATOM   366  O  "O5'" . G   A 1 18 ? 4.245   16.715  -13.822 1.00 26.75 ? 32  G   A "O5'" 1 
ATOM   367  C  "C5'" . G   A 1 18 ? 5.605   16.300  -13.899 1.00 25.52 ? 32  G   A "C5'" 1 
ATOM   368  C  "C4'" . G   A 1 18 ? 5.690   14.791  -13.951 1.00 21.72 ? 32  G   A "C4'" 1 
ATOM   369  O  "O4'" . G   A 1 18 ? 5.276   14.242  -12.672 1.00 23.55 ? 32  G   A "O4'" 1 
ATOM   370  C  "C3'" . G   A 1 18 ? 4.757   14.118  -14.937 1.00 24.69 ? 32  G   A "C3'" 1 
ATOM   371  O  "O3'" . G   A 1 18 ? 5.301   14.112  -16.242 1.00 23.87 ? 32  G   A "O3'" 1 
ATOM   372  C  "C2'" . G   A 1 18 ? 4.668   12.718  -14.360 1.00 21.00 ? 32  G   A "C2'" 1 
ATOM   373  O  "O2'" . G   A 1 18 ? 5.854   11.990  -14.541 1.00 24.46 ? 32  G   A "O2'" 1 
ATOM   374  C  "C1'" . G   A 1 18 ? 4.531   13.050  -12.883 1.00 23.09 ? 32  G   A "C1'" 1 
ATOM   375  N  N9    . G   A 1 18 ? 3.141   13.289  -12.508 1.00 22.78 ? 32  G   A N9    1 
ATOM   376  C  C8    . G   A 1 18 ? 2.526   14.496  -12.273 1.00 22.40 ? 32  G   A C8    1 
ATOM   377  N  N7    . G   A 1 18 ? 1.267   14.373  -11.932 1.00 21.29 ? 32  G   A N7    1 
ATOM   378  C  C5    . G   A 1 18 ? 1.040   13.005  -11.953 1.00 22.26 ? 32  G   A C5    1 
ATOM   379  C  C6    . G   A 1 18 ? -0.137  12.258  -11.665 1.00 22.81 ? 32  G   A C6    1 
ATOM   380  O  O6    . G   A 1 18 ? -1.262  12.675  -11.319 1.00 22.69 ? 32  G   A O6    1 
ATOM   381  N  N1    . G   A 1 18 ? 0.079   10.895  -11.811 1.00 18.63 ? 32  G   A N1    1 
ATOM   382  C  C2    . G   A 1 18 ? 1.262   10.318  -12.182 1.00 21.56 ? 32  G   A C2    1 
ATOM   383  N  N2    . G   A 1 18 ? 1.264   8.988   -12.266 1.00 16.08 ? 32  G   A N2    1 
ATOM   384  N  N3    . G   A 1 18 ? 2.367   10.998  -12.449 1.00 22.74 ? 32  G   A N3    1 
ATOM   385  C  C4    . G   A 1 18 ? 2.185   12.324  -12.315 1.00 21.78 ? 32  G   A C4    1 
ATOM   386  P  P     . A   A 1 19 ? 4.318   14.001  -17.500 1.00 27.24 ? 33  A   A P     1 
ATOM   387  O  OP1   . A   A 1 19 ? 5.111   14.387  -18.690 1.00 30.21 ? 33  A   A OP1   1 
ATOM   388  O  OP2   . A   A 1 19 ? 3.049   14.713  -17.200 1.00 25.65 ? 33  A   A OP2   1 
ATOM   389  O  "O5'" . A   A 1 19 ? 3.988   12.438  -17.571 1.00 27.25 ? 33  A   A "O5'" 1 
ATOM   390  C  "C5'" . A   A 1 19 ? 5.029   11.472  -17.536 1.00 27.35 ? 33  A   A "C5'" 1 
ATOM   391  C  "C4'" . A   A 1 19 ? 4.451   10.076  -17.487 1.00 28.28 ? 33  A   A "C4'" 1 
ATOM   392  O  "O4'" . A   A 1 19 ? 3.841   9.831   -16.192 1.00 27.52 ? 33  A   A "O4'" 1 
ATOM   393  C  "C3'" . A   A 1 19 ? 3.323   9.788   -18.453 1.00 28.64 ? 33  A   A "C3'" 1 
ATOM   394  O  "O3'" . A   A 1 19 ? 3.813   9.549   -19.771 1.00 31.77 ? 33  A   A "O3'" 1 
ATOM   395  C  "C2'" . A   A 1 19 ? 2.705   8.547   -17.822 1.00 28.21 ? 33  A   A "C2'" 1 
ATOM   396  O  "O2'" . A   A 1 19 ? 3.448   7.360   -18.018 1.00 26.13 ? 33  A   A "O2'" 1 
ATOM   397  C  "C1'" . A   A 1 19 ? 2.775   8.910   -16.344 1.00 25.95 ? 33  A   A "C1'" 1 
ATOM   398  N  N9    . A   A 1 19 ? 1.546   9.524   -15.846 1.00 24.76 ? 33  A   A N9    1 
ATOM   399  C  C8    . A   A 1 19 ? 1.336   10.829  -15.489 1.00 22.81 ? 33  A   A C8    1 
ATOM   400  N  N7    . A   A 1 19 ? 0.132   11.064  -15.022 1.00 24.76 ? 33  A   A N7    1 
ATOM   401  C  C5    . A   A 1 19 ? -0.496  9.830   -15.081 1.00 22.75 ? 33  A   A C5    1 
ATOM   402  C  C6    . A   A 1 19 ? -1.782  9.402   -14.701 1.00 22.59 ? 33  A   A C6    1 
ATOM   403  N  N6    . A   A 1 19 ? -2.691  10.197  -14.138 1.00 18.51 ? 33  A   A N6    1 
ATOM   404  N  N1    . A   A 1 19 ? -2.099  8.107   -14.912 1.00 21.42 ? 33  A   A N1    1 
ATOM   405  C  C2    . A   A 1 19 ? -1.173  7.300   -15.444 1.00 24.14 ? 33  A   A C2    1 
ATOM   406  N  N3    . A   A 1 19 ? 0.076   7.578   -15.821 1.00 22.21 ? 33  A   A N3    1 
ATOM   407  C  C4    . A   A 1 19 ? 0.356   8.875   -15.610 1.00 24.03 ? 33  A   A C4    1 
ATOM   408  P  P     . U   A 1 20 ? 2.929   9.993   -21.038 1.00 33.98 ? 34  U   A P     1 
ATOM   409  O  OP1   . U   A 1 20 ? 3.726   9.717   -22.253 1.00 33.95 ? 34  U   A OP1   1 
ATOM   410  O  OP2   . U   A 1 20 ? 2.432   11.372  -20.770 1.00 33.82 ? 34  U   A OP2   1 
ATOM   411  O  "O5'" . U   A 1 20 ? 1.677   9.007   -21.008 1.00 32.90 ? 34  U   A "O5'" 1 
ATOM   412  C  "C5'" . U   A 1 20 ? 1.862   7.650   -20.647 1.00 30.33 ? 34  U   A "C5'" 1 
ATOM   413  C  "C4'" . U   A 1 20 ? 0.549   6.892   -20.597 1.00 29.57 ? 34  U   A "C4'" 1 
ATOM   414  O  "O4'" . U   A 1 20 ? -0.190  7.291   -19.401 1.00 26.65 ? 34  U   A "O4'" 1 
ATOM   415  C  "C3'" . U   A 1 20 ? -0.402  7.180   -21.760 1.00 28.93 ? 34  U   A "C3'" 1 
ATOM   416  O  "O3'" . U   A 1 20 ? -1.189  6.055   -22.089 1.00 28.06 ? 34  U   A "O3'" 1 
ATOM   417  C  "C2'" . U   A 1 20 ? -1.259  8.329   -21.247 1.00 29.19 ? 34  U   A "C2'" 1 
ATOM   418  O  "O2'" . U   A 1 20 ? -2.577  8.331   -21.763 1.00 30.38 ? 34  U   A "O2'" 1 
ATOM   419  C  "C1'" . U   A 1 20 ? -1.367  7.972   -19.774 1.00 26.80 ? 34  U   A "C1'" 1 
ATOM   420  N  N1    . U   A 1 20 ? -1.601  9.131   -18.909 1.00 25.47 ? 34  U   A N1    1 
ATOM   421  C  C2    . U   A 1 20 ? -2.778  9.133   -18.193 1.00 25.87 ? 34  U   A C2    1 
ATOM   422  O  O2    . U   A 1 20 ? -3.539  8.177   -18.178 1.00 22.22 ? 34  U   A O2    1 
ATOM   423  N  N3    . U   A 1 20 ? -3.036  10.290  -17.498 1.00 25.39 ? 34  U   A N3    1 
ATOM   424  C  C4    . U   A 1 20 ? -2.240  11.407  -17.437 1.00 25.91 ? 34  U   A C4    1 
ATOM   425  O  O4    . U   A 1 20 ? -2.659  12.406  -16.865 1.00 28.79 ? 34  U   A O4    1 
ATOM   426  C  C5    . U   A 1 20 ? -1.002  11.303  -18.159 1.00 26.32 ? 34  U   A C5    1 
ATOM   427  C  C6    . U   A 1 20 ? -0.731  10.188  -18.850 1.00 25.10 ? 34  U   A C6    1 
ATOM   428  P  P     . A   A 1 21 ? -1.114  5.448   -23.568 1.00 31.44 ? 35  A   A P     1 
ATOM   429  O  OP1   . A   A 1 21 ? 0.325   5.316   -23.903 1.00 27.59 ? 35  A   A OP1   1 
ATOM   430  O  OP2   . A   A 1 21 ? -2.005  6.219   -24.460 1.00 27.90 ? 35  A   A OP2   1 
ATOM   431  O  "O5'" . A   A 1 21 ? -1.731  3.995   -23.383 1.00 31.23 ? 35  A   A "O5'" 1 
ATOM   432  C  "C5'" . A   A 1 21 ? -1.367  3.192   -22.271 1.00 30.01 ? 35  A   A "C5'" 1 
ATOM   433  C  "C4'" . A   A 1 21 ? -1.966  1.819   -22.416 1.00 31.41 ? 35  A   A "C4'" 1 
ATOM   434  O  "O4'" . A   A 1 21 ? -3.238  1.788   -21.711 1.00 31.27 ? 35  A   A "O4'" 1 
ATOM   435  C  "C3'" . A   A 1 21 ? -2.297  1.430   -23.848 1.00 30.67 ? 35  A   A "C3'" 1 
ATOM   436  O  "O3'" . A   A 1 21 ? -2.179  0.033   -24.034 1.00 29.57 ? 35  A   A "O3'" 1 
ATOM   437  C  "C2'" . A   A 1 21 ? -3.718  1.961   -24.033 1.00 32.51 ? 35  A   A "C2'" 1 
ATOM   438  O  "O2'" . A   A 1 21 ? -4.513  1.261   -24.978 1.00 34.21 ? 35  A   A "O2'" 1 
ATOM   439  C  "C1'" . A   A 1 21 ? -4.309  1.784   -22.636 1.00 31.37 ? 35  A   A "C1'" 1 
ATOM   440  N  N9    . A   A 1 21 ? -5.193  2.901   -22.311 1.00 32.22 ? 35  A   A N9    1 
ATOM   441  C  C8    . A   A 1 21 ? -4.847  4.145   -21.844 1.00 32.16 ? 35  A   A C8    1 
ATOM   442  N  N7    . A   A 1 21 ? -5.870  4.949   -21.672 1.00 33.82 ? 35  A   A N7    1 
ATOM   443  C  C5    . A   A 1 21 ? -6.965  4.178   -22.046 1.00 33.49 ? 35  A   A C5    1 
ATOM   444  C  C6    . A   A 1 21 ? -8.348  4.452   -22.099 1.00 33.25 ? 35  A   A C6    1 
ATOM   445  N  N6    . A   A 1 21 ? -8.888  5.637   -21.770 1.00 31.33 ? 35  A   A N6    1 
ATOM   446  N  N1    . A   A 1 21 ? -9.169  3.458   -22.511 1.00 32.52 ? 35  A   A N1    1 
ATOM   447  C  C2    . A   A 1 21 ? -8.629  2.281   -22.854 1.00 32.93 ? 35  A   A C2    1 
ATOM   448  N  N3    . A   A 1 21 ? -7.349  1.906   -22.854 1.00 32.86 ? 35  A   A N3    1 
ATOM   449  C  C4    . A   A 1 21 ? -6.561  2.911   -22.436 1.00 33.30 ? 35  A   A C4    1 
ATOM   450  P  P     . U   A 1 22 ? -0.880  -0.560  -24.761 1.00 30.08 ? 36  U   A P     1 
ATOM   451  O  OP1   . U   A 1 22 ? -0.743  0.110   -26.080 1.00 26.08 ? 36  U   A OP1   1 
ATOM   452  O  OP2   . U   A 1 22 ? -1.001  -2.037  -24.689 1.00 27.81 ? 36  U   A OP2   1 
ATOM   453  O  "O5'" . U   A 1 22 ? 0.328   -0.114  -23.823 1.00 27.14 ? 36  U   A "O5'" 1 
ATOM   454  C  "C5'" . U   A 1 22 ? 0.829   -0.982  -22.806 1.00 27.10 ? 36  U   A "C5'" 1 
ATOM   455  C  "C4'" . U   A 1 22 ? 2.308   -0.746  -22.598 1.00 25.39 ? 36  U   A "C4'" 1 
ATOM   456  O  "O4'" . U   A 1 22 ? 2.971   -0.901  -23.880 1.00 27.07 ? 36  U   A "O4'" 1 
ATOM   457  C  "C3'" . U   A 1 22 ? 2.683   0.648   -22.100 1.00 26.27 ? 36  U   A "C3'" 1 
ATOM   458  O  "O3'" . U   A 1 22 ? 3.850   0.589   -21.306 1.00 23.90 ? 36  U   A "O3'" 1 
ATOM   459  C  "C2'" . U   A 1 22 ? 3.062   1.369   -23.384 1.00 26.56 ? 36  U   A "C2'" 1 
ATOM   460  O  "O2'" . U   A 1 22 ? 4.008   2.374   -23.144 1.00 31.98 ? 36  U   A "O2'" 1 
ATOM   461  C  "C1'" . U   A 1 22 ? 3.749   0.244   -24.148 1.00 27.88 ? 36  U   A "C1'" 1 
ATOM   462  N  N1    . U   A 1 22 ? 3.825   0.434   -25.603 1.00 28.45 ? 36  U   A N1    1 
ATOM   463  C  C2    . U   A 1 22 ? 5.082   0.509   -26.175 1.00 29.45 ? 36  U   A C2    1 
ATOM   464  O  O2    . U   A 1 22 ? 6.107   0.441   -25.527 1.00 30.08 ? 36  U   A O2    1 
ATOM   465  N  N3    . U   A 1 22 ? 5.094   0.662   -27.538 1.00 29.68 ? 36  U   A N3    1 
ATOM   466  C  C4    . U   A 1 22 ? 4.002   0.740   -28.374 1.00 29.31 ? 36  U   A C4    1 
ATOM   467  O  O4    . U   A 1 22 ? 4.176   0.845   -29.588 1.00 32.76 ? 36  U   A O4    1 
ATOM   468  C  C5    . U   A 1 22 ? 2.737   0.665   -27.710 1.00 28.48 ? 36  U   A C5    1 
ATOM   469  C  C6    . U   A 1 22 ? 2.694   0.523   -26.378 1.00 28.48 ? 36  U   A C6    1 
ATOM   470  P  P     . G   A 1 23 ? 3.751   0.290   -19.727 1.00 26.92 ? 37  G   A P     1 
ATOM   471  O  OP1   . G   A 1 23 ? 5.156   0.118   -19.264 1.00 22.14 ? 37  G   A OP1   1 
ATOM   472  O  OP2   . G   A 1 23 ? 2.761   -0.782  -19.499 1.00 28.68 ? 37  G   A OP2   1 
ATOM   473  O  "O5'" . G   A 1 23 ? 3.183   1.642   -19.099 1.00 26.98 ? 37  G   A "O5'" 1 
ATOM   474  C  "C5'" . G   A 1 23 ? 3.808   2.891   -19.373 1.00 26.39 ? 37  G   A "C5'" 1 
ATOM   475  C  "C4'" . G   A 1 23 ? 3.143   3.995   -18.585 1.00 26.67 ? 37  G   A "C4'" 1 
ATOM   476  O  "O4'" . G   A 1 23 ? 1.949   4.450   -19.287 1.00 25.96 ? 37  G   A "O4'" 1 
ATOM   477  C  "C3'" . G   A 1 23 ? 2.660   3.571   -17.209 1.00 26.67 ? 37  G   A "C3'" 1 
ATOM   478  O  "O3'" . G   A 1 23 ? 3.731   3.708   -16.271 1.00 25.58 ? 37  G   A "O3'" 1 
ATOM   479  C  "C2'" . G   A 1 23 ? 1.502   4.538   -16.978 1.00 25.33 ? 37  G   A "C2'" 1 
ATOM   480  O  "O2'" . G   A 1 23 ? 1.957   5.835   -16.634 1.00 24.27 ? 37  G   A "O2'" 1 
ATOM   481  C  "C1'" . G   A 1 23 ? 0.873   4.584   -18.374 1.00 25.59 ? 37  G   A "C1'" 1 
ATOM   482  N  N9    . G   A 1 23 ? -0.091  3.521   -18.657 1.00 26.27 ? 37  G   A N9    1 
ATOM   483  C  C8    . G   A 1 23 ? 0.210   2.248   -19.075 1.00 25.22 ? 37  G   A C8    1 
ATOM   484  N  N7    . G   A 1 23 ? -0.841  1.498   -19.231 1.00 23.38 ? 37  G   A N7    1 
ATOM   485  C  C5    . G   A 1 23 ? -1.906  2.316   -18.896 1.00 23.90 ? 37  G   A C5    1 
ATOM   486  C  C6    . G   A 1 23 ? -3.294  2.033   -18.854 1.00 24.42 ? 37  G   A C6    1 
ATOM   487  O  O6    . G   A 1 23 ? -3.859  0.956   -19.063 1.00 20.72 ? 37  G   A O6    1 
ATOM   488  N  N1    . G   A 1 23 ? -4.038  3.158   -18.496 1.00 20.97 ? 37  G   A N1    1 
ATOM   489  C  C2    . G   A 1 23 ? -3.509  4.378   -18.185 1.00 21.56 ? 37  G   A C2    1 
ATOM   490  N  N2    . G   A 1 23 ? -4.391  5.330   -17.874 1.00 16.44 ? 37  G   A N2    1 
ATOM   491  N  N3    . G   A 1 23 ? -2.205  4.647   -18.185 1.00 24.43 ? 37  G   A N3    1 
ATOM   492  C  C4    . G   A 1 23 ? -1.468  3.575   -18.553 1.00 23.96 ? 37  G   A C4    1 
ATOM   493  P  P     . G   A 1 24 ? 3.775   2.785   -14.955 1.00 25.71 ? 38  G   A P     1 
ATOM   494  O  OP1   . G   A 1 24 ? 5.001   3.125   -14.191 1.00 20.20 ? 38  G   A OP1   1 
ATOM   495  O  OP2   . G   A 1 24 ? 3.523   1.377   -15.339 1.00 25.69 ? 38  G   A OP2   1 
ATOM   496  O  "O5'" . G   A 1 24 ? 2.496   3.261   -14.132 1.00 27.19 ? 38  G   A "O5'" 1 
ATOM   497  C  "C5'" . G   A 1 24 ? 2.442   4.551   -13.527 1.00 25.00 ? 38  G   A "C5'" 1 
ATOM   498  C  "C4'" . G   A 1 24 ? 1.044   4.818   -13.008 1.00 24.62 ? 38  G   A "C4'" 1 
ATOM   499  O  "O4'" . G   A 1 24 ? 0.120   4.805   -14.121 1.00 24.66 ? 38  G   A "O4'" 1 
ATOM   500  C  "C3'" . G   A 1 24 ? 0.494   3.789   -12.035 1.00 24.65 ? 38  G   A "C3'" 1 
ATOM   501  O  "O3'" . G   A 1 24 ? 0.933   4.134   -10.727 1.00 26.74 ? 38  G   A "O3'" 1 
ATOM   502  C  "C2'" . G   A 1 24 ? -1.019  3.959   -12.212 1.00 25.47 ? 38  G   A "C2'" 1 
ATOM   503  O  "O2'" . G   A 1 24 ? -1.610  5.007   -11.462 1.00 24.32 ? 38  G   A "O2'" 1 
ATOM   504  C  "C1'" . G   A 1 24 ? -1.127  4.282   -13.702 1.00 25.39 ? 38  G   A "C1'" 1 
ATOM   505  N  N9    . G   A 1 24 ? -1.404  3.079   -14.474 1.00 26.86 ? 38  G   A N9    1 
ATOM   506  C  C8    . G   A 1 24 ? -0.504  2.111   -14.848 1.00 24.91 ? 38  G   A C8    1 
ATOM   507  N  N7    . G   A 1 24 ? -1.065  1.099   -15.444 1.00 25.80 ? 38  G   A N7    1 
ATOM   508  C  C5    . G   A 1 24 ? -2.415  1.428   -15.485 1.00 26.07 ? 38  G   A C5    1 
ATOM   509  C  C6    . G   A 1 24 ? -3.529  0.690   -15.982 1.00 27.56 ? 38  G   A C6    1 
ATOM   510  O  O6    . G   A 1 24 ? -3.539  -0.447  -16.492 1.00 28.53 ? 38  G   A O6    1 
ATOM   511  N  N1    . G   A 1 24 ? -4.722  1.396   -15.825 1.00 24.28 ? 38  G   A N1    1 
ATOM   512  C  C2    . G   A 1 24 ? -4.834  2.636   -15.244 1.00 26.51 ? 38  G   A C2    1 
ATOM   513  N  N2    . G   A 1 24 ? -6.080  3.138   -15.151 1.00 22.93 ? 38  G   A N2    1 
ATOM   514  N  N3    . G   A 1 24 ? -3.802  3.329   -14.775 1.00 24.53 ? 38  G   A N3    1 
ATOM   515  C  C4    . G   A 1 24 ? -2.635  2.664   -14.922 1.00 26.34 ? 38  G   A C4    1 
ATOM   516  P  P     . C   A 1 25 ? 1.383   2.991   -9.681  1.00 30.24 ? 39  C   A P     1 
ATOM   517  O  OP1   . C   A 1 25 ? 1.648   1.708   -10.365 1.00 26.34 ? 39  C   A OP1   1 
ATOM   518  O  OP2   . C   A 1 25 ? 0.381   3.042   -8.590  1.00 28.58 ? 39  C   A OP2   1 
ATOM   519  O  "O5'" . C   A 1 25 ? 2.708   3.588   -9.007  1.00 30.65 ? 39  C   A "O5'" 1 
ATOM   520  C  "C5'" . C   A 1 25 ? 3.991   3.460   -9.598  1.00 30.19 ? 39  C   A "C5'" 1 
ATOM   521  C  "C4'" . C   A 1 25 ? 4.664   4.823   -9.735  1.00 26.70 ? 39  C   A "C4'" 1 
ATOM   522  O  "O4'" . C   A 1 25 ? 3.749   5.773   -10.338 1.00 26.39 ? 39  C   A "O4'" 1 
ATOM   523  C  "C3'" . C   A 1 25 ? 5.100   5.599   -8.503  1.00 25.22 ? 39  C   A "C3'" 1 
ATOM   524  O  "O3'" . C   A 1 25 ? 6.280   5.093   -7.895  1.00 23.82 ? 39  C   A "O3'" 1 
ATOM   525  C  "C2'" . C   A 1 25 ? 5.404   6.949   -9.136  1.00 26.25 ? 39  C   A "C2'" 1 
ATOM   526  O  "O2'" . C   A 1 25 ? 6.594   6.894   -9.894  1.00 23.16 ? 39  C   A "O2'" 1 
ATOM   527  C  "C1'" . C   A 1 25 ? 4.232   7.086   -10.108 1.00 25.53 ? 39  C   A "C1'" 1 
ATOM   528  N  N1    . C   A 1 25 ? 3.129   7.923   -9.600  1.00 28.48 ? 39  C   A N1    1 
ATOM   529  C  C2    . C   A 1 25 ? 3.344   9.302   -9.455  1.00 29.80 ? 39  C   A C2    1 
ATOM   530  O  O2    . C   A 1 25 ? 4.462   9.764   -9.735  1.00 27.24 ? 39  C   A O2    1 
ATOM   531  N  N3    . C   A 1 25 ? 2.329   10.087  -9.013  1.00 27.84 ? 39  C   A N3    1 
ATOM   532  C  C4    . C   A 1 25 ? 1.140   9.544   -8.722  1.00 29.01 ? 39  C   A C4    1 
ATOM   533  N  N4    . C   A 1 25 ? 0.158   10.352  -8.306  1.00 24.42 ? 39  C   A N4    1 
ATOM   534  C  C5    . C   A 1 25 ? 0.901   8.140   -8.849  1.00 28.90 ? 39  C   A C5    1 
ATOM   535  C  C6    . C   A 1 25 ? 1.913   7.377   -9.283  1.00 29.52 ? 39  C   A C6    1 
ATOM   536  P  P     . A   A 1 26 ? 6.770   5.694   -6.479  1.00 25.08 ? 40  A   A P     1 
ATOM   537  O  OP1   . A   A 1 26 ? 7.946   4.898   -6.057  1.00 22.08 ? 40  A   A OP1   1 
ATOM   538  O  OP2   . A   A 1 26 ? 5.609   5.815   -5.568  1.00 22.74 ? 40  A   A OP2   1 
ATOM   539  O  "O5'" . A   A 1 26 ? 7.268   7.178   -6.823  1.00 23.42 ? 40  A   A "O5'" 1 
ATOM   540  C  "C5'" . A   A 1 26 ? 8.595   7.406   -7.288  1.00 22.41 ? 40  A   A "C5'" 1 
ATOM   541  C  "C4'" . A   A 1 26 ? 8.968   8.872   -7.166  1.00 22.39 ? 40  A   A "C4'" 1 
ATOM   542  O  "O4'" . A   A 1 26 ? 8.048   9.702   -7.924  1.00 21.01 ? 40  A   A "O4'" 1 
ATOM   543  C  "C3'" . A   A 1 26 ? 8.935   9.470   -5.769  1.00 22.92 ? 40  A   A "C3'" 1 
ATOM   544  O  "O3'" . A   A 1 26 ? 10.126  9.174   -5.061  1.00 22.04 ? 40  A   A "O3'" 1 
ATOM   545  C  "C2'" . A   A 1 26 ? 8.842   10.950  -6.085  1.00 23.10 ? 40  A   A "C2'" 1 
ATOM   546  O  "O2'" . A   A 1 26 ? 10.060  11.483  -6.558  1.00 21.79 ? 40  A   A "O2'" 1 
ATOM   547  C  "C1'" . A   A 1 26 ? 7.844   10.929  -7.236  1.00 22.33 ? 40  A   A "C1'" 1 
ATOM   548  N  N9    . A   A 1 26 ? 6.451   10.986  -6.797  1.00 24.50 ? 40  A   A N9    1 
ATOM   549  C  C8    . A   A 1 26 ? 5.578   9.932   -6.642  1.00 25.95 ? 40  A   A C8    1 
ATOM   550  N  N7    . A   A 1 26 ? 4.370   10.294  -6.274  1.00 24.87 ? 40  A   A N7    1 
ATOM   551  C  C5    . A   A 1 26 ? 4.452   11.672  -6.172  1.00 24.68 ? 40  A   A C5    1 
ATOM   552  C  C6    . A   A 1 26 ? 3.501   12.650  -5.829  1.00 25.10 ? 40  A   A C6    1 
ATOM   553  N  N6    . A   A 1 26 ? 2.225   12.374  -5.543  1.00 24.98 ? 40  A   A N6    1 
ATOM   554  N  N1    . A   A 1 26 ? 3.907   13.933  -5.802  1.00 23.53 ? 40  A   A N1    1 
ATOM   555  C  C2    . A   A 1 26 ? 5.180   14.212  -6.114  1.00 26.11 ? 40  A   A C2    1 
ATOM   556  N  N3    . A   A 1 26 ? 6.164   13.383  -6.469  1.00 26.42 ? 40  A   A N3    1 
ATOM   557  C  C4    . A   A 1 26 ? 5.732   12.113  -6.479  1.00 25.36 ? 40  A   A C4    1 
ATOM   558  P  P     . C   A 1 27 ? 10.058  8.904   -3.483  1.00 24.93 ? 41  C   A P     1 
ATOM   559  O  OP1   . C   A 1 27 ? 11.352  8.353   -3.044  1.00 23.36 ? 41  C   A OP1   1 
ATOM   560  O  OP2   . C   A 1 27 ? 8.810   8.127   -3.249  1.00 26.20 ? 41  C   A OP2   1 
ATOM   561  O  "O5'" . C   A 1 27 ? 9.918   10.366  -2.856  1.00 24.90 ? 41  C   A "O5'" 1 
ATOM   562  C  "C5'" . C   A 1 27 ? 10.850  11.383  -3.214  1.00 24.68 ? 41  C   A "C5'" 1 
ATOM   563  C  "C4'" . C   A 1 27 ? 10.350  12.740  -2.786  1.00 23.71 ? 41  C   A "C4'" 1 
ATOM   564  O  "O4'" . C   A 1 27 ? 9.273   13.192  -3.650  1.00 23.44 ? 41  C   A "O4'" 1 
ATOM   565  C  "C3'" . C   A 1 27 ? 9.716   12.815  -1.416  1.00 24.63 ? 41  C   A "C3'" 1 
ATOM   566  O  "O3'" . C   A 1 27 ? 10.680  12.798  -0.384  1.00 27.72 ? 41  C   A "O3'" 1 
ATOM   567  C  "C2'" . C   A 1 27 ? 9.017   14.152  -1.518  1.00 25.39 ? 41  C   A "C2'" 1 
ATOM   568  O  "O2'" . C   A 1 27 ? 9.921   15.239  -1.533  1.00 25.96 ? 41  C   A "O2'" 1 
ATOM   569  C  "C1'" . C   A 1 27 ? 8.374   13.999  -2.893  1.00 24.20 ? 41  C   A "C1'" 1 
ATOM   570  N  N1    . C   A 1 27 ? 7.062   13.315  -2.808  1.00 23.18 ? 41  C   A N1    1 
ATOM   571  C  C2    . C   A 1 27 ? 5.914   14.082  -2.571  1.00 22.62 ? 41  C   A C2    1 
ATOM   572  O  O2    . C   A 1 27 ? 6.033   15.305  -2.438  1.00 21.20 ? 41  C   A O2    1 
ATOM   573  N  N3    . C   A 1 27 ? 4.706   13.465  -2.503  1.00 21.04 ? 41  C   A N3    1 
ATOM   574  C  C4    . C   A 1 27 ? 4.623   12.140  -2.672  1.00 21.10 ? 41  C   A C4    1 
ATOM   575  N  N4    . C   A 1 27 ? 3.410   11.569  -2.633  1.00 20.58 ? 41  C   A N4    1 
ATOM   576  C  C5    . C   A 1 27 ? 5.776   11.339  -2.897  1.00 20.22 ? 41  C   A C5    1 
ATOM   577  C  C6    . C   A 1 27 ? 6.963   11.959  -2.959  1.00 22.20 ? 41  C   A C6    1 
ATOM   578  P  P     . G   A 1 28 ? 10.254  12.280  1.066   1.00 25.58 ? 42  G   A P     1 
ATOM   579  O  OP1   . G   A 1 28 ? 11.439  12.394  1.946   1.00 25.59 ? 42  G   A OP1   1 
ATOM   580  O  OP2   . G   A 1 28 ? 9.594   10.973  0.888   1.00 27.15 ? 42  G   A OP2   1 
ATOM   581  O  "O5'" . G   A 1 28 ? 9.166   13.344  1.525   1.00 26.61 ? 42  G   A "O5'" 1 
ATOM   582  C  "C5'" . G   A 1 28 ? 9.569   14.645  1.941   1.00 26.99 ? 42  G   A "C5'" 1 
ATOM   583  C  "C4'" . G   A 1 28 ? 8.361   15.522  2.178   1.00 26.68 ? 42  G   A "C4'" 1 
ATOM   584  O  "O4'" . G   A 1 28 ? 7.480   15.460  1.030   1.00 26.85 ? 42  G   A "O4'" 1 
ATOM   585  C  "C3'" . G   A 1 28 ? 7.448   15.133  3.330   1.00 26.78 ? 42  G   A "C3'" 1 
ATOM   586  O  "O3'" . G   A 1 28 ? 7.981   15.553  4.586   1.00 28.59 ? 42  G   A "O3'" 1 
ATOM   587  C  "C2'" . G   A 1 28 ? 6.194   15.915  2.969   1.00 27.75 ? 42  G   A "C2'" 1 
ATOM   588  O  "O2'" . G   A 1 28 ? 6.299   17.293  3.271   1.00 27.57 ? 42  G   A "O2'" 1 
ATOM   589  C  "C1'" . G   A 1 28 ? 6.150   15.721  1.452   1.00 27.47 ? 42  G   A "C1'" 1 
ATOM   590  N  N9    . G   A 1 28 ? 5.301   14.592  1.076   1.00 29.45 ? 42  G   A N9    1 
ATOM   591  C  C8    . G   A 1 28 ? 5.698   13.350  0.635   1.00 30.08 ? 42  G   A C8    1 
ATOM   592  N  N7    . G   A 1 28 ? 4.696   12.535  0.431   1.00 30.24 ? 42  G   A N7    1 
ATOM   593  C  C5    . G   A 1 28 ? 3.569   13.285  0.753   1.00 30.73 ? 42  G   A C5    1 
ATOM   594  C  C6    . G   A 1 28 ? 2.192   12.930  0.761   1.00 29.38 ? 42  G   A C6    1 
ATOM   595  O  O6    . G   A 1 28 ? 1.678   11.852  0.491   1.00 31.93 ? 42  G   A O6    1 
ATOM   596  N  N1    . G   A 1 28 ? 1.389   13.999  1.148   1.00 28.43 ? 42  G   A N1    1 
ATOM   597  C  C2    . G   A 1 28 ? 1.843   15.243  1.491   1.00 26.25 ? 42  G   A C2    1 
ATOM   598  N  N2    . G   A 1 28 ? 0.908   16.139  1.832   1.00 20.73 ? 42  G   A N2    1 
ATOM   599  N  N3    . G   A 1 28 ? 3.118   15.584  1.500   1.00 27.25 ? 42  G   A N3    1 
ATOM   600  C  C4    . G   A 1 28 ? 3.921   14.563  1.128   1.00 29.63 ? 42  G   A C4    1 
ATOM   601  P  P     . C   A 1 29 ? 7.533   14.805  5.949   1.00 32.08 ? 43  C   A P     1 
ATOM   602  O  OP1   . C   A 1 29 ? 8.506   15.190  6.994   1.00 32.28 ? 43  C   A OP1   1 
ATOM   603  O  OP2   . C   A 1 29 ? 7.304   13.373  5.647   1.00 34.95 ? 43  C   A OP2   1 
ATOM   604  O  "O5'" . C   A 1 29 ? 6.113   15.415  6.336   1.00 33.76 ? 43  C   A "O5'" 1 
ATOM   605  C  "C5'" . C   A 1 29 ? 5.864   16.816  6.253   1.00 33.73 ? 43  C   A "C5'" 1 
ATOM   606  C  "C4'" . C   A 1 29 ? 4.380   17.099  6.372   1.00 33.51 ? 43  C   A "C4'" 1 
ATOM   607  O  "O4'" . C   A 1 29 ? 3.687   16.733  5.148   1.00 31.33 ? 43  C   A "O4'" 1 
ATOM   608  C  "C3'" . C   A 1 29 ? 3.618   16.306  7.416   1.00 34.58 ? 43  C   A "C3'" 1 
ATOM   609  O  "O3'" . C   A 1 29 ? 3.865   16.790  8.730   1.00 38.65 ? 43  C   A "O3'" 1 
ATOM   610  C  "C2'" . C   A 1 29 ? 2.188   16.563  6.966   1.00 34.22 ? 43  C   A "C2'" 1 
ATOM   611  O  "O2'" . C   A 1 29 ? 1.737   17.877  7.229   1.00 31.56 ? 43  C   A "O2'" 1 
ATOM   612  C  "C1'" . C   A 1 29 ? 2.339   16.401  5.454   1.00 33.16 ? 43  C   A "C1'" 1 
ATOM   613  N  N1    . C   A 1 29 ? 2.066   15.016  5.024   1.00 33.03 ? 43  C   A N1    1 
ATOM   614  C  C2    . C   A 1 29 ? 0.721   14.602  4.902   1.00 33.17 ? 43  C   A C2    1 
ATOM   615  O  O2    . C   A 1 29 ? -0.193  15.406  5.191   1.00 33.04 ? 43  C   A O2    1 
ATOM   616  N  N3    . C   A 1 29 ? 0.451   13.346  4.489   1.00 33.29 ? 43  C   A N3    1 
ATOM   617  C  C4    . C   A 1 29 ? 1.451   12.507  4.209   1.00 32.55 ? 43  C   A C4    1 
ATOM   618  N  N4    . C   A 1 29 ? 1.128   11.288  3.773   1.00 33.10 ? 43  C   A N4    1 
ATOM   619  C  C5    . C   A 1 29 ? 2.824   12.888  4.352   1.00 32.17 ? 43  C   A C5    1 
ATOM   620  C  C6    . C   A 1 29 ? 3.082   14.142  4.750   1.00 30.65 ? 43  C   A C6    1 
ATOM   621  P  P     . A   A 1 30 ? 3.708   15.798  9.987   1.00 40.05 ? 44  A   A P     1 
ATOM   622  O  OP1   . A   A 1 30 ? 3.905   16.609  11.209  1.00 41.88 ? 44  A   A OP1   1 
ATOM   623  O  OP2   . A   A 1 30 ? 4.564   14.613  9.751   1.00 41.95 ? 44  A   A OP2   1 
ATOM   624  O  "O5'" . A   A 1 30 ? 2.185   15.325  9.922   1.00 41.82 ? 44  A   A "O5'" 1 
ATOM   625  C  "C5'" . A   A 1 30 ? 1.186   15.982  10.697  1.00 43.53 ? 44  A   A "C5'" 1 
ATOM   626  C  "C4'" . A   A 1 30 ? -0.194  15.422  10.402  1.00 43.98 ? 44  A   A "C4'" 1 
ATOM   627  O  "O4'" . A   A 1 30 ? -0.386  15.163  8.985   1.00 43.00 ? 44  A   A "O4'" 1 
ATOM   628  C  "C3'" . A   A 1 30 ? -0.558  14.085  11.015  1.00 44.97 ? 44  A   A "C3'" 1 
ATOM   629  O  "O3'" . A   A 1 30 ? -0.817  14.188  12.406  1.00 48.16 ? 44  A   A "O3'" 1 
ATOM   630  C  "C2'" . A   A 1 30 ? -1.820  13.763  10.232  1.00 44.04 ? 44  A   A "C2'" 1 
ATOM   631  O  "O2'" . A   A 1 30 ? -2.928  14.555  10.610  1.00 43.83 ? 44  A   A "O2'" 1 
ATOM   632  C  "C1'" . A   A 1 30 ? -1.371  14.147  8.825   1.00 42.70 ? 44  A   A "C1'" 1 
ATOM   633  N  N9    . A   A 1 30 ? -0.748  12.998  8.180   1.00 41.58 ? 44  A   A N9    1 
ATOM   634  C  C8    . A   A 1 30 ? 0.588   12.759  7.975   1.00 40.25 ? 44  A   A C8    1 
ATOM   635  N  N7    . A   A 1 30 ? 0.834   11.616  7.386   1.00 40.82 ? 44  A   A N7    1 
ATOM   636  C  C5    . A   A 1 30 ? -0.427  11.064  7.186   1.00 40.81 ? 44  A   A C5    1 
ATOM   637  C  C6    . A   A 1 30 ? -0.851  9.851   6.608   1.00 41.12 ? 44  A   A C6    1 
ATOM   638  N  N6    . A   A 1 30 ? -0.011  8.943   6.102   1.00 41.78 ? 44  A   A N6    1 
ATOM   639  N  N1    . A   A 1 30 ? -2.180  9.601   6.567   1.00 39.63 ? 44  A   A N1    1 
ATOM   640  C  C2    . A   A 1 30 ? -3.015  10.516  7.077   1.00 40.53 ? 44  A   A C2    1 
ATOM   641  N  N3    . A   A 1 30 ? -2.736  11.692  7.647   1.00 40.57 ? 44  A   A N3    1 
ATOM   642  C  C4    . A   A 1 30 ? -1.409  11.907  7.669   1.00 40.90 ? 44  A   A C4    1 
ATOM   643  P  P     . A   A 1 31 ? -0.539  12.921  13.353  1.00 49.06 ? 45  A   A P     1 
ATOM   644  O  OP1   . A   A 1 31 ? -0.641  13.400  14.752  1.00 50.96 ? 45  A   A OP1   1 
ATOM   645  O  OP2   . A   A 1 31 ? 0.707   12.249  12.893  1.00 50.82 ? 45  A   A OP2   1 
ATOM   646  O  "O5'" . A   A 1 31 ? -1.737  11.919  13.038  1.00 47.33 ? 45  A   A "O5'" 1 
ATOM   647  C  "C5'" . A   A 1 31 ? -3.093  12.313  13.224  1.00 44.44 ? 45  A   A "C5'" 1 
ATOM   648  C  "C4'" . A   A 1 31 ? -4.021  11.294  12.604  1.00 42.83 ? 45  A   A "C4'" 1 
ATOM   649  O  "O4'" . A   A 1 31 ? -3.649  11.074  11.219  1.00 42.10 ? 45  A   A "O4'" 1 
ATOM   650  C  "C3'" . A   A 1 31 ? -3.939  9.896   13.185  1.00 41.69 ? 45  A   A "C3'" 1 
ATOM   651  O  "O3'" . A   A 1 31 ? -4.689  9.786   14.380  1.00 42.15 ? 45  A   A "O3'" 1 
ATOM   652  C  "C2'" . A   A 1 31 ? -4.569  9.061   12.083  1.00 41.14 ? 45  A   A "C2'" 1 
ATOM   653  O  "O2'" . A   A 1 31 ? -5.978  9.093   12.099  1.00 38.71 ? 45  A   A "O2'" 1 
ATOM   654  C  "C1'" . A   A 1 31 ? -4.038  9.763   10.836  1.00 42.42 ? 45  A   A "C1'" 1 
ATOM   655  N  N9    . A   A 1 31 ? -2.882  9.071   10.269  1.00 42.06 ? 45  A   A N9    1 
ATOM   656  C  C8    . A   A 1 31 ? -1.550  9.387   10.356  1.00 41.18 ? 45  A   A C8    1 
ATOM   657  N  N7    . A   A 1 31 ? -0.769  8.560   9.702   1.00 41.44 ? 45  A   A N7    1 
ATOM   658  C  C5    . A   A 1 31 ? -1.647  7.635   9.153   1.00 40.89 ? 45  A   A C5    1 
ATOM   659  C  C6    . A   A 1 31 ? -1.453  6.512   8.332   1.00 40.65 ? 45  A   A C6    1 
ATOM   660  N  N6    . A   A 1 31 ? -0.259  6.116   7.886   1.00 39.96 ? 45  A   A N6    1 
ATOM   661  N  N1    . A   A 1 31 ? -2.544  5.803   7.972   1.00 41.01 ? 45  A   A N1    1 
ATOM   662  C  C2    . A   A 1 31 ? -3.742  6.207   8.399   1.00 40.77 ? 45  A   A C2    1 
ATOM   663  N  N3    . A   A 1 31 ? -4.053  7.249   9.160   1.00 41.45 ? 45  A   A N3    1 
ATOM   664  C  C4    . A   A 1 31 ? -2.948  7.930   9.506   1.00 41.22 ? 45  A   A C4    1 
ATOM   665  P  P     . G   A 1 32 ? -4.268  8.694   15.472  1.00 42.37 ? 46  G   A P     1 
ATOM   666  O  OP1   . G   A 1 32 ? -5.262  8.764   16.570  1.00 42.99 ? 46  G   A OP1   1 
ATOM   667  O  OP2   . G   A 1 32 ? -2.825  8.901   15.774  1.00 41.67 ? 46  G   A OP2   1 
ATOM   668  O  "O5'" . G   A 1 32 ? -4.440  7.299   14.717  1.00 40.31 ? 46  G   A "O5'" 1 
ATOM   669  C  "C5'" . G   A 1 32 ? -5.731  6.835   14.327  1.00 40.61 ? 46  G   A "C5'" 1 
ATOM   670  C  "C4'" . G   A 1 32 ? -5.625  5.500   13.624  1.00 39.97 ? 46  G   A "C4'" 1 
ATOM   671  O  "O4'" . G   A 1 32 ? -4.973  5.685   12.344  1.00 39.87 ? 46  G   A "O4'" 1 
ATOM   672  C  "C3'" . G   A 1 32 ? -4.786  4.443   14.320  1.00 39.96 ? 46  G   A "C3'" 1 
ATOM   673  O  "O3'" . G   A 1 32 ? -5.551  3.741   15.286  1.00 40.83 ? 46  G   A "O3'" 1 
ATOM   674  C  "C2'" . G   A 1 32 ? -4.396  3.536   13.164  1.00 40.64 ? 46  G   A "C2'" 1 
ATOM   675  O  "O2'" . G   A 1 32 ? -5.428  2.646   12.781  1.00 42.61 ? 46  G   A "O2'" 1 
ATOM   676  C  "C1'" . G   A 1 32 ? -4.156  4.560   12.056  1.00 40.41 ? 46  G   A "C1'" 1 
ATOM   677  N  N9    . G   A 1 32 ? -2.764  5.001   11.962  1.00 39.31 ? 46  G   A N9    1 
ATOM   678  C  C8    . G   A 1 32 ? -2.145  5.968   12.718  1.00 38.00 ? 46  G   A C8    1 
ATOM   679  N  N7    . G   A 1 32 ? -0.889  6.140   12.401  1.00 39.23 ? 46  G   A N7    1 
ATOM   680  C  C5    . G   A 1 32 ? -0.663  5.233   11.371  1.00 37.64 ? 46  G   A C5    1 
ATOM   681  C  C6    . G   A 1 32 ? 0.521   4.956   10.619  1.00 37.93 ? 46  G   A C6    1 
ATOM   682  O  O6    . G   A 1 32 ? 1.647   5.478   10.720  1.00 35.09 ? 46  G   A O6    1 
ATOM   683  N  N1    . G   A 1 32 ? 0.304   3.957   9.673   1.00 36.20 ? 46  G   A N1    1 
ATOM   684  C  C2    . G   A 1 32 ? -0.884  3.299   9.477   1.00 37.49 ? 46  G   A C2    1 
ATOM   685  N  N2    . G   A 1 32 ? -0.883  2.348   8.533   1.00 35.55 ? 46  G   A N2    1 
ATOM   686  N  N3    . G   A 1 32 ? -1.993  3.548   10.165  1.00 38.93 ? 46  G   A N3    1 
ATOM   687  C  C4    . G   A 1 32 ? -1.809  4.520   11.089  1.00 38.93 ? 46  G   A C4    1 
ATOM   688  P  P     . U   A 1 33 ? -5.079  3.741   16.821  1.00 41.76 ? 47  U   A P     1 
ATOM   689  O  OP1   . U   A 1 33 ? -6.267  3.342   17.613  1.00 43.20 ? 47  U   A OP1   1 
ATOM   690  O  OP2   . U   A 1 33 ? -4.394  5.025   17.115  1.00 40.71 ? 47  U   A OP2   1 
ATOM   691  O  "O5'" . U   A 1 33 ? -4.011  2.564   16.906  1.00 41.80 ? 47  U   A "O5'" 1 
ATOM   692  C  "C5'" . U   A 1 33 ? -4.320  1.279   16.387  1.00 41.31 ? 47  U   A "C5'" 1 
ATOM   693  C  "C4'" . U   A 1 33 ? -3.335  0.245   16.880  1.00 42.60 ? 47  U   A "C4'" 1 
ATOM   694  O  "O4'" . U   A 1 33 ? -2.153  0.276   16.026  1.00 41.11 ? 47  U   A "O4'" 1 
ATOM   695  C  "C3'" . U   A 1 33 ? -2.809  0.500   18.294  1.00 43.57 ? 47  U   A "C3'" 1 
ATOM   696  O  "O3'" . U   A 1 33 ? -2.422  -0.719  18.925  1.00 47.59 ? 47  U   A "O3'" 1 
ATOM   697  C  "C2'" . U   A 1 33 ? -1.592  1.387   18.048  1.00 42.50 ? 47  U   A "C2'" 1 
ATOM   698  O  "O2'" . U   A 1 33 ? -0.602  1.266   19.050  1.00 41.61 ? 47  U   A "O2'" 1 
ATOM   699  C  "C1'" . U   A 1 33 ? -1.055  0.789   16.752  1.00 41.95 ? 47  U   A "C1'" 1 
ATOM   700  N  N1    . U   A 1 33 ? -0.282  1.708   15.909  1.00 41.97 ? 47  U   A N1    1 
ATOM   701  C  C2    . U   A 1 33 ? 0.903   1.236   15.382  1.00 42.61 ? 47  U   A C2    1 
ATOM   702  O  O2    . U   A 1 33 ? 1.281   0.087   15.532  1.00 42.18 ? 47  U   A O2    1 
ATOM   703  N  N3    . U   A 1 33 ? 1.625   2.155   14.667  1.00 42.83 ? 47  U   A N3    1 
ATOM   704  C  C4    . U   A 1 33 ? 1.278   3.462   14.416  1.00 43.36 ? 47  U   A C4    1 
ATOM   705  O  O4    . U   A 1 33 ? 2.054   4.181   13.796  1.00 45.20 ? 47  U   A O4    1 
ATOM   706  C  C5    . U   A 1 33 ? 0.020   3.865   14.965  1.00 43.24 ? 47  U   A C5    1 
ATOM   707  C  C6    . U   A 1 33 ? -0.700  2.994   15.674  1.00 42.68 ? 47  U   A C6    1 
ATOM   708  P  P     . U   A 1 34 ? -3.360  -1.366  20.066  1.00 49.80 ? 48  U   A P     1 
ATOM   709  O  OP1   . U   A 1 34 ? -2.879  -2.750  20.276  1.00 48.41 ? 48  U   A OP1   1 
ATOM   710  O  OP2   . U   A 1 34 ? -4.777  -1.129  19.689  1.00 49.35 ? 48  U   A OP2   1 
ATOM   711  O  "O5'" . U   A 1 34 ? -3.020  -0.512  21.368  1.00 50.12 ? 48  U   A "O5'" 1 
ATOM   712  C  "C5'" . U   A 1 34 ? -1.717  0.037   21.563  1.00 52.29 ? 48  U   A "C5'" 1 
ATOM   713  C  "C4'" . U   A 1 34 ? -1.645  0.749   22.895  1.00 53.89 ? 48  U   A "C4'" 1 
ATOM   714  O  "O4'" . U   A 1 34 ? -2.246  -0.095  23.892  1.00 55.48 ? 48  U   A "O4'" 1 
ATOM   715  C  "C3'" . U   A 1 34 ? -0.238  1.053   23.410  1.00 53.59 ? 48  U   A "C3'" 1 
ATOM   716  O  "O3'" . U   A 1 34 ? 0.070   2.445   23.338  1.00 52.05 ? 48  U   A "O3'" 1 
ATOM   717  C  "C2'" . U   A 1 34 ? -0.256  0.646   24.892  1.00 54.98 ? 48  U   A "C2'" 1 
ATOM   718  O  "O2'" . U   A 1 34 ? 0.053   1.720   25.757  1.00 56.48 ? 48  U   A "O2'" 1 
ATOM   719  C  "C1'" . U   A 1 34 ? -1.706  0.238   25.138  1.00 56.24 ? 48  U   A "C1'" 1 
ATOM   720  N  N1    . U   A 1 34 ? -1.824  -0.929  26.019  1.00 58.55 ? 48  U   A N1    1 
ATOM   721  C  C2    . U   A 1 34 ? -2.246  -0.711  27.315  1.00 59.99 ? 48  U   A C2    1 
ATOM   722  O  O2    . U   A 1 34 ? -2.520  0.399   27.740  1.00 59.45 ? 48  U   A O2    1 
ATOM   723  N  N3    . U   A 1 34 ? -2.334  -1.839  28.094  1.00 61.20 ? 48  U   A N3    1 
ATOM   724  C  C4    . U   A 1 34 ? -2.047  -3.136  27.712  1.00 62.08 ? 48  U   A C4    1 
ATOM   725  O  O4    . U   A 1 34 ? -2.170  -4.050  28.531  1.00 63.54 ? 48  U   A O4    1 
ATOM   726  C  C5    . U   A 1 34 ? -1.618  -3.278  26.353  1.00 61.33 ? 48  U   A C5    1 
ATOM   727  C  C6    . U   A 1 34 ? -1.525  -2.195  25.573  1.00 60.55 ? 48  U   A C6    1 
ATOM   728  P  P     . U   A 1 35 ? 0.167   3.194   21.911  1.00 50.57 ? 49  U   A P     1 
ATOM   729  O  OP1   . U   A 1 35 ? 0.643   4.566   22.223  1.00 48.96 ? 49  U   A OP1   1 
ATOM   730  O  OP2   . U   A 1 35 ? -1.115  3.009   21.182  1.00 51.09 ? 49  U   A OP2   1 
ATOM   731  O  "O5'" . U   A 1 35 ? 1.314   2.441   21.092  1.00 48.93 ? 49  U   A "O5'" 1 
ATOM   732  C  "C5'" . U   A 1 35 ? 2.343   1.714   21.753  1.00 47.05 ? 49  U   A "C5'" 1 
ATOM   733  C  "C4'" . U   A 1 35 ? 3.603   1.675   20.916  1.00 45.30 ? 49  U   A "C4'" 1 
ATOM   734  O  "O4'" . U   A 1 35 ? 3.910   0.284   20.631  1.00 44.88 ? 49  U   A "O4'" 1 
ATOM   735  C  "C3'" . U   A 1 35 ? 3.524   2.344   19.547  1.00 44.85 ? 49  U   A "C3'" 1 
ATOM   736  O  "O3'" . U   A 1 35 ? 4.816   2.743   19.111  1.00 45.15 ? 49  U   A "O3'" 1 
ATOM   737  C  "C2'" . U   A 1 35 ? 2.997   1.229   18.649  1.00 44.61 ? 49  U   A "C2'" 1 
ATOM   738  O  "O2'" . U   A 1 35 ? 3.435   1.343   17.306  1.00 44.85 ? 49  U   A "O2'" 1 
ATOM   739  C  "C1'" . U   A 1 35 ? 3.668   0.008   19.267  1.00 43.43 ? 49  U   A "C1'" 1 
ATOM   740  N  N1    . U   A 1 35 ? 2.915   -1.247  19.150  1.00 42.82 ? 49  U   A N1    1 
ATOM   741  C  C2    . U   A 1 35 ? 3.643   -2.397  18.905  1.00 41.95 ? 49  U   A C2    1 
ATOM   742  O  O2    . U   A 1 35 ? 4.859   -2.401  18.800  1.00 43.84 ? 49  U   A O2    1 
ATOM   743  N  N3    . U   A 1 35 ? 2.901   -3.542  18.788  1.00 41.94 ? 49  U   A N3    1 
ATOM   744  C  C4    . U   A 1 35 ? 1.534   -3.656  18.889  1.00 41.96 ? 49  U   A C4    1 
ATOM   745  O  O4    . U   A 1 35 ? 1.016   -4.767  18.783  1.00 40.74 ? 49  U   A O4    1 
ATOM   746  C  C5    . U   A 1 35 ? 0.848   -2.422  19.145  1.00 42.73 ? 49  U   A C5    1 
ATOM   747  C  C6    . U   A 1 35 ? 1.546   -1.288  19.265  1.00 42.78 ? 49  U   A C6    1 
ATOM   748  P  P     . C   A 1 36 ? 4.965   3.945   18.053  1.00 47.52 ? 50  C   A P     1 
ATOM   749  O  OP1   . C   A 1 36 ? 4.836   5.226   18.797  1.00 47.55 ? 50  C   A OP1   1 
ATOM   750  O  OP2   . C   A 1 36 ? 4.073   3.678   16.891  1.00 46.63 ? 50  C   A OP2   1 
ATOM   751  O  "O5'" . C   A 1 36 ? 6.468   3.810   17.538  1.00 47.55 ? 50  C   A "O5'" 1 
ATOM   752  C  "C5'" . C   A 1 36 ? 7.567   4.003   18.420  1.00 45.12 ? 50  C   A "C5'" 1 
ATOM   753  C  "C4'" . C   A 1 36 ? 8.737   3.164   17.974  1.00 44.39 ? 50  C   A "C4'" 1 
ATOM   754  O  "O4'" . C   A 1 36 ? 8.434   1.769   18.215  1.00 43.32 ? 50  C   A "O4'" 1 
ATOM   755  C  "C3'" . C   A 1 36 ? 9.023   3.191   16.486  1.00 44.18 ? 50  C   A "C3'" 1 
ATOM   756  O  "O3'" . C   A 1 36 ? 9.778   4.339   16.137  1.00 45.88 ? 50  C   A "O3'" 1 
ATOM   757  C  "C2'" . C   A 1 36 ? 9.818   1.906   16.286  1.00 42.88 ? 50  C   A "C2'" 1 
ATOM   758  O  "O2'" . C   A 1 36 ? 11.184  2.031   16.637  1.00 41.94 ? 50  C   A "O2'" 1 
ATOM   759  C  "C1'" . C   A 1 36 ? 9.126   0.967   17.274  1.00 41.68 ? 50  C   A "C1'" 1 
ATOM   760  N  N1    . C   A 1 36 ? 8.158   0.052   16.656  1.00 40.83 ? 50  C   A N1    1 
ATOM   761  C  C2    . C   A 1 36 ? 8.625   -0.942  15.794  1.00 40.15 ? 50  C   A C2    1 
ATOM   762  O  O2    . C   A 1 36 ? 9.842   -1.003  15.552  1.00 37.21 ? 50  C   A O2    1 
ATOM   763  N  N3    . C   A 1 36 ? 7.737   -1.810  15.249  1.00 38.85 ? 50  C   A N3    1 
ATOM   764  C  C4    . C   A 1 36 ? 6.435   -1.705  15.535  1.00 38.35 ? 50  C   A C4    1 
ATOM   765  N  N4    . C   A 1 36 ? 5.598   -2.589  14.990  1.00 36.64 ? 50  C   A N4    1 
ATOM   766  C  C5    . C   A 1 36 ? 5.935   -0.689  16.397  1.00 38.39 ? 50  C   A C5    1 
ATOM   767  C  C6    . C   A 1 36 ? 6.822   0.160   16.930  1.00 40.40 ? 50  C   A C6    1 
ATOM   768  P  P     . U   A 1 37 ? 9.399   5.152   14.807  1.00 47.70 ? 51  U   A P     1 
ATOM   769  O  OP1   . U   A 1 37 ? 10.420  6.207   14.584  1.00 48.45 ? 51  U   A OP1   1 
ATOM   770  O  OP2   . U   A 1 37 ? 7.962   5.531   14.918  1.00 48.30 ? 51  U   A OP2   1 
ATOM   771  O  "O5'" . U   A 1 37 ? 9.546   4.060   13.655  1.00 47.23 ? 51  U   A "O5'" 1 
ATOM   772  C  "C5'" . U   A 1 37 ? 10.829  3.580   13.265  1.00 46.01 ? 51  U   A "C5'" 1 
ATOM   773  C  "C4'" . U   A 1 37 ? 10.690  2.394   12.337  1.00 45.07 ? 51  U   A "C4'" 1 
ATOM   774  O  "O4'" . U   A 1 37 ? 10.046  1.299   13.042  1.00 44.67 ? 51  U   A "O4'" 1 
ATOM   775  C  "C3'" . U   A 1 37 ? 9.827   2.591   11.101  1.00 44.99 ? 51  U   A "C3'" 1 
ATOM   776  O  "O3'" . U   A 1 37 ? 10.568  3.212   10.055  1.00 46.04 ? 51  U   A "O3'" 1 
ATOM   777  C  "C2'" . U   A 1 37 ? 9.474   1.151   10.753  1.00 44.79 ? 51  U   A "C2'" 1 
ATOM   778  O  "O2'" . U   A 1 37 ? 10.543  0.447   10.163  1.00 44.97 ? 51  U   A "O2'" 1 
ATOM   779  C  "C1'" . U   A 1 37 ? 9.231   0.567   12.142  1.00 43.47 ? 51  U   A "C1'" 1 
ATOM   780  N  N1    . U   A 1 37 ? 7.834   0.678   12.583  1.00 43.12 ? 51  U   A N1    1 
ATOM   781  C  C2    . U   A 1 37 ? 6.960   -0.299  12.166  1.00 41.95 ? 51  U   A C2    1 
ATOM   782  O  O2    . U   A 1 37 ? 7.294   -1.208  11.431  1.00 43.43 ? 51  U   A O2    1 
ATOM   783  N  N3    . U   A 1 37 ? 5.678   -0.170  12.639  1.00 41.85 ? 51  U   A N3    1 
ATOM   784  C  C4    . U   A 1 37 ? 5.192   0.827   13.466  1.00 42.15 ? 51  U   A C4    1 
ATOM   785  O  O4    . U   A 1 37 ? 4.020   0.776   13.854  1.00 41.84 ? 51  U   A O4    1 
ATOM   786  C  C5    . U   A 1 37 ? 6.156   1.816   13.837  1.00 41.30 ? 51  U   A C5    1 
ATOM   787  C  C6    . U   A 1 37 ? 7.414   1.711   13.394  1.00 42.55 ? 51  U   A C6    1 
ATOM   788  P  P     . A   A 1 38 ? 9.794   3.964   8.857   1.00 47.35 ? 52  A   A P     1 
ATOM   789  O  OP1   . A   A 1 38 ? 10.826  4.486   7.926   1.00 48.43 ? 52  A   A OP1   1 
ATOM   790  O  OP2   . A   A 1 38 ? 8.795   4.896   9.438   1.00 45.47 ? 52  A   A OP2   1 
ATOM   791  O  "O5'" . A   A 1 38 ? 9.008   2.805   8.102   1.00 44.86 ? 52  A   A "O5'" 1 
ATOM   792  C  "C5'" . A   A 1 38 ? 9.711   1.790   7.401   1.00 41.81 ? 52  A   A "C5'" 1 
ATOM   793  C  "C4'" . A   A 1 38 ? 8.740   0.765   6.885   1.00 39.47 ? 52  A   A "C4'" 1 
ATOM   794  O  "O4'" . A   A 1 38 ? 8.027   0.199   8.012   1.00 38.52 ? 52  A   A "O4'" 1 
ATOM   795  C  "C3'" . A   A 1 38 ? 7.664   1.338   5.975   1.00 39.13 ? 52  A   A "C3'" 1 
ATOM   796  O  "O3'" . A   A 1 38 ? 8.117   1.277   4.628   1.00 39.39 ? 52  A   A "O3'" 1 
ATOM   797  C  "C2'" . A   A 1 38 ? 6.487   0.393   6.204   1.00 37.57 ? 52  A   A "C2'" 1 
ATOM   798  O  "O2'" . A   A 1 38 ? 6.571   -0.776  5.420   1.00 37.70 ? 52  A   A "O2'" 1 
ATOM   799  C  "C1'" . A   A 1 38 ? 6.661   0.021   7.678   1.00 37.26 ? 52  A   A "C1'" 1 
ATOM   800  N  N9    . A   A 1 38 ? 5.850   0.812   8.606   1.00 36.13 ? 52  A   A N9    1 
ATOM   801  C  C8    . A   A 1 38 ? 6.193   1.983   9.239   1.00 35.05 ? 52  A   A C8    1 
ATOM   802  N  N7    . A   A 1 38 ? 5.261   2.445   10.041  1.00 34.06 ? 52  A   A N7    1 
ATOM   803  C  C5    . A   A 1 38 ? 4.227   1.523   9.921   1.00 33.54 ? 52  A   A C5    1 
ATOM   804  C  C6    . A   A 1 38 ? 2.941   1.449   10.511  1.00 32.64 ? 52  A   A C6    1 
ATOM   805  N  N6    . A   A 1 38 ? 2.462   2.355   11.371  1.00 29.10 ? 52  A   A N6    1 
ATOM   806  N  N1    . A   A 1 38 ? 2.156   0.404   10.173  1.00 31.92 ? 52  A   A N1    1 
ATOM   807  C  C2    . A   A 1 38 ? 2.629   -0.498  9.297   1.00 34.59 ? 52  A   A C2    1 
ATOM   808  N  N3    . A   A 1 38 ? 3.813   -0.536  8.675   1.00 34.19 ? 52  A   A N3    1 
ATOM   809  C  C4    . A   A 1 38 ? 4.573   0.514   9.036   1.00 34.11 ? 52  A   A C4    1 
ATOM   810  P  P     . C   A 1 39 ? 7.805   2.493   3.621   1.00 39.73 ? 53  C   A P     1 
ATOM   811  O  OP1   . C   A 1 39 ? 8.526   2.214   2.346   1.00 41.11 ? 53  C   A OP1   1 
ATOM   812  O  OP2   . C   A 1 39 ? 8.051   3.772   4.339   1.00 38.08 ? 53  C   A OP2   1 
ATOM   813  O  "O5'" . C   A 1 39 ? 6.236   2.387   3.361   1.00 38.77 ? 53  C   A "O5'" 1 
ATOM   814  C  "C5'" . C   A 1 39 ? 5.688   1.384   2.513   1.00 37.29 ? 53  C   A "C5'" 1 
ATOM   815  C  "C4'" . C   A 1 39 ? 4.195   1.285   2.730   1.00 37.89 ? 53  C   A "C4'" 1 
ATOM   816  O  "O4'" . C   A 1 39 ? 3.976   0.946   4.125   1.00 38.46 ? 53  C   A "O4'" 1 
ATOM   817  C  "C3'" . C   A 1 39 ? 3.391   2.564   2.522   1.00 37.95 ? 53  C   A "C3'" 1 
ATOM   818  O  "O3'" . C   A 1 39 ? 2.947   2.679   1.173   1.00 38.34 ? 53  C   A "O3'" 1 
ATOM   819  C  "C2'" . C   A 1 39 ? 2.179   2.328   3.422   1.00 37.50 ? 53  C   A "C2'" 1 
ATOM   820  O  "O2'" . C   A 1 39 ? 1.191   1.500   2.853   1.00 37.70 ? 53  C   A "O2'" 1 
ATOM   821  C  "C1'" . C   A 1 39 ? 2.804   1.585   4.595   1.00 38.67 ? 53  C   A "C1'" 1 
ATOM   822  N  N1    . C   A 1 39 ? 3.156   2.490   5.699   1.00 40.07 ? 53  C   A N1    1 
ATOM   823  C  C2    . C   A 1 39 ? 2.320   2.528   6.815   1.00 38.83 ? 53  C   A C2    1 
ATOM   824  O  O2    . C   A 1 39 ? 1.356   1.755   6.862   1.00 39.53 ? 53  C   A O2    1 
ATOM   825  N  N3    . C   A 1 39 ? 2.585   3.398   7.811   1.00 39.46 ? 53  C   A N3    1 
ATOM   826  C  C4    . C   A 1 39 ? 3.652   4.198   7.727   1.00 40.44 ? 53  C   A C4    1 
ATOM   827  N  N4    . C   A 1 39 ? 3.874   5.050   8.729   1.00 42.20 ? 53  C   A N4    1 
ATOM   828  C  C5    . C   A 1 39 ? 4.541   4.159   6.611   1.00 40.60 ? 53  C   A C5    1 
ATOM   829  C  C6    . C   A 1 39 ? 4.259   3.297   5.632   1.00 38.63 ? 53  C   A C6    1 
ATOM   830  P  P     . C   A 1 40 ? 3.640   3.733   0.174   1.00 38.35 ? 54  C   A P     1 
ATOM   831  O  OP1   . C   A 1 40 ? 4.839   4.300   0.830   1.00 40.08 ? 54  C   A OP1   1 
ATOM   832  O  OP2   . C   A 1 40 ? 2.572   4.641   -0.313  1.00 36.17 ? 54  C   A OP2   1 
ATOM   833  O  "O5'" . C   A 1 40 ? 4.118   2.826   -1.051  1.00 37.67 ? 54  C   A "O5'" 1 
ATOM   834  C  "C5'" . C   A 1 40 ? 5.492   2.508   -1.227  1.00 37.17 ? 54  C   A "C5'" 1 
ATOM   835  C  "C4'" . C   A 1 40 ? 5.701   1.009   -1.363  1.00 36.74 ? 54  C   A "C4'" 1 
ATOM   836  O  "O4'" . C   A 1 40 ? 4.953   0.250   -0.381  1.00 35.50 ? 54  C   A "O4'" 1 
ATOM   837  C  "C3'" . C   A 1 40 ? 5.290   0.299   -2.644  1.00 36.26 ? 54  C   A "C3'" 1 
ATOM   838  O  "O3'" . C   A 1 40 ? 6.147   0.612   -3.733  1.00 37.40 ? 54  C   A "O3'" 1 
ATOM   839  C  "C2'" . C   A 1 40 ? 5.486   -1.154  -2.222  1.00 35.71 ? 54  C   A "C2'" 1 
ATOM   840  O  "O2'" . C   A 1 40 ? 6.845   -1.558  -2.212  1.00 33.41 ? 54  C   A "O2'" 1 
ATOM   841  C  "C1'" . C   A 1 40 ? 4.953   -1.118  -0.786  1.00 33.85 ? 54  C   A "C1'" 1 
ATOM   842  N  N1    . C   A 1 40 ? 3.585   -1.647  -0.716  1.00 31.55 ? 54  C   A N1    1 
ATOM   843  C  C2    . C   A 1 40 ? 3.407   -3.031  -0.776  1.00 30.96 ? 54  C   A C2    1 
ATOM   844  O  O2    . C   A 1 40 ? 4.403   -3.755  -0.916  1.00 27.99 ? 54  C   A O2    1 
ATOM   845  N  N3    . C   A 1 40 ? 2.159   -3.542  -0.682  1.00 31.73 ? 54  C   A N3    1 
ATOM   846  C  C4    . C   A 1 40 ? 1.115   -2.727  -0.535  1.00 32.19 ? 54  C   A C4    1 
ATOM   847  N  N4    . C   A 1 40 ? -0.094  -3.277  -0.409  1.00 31.10 ? 54  C   A N4    1 
ATOM   848  C  C5    . C   A 1 40 ? 1.265   -1.311  -0.500  1.00 32.25 ? 54  C   A C5    1 
ATOM   849  C  C6    . C   A 1 40 ? 2.508   -0.819  -0.593  1.00 30.99 ? 54  C   A C6    1 
ATOM   850  P  P     . G   A 1 41 ? 5.756   0.141   -5.223  1.00 35.62 ? 55  G   A P     1 
ATOM   851  O  OP1   . G   A 1 41 ? 6.788   0.722   -6.111  1.00 37.94 ? 55  G   A OP1   1 
ATOM   852  O  OP2   . G   A 1 41 ? 4.326   0.431   -5.479  1.00 32.82 ? 55  G   A OP2   1 
ATOM   853  O  "O5'" . G   A 1 41 ? 5.987   -1.430  -5.220  1.00 33.96 ? 55  G   A "O5'" 1 
ATOM   854  C  "C5'" . G   A 1 41 ? 7.198   -1.969  -5.731  1.00 34.38 ? 55  G   A "C5'" 1 
ATOM   855  C  "C4'" . G   A 1 41 ? 7.053   -3.449  -5.964  1.00 33.06 ? 55  G   A "C4'" 1 
ATOM   856  O  "O4'" . G   A 1 41 ? 6.349   -4.030  -4.833  1.00 32.51 ? 55  G   A "O4'" 1 
ATOM   857  C  "C3'" . G   A 1 41 ? 6.189   -3.857  -7.143  1.00 32.66 ? 55  G   A "C3'" 1 
ATOM   858  O  "O3'" . G   A 1 41 ? 6.876   -3.753  -8.387  1.00 31.94 ? 55  G   A "O3'" 1 
ATOM   859  C  "C2'" . G   A 1 41 ? 5.836   -5.288  -6.765  1.00 30.93 ? 55  G   A "C2'" 1 
ATOM   860  O  "O2'" . G   A 1 41 ? 6.893   -6.212  -6.899  1.00 30.17 ? 55  G   A "O2'" 1 
ATOM   861  C  "C1'" . G   A 1 41 ? 5.560   -5.119  -5.277  1.00 29.54 ? 55  G   A "C1'" 1 
ATOM   862  N  N9    . G   A 1 41 ? 4.163   -4.837  -4.970  1.00 27.82 ? 55  G   A N9    1 
ATOM   863  C  C8    . G   A 1 41 ? 3.590   -3.616  -4.701  1.00 24.76 ? 55  G   A C8    1 
ATOM   864  N  N7    . G   A 1 41 ? 2.325   -3.703  -4.381  1.00 25.12 ? 55  G   A N7    1 
ATOM   865  C  C5    . G   A 1 41 ? 2.044   -5.060  -4.459  1.00 24.64 ? 55  G   A C5    1 
ATOM   866  C  C6    . G   A 1 41 ? 0.848   -5.767  -4.192  1.00 25.15 ? 55  G   A C6    1 
ATOM   867  O  O6    . G   A 1 41 ? -0.236  -5.324  -3.798  1.00 25.28 ? 55  G   A O6    1 
ATOM   868  N  N1    . G   A 1 41 ? 0.999   -7.132  -4.408  1.00 23.65 ? 55  G   A N1    1 
ATOM   869  C  C2    . G   A 1 41 ? 2.153   -7.744  -4.818  1.00 24.70 ? 55  G   A C2    1 
ATOM   870  N  N2    . G   A 1 41 ? 2.085   -9.073  -4.974  1.00 22.58 ? 55  G   A N2    1 
ATOM   871  N  N3    . G   A 1 41 ? 3.288   -7.100  -5.059  1.00 25.55 ? 55  G   A N3    1 
ATOM   872  C  C4    . G   A 1 41 ? 3.160   -5.770  -4.855  1.00 25.95 ? 55  G   A C4    1 
ATOM   873  P  P     . G   A 1 42 ? 6.081   -3.259  -9.690  1.00 32.03 ? 56  G   A P     1 
ATOM   874  O  OP1   . G   A 1 42 ? 7.112   -2.856  -10.682 1.00 34.10 ? 56  G   A OP1   1 
ATOM   875  O  OP2   . G   A 1 42 ? 5.022   -2.296  -9.299  1.00 32.08 ? 56  G   A OP2   1 
ATOM   876  O  "O5'" . G   A 1 42 ? 5.339   -4.572  -10.205 1.00 33.31 ? 56  G   A "O5'" 1 
ATOM   877  C  "C5'" . G   A 1 42 ? 6.071   -5.636  -10.805 1.00 30.88 ? 56  G   A "C5'" 1 
ATOM   878  C  "C4'" . G   A 1 42 ? 5.304   -6.930  -10.689 1.00 29.60 ? 56  G   A "C4'" 1 
ATOM   879  O  "O4'" . G   A 1 42 ? 4.927   -7.135  -9.300  1.00 30.04 ? 56  G   A "O4'" 1 
ATOM   880  C  "C3'" . G   A 1 42 ? 3.975   -6.985  -11.420 1.00 29.61 ? 56  G   A "C3'" 1 
ATOM   881  O  "O3'" . G   A 1 42 ? 4.135   -7.275  -12.802 1.00 29.07 ? 56  G   A "O3'" 1 
ATOM   882  C  "C2'" . G   A 1 42 ? 3.292   -8.122  -10.680 1.00 30.35 ? 56  G   A "C2'" 1 
ATOM   883  O  "O2'" . G   A 1 42 ? 3.822   -9.393  -10.993 1.00 29.74 ? 56  G   A "O2'" 1 
ATOM   884  C  "C1'" . G   A 1 42 ? 3.657   -7.767  -9.243  1.00 29.89 ? 56  G   A "C1'" 1 
ATOM   885  N  N9    . G   A 1 42 ? 2.691   -6.829  -8.683  1.00 30.97 ? 56  G   A N9    1 
ATOM   886  C  C8    . G   A 1 42 ? 2.835   -5.470  -8.521  1.00 29.50 ? 56  G   A C8    1 
ATOM   887  N  N7    . G   A 1 42 ? 1.775   -4.903  -8.012  1.00 28.50 ? 56  G   A N7    1 
ATOM   888  C  C5    . G   A 1 42 ? 0.885   -5.952  -7.818  1.00 29.22 ? 56  G   A C5    1 
ATOM   889  C  C6    . G   A 1 42 ? -0.435  -5.955  -7.289  1.00 30.45 ? 56  G   A C6    1 
ATOM   890  O  O6    . G   A 1 42 ? -1.103  -4.996  -6.871  1.00 30.74 ? 56  G   A O6    1 
ATOM   891  N  N1    . G   A 1 42 ? -0.977  -7.239  -7.277  1.00 30.07 ? 56  G   A N1    1 
ATOM   892  C  C2    . G   A 1 42 ? -0.337  -8.371  -7.722  1.00 29.72 ? 56  G   A C2    1 
ATOM   893  N  N2    . G   A 1 42 ? -1.027  -9.521  -7.642  1.00 28.18 ? 56  G   A N2    1 
ATOM   894  N  N3    . G   A 1 42 ? 0.892   -8.378  -8.212  1.00 30.02 ? 56  G   A N3    1 
ATOM   895  C  C4    . G   A 1 42 ? 1.437   -7.144  -8.228  1.00 29.18 ? 56  G   A C4    1 
ATOM   896  P  P     . G   A 1 43 ? 3.046   -6.746  -13.852 1.00 31.52 ? 57  G   A P     1 
ATOM   897  O  OP1   . G   A 1 43 ? 3.626   -6.894  -15.200 1.00 31.25 ? 57  G   A OP1   1 
ATOM   898  O  OP2   . G   A 1 43 ? 2.579   -5.417  -13.390 1.00 30.18 ? 57  G   A OP2   1 
ATOM   899  O  "O5'" . G   A 1 43 ? 1.818   -7.754  -13.712 1.00 30.27 ? 57  G   A "O5'" 1 
ATOM   900  C  "C5'" . G   A 1 43 ? 2.014   -9.152  -13.864 1.00 26.48 ? 57  G   A "C5'" 1 
ATOM   901  C  "C4'" . G   A 1 43 ? 0.755   -9.903  -13.507 1.00 24.97 ? 57  G   A "C4'" 1 
ATOM   902  O  "O4'" . G   A 1 43 ? 0.494   -9.759  -12.087 1.00 27.22 ? 57  G   A "O4'" 1 
ATOM   903  C  "C3'" . G   A 1 43 ? -0.535  -9.437  -14.152 1.00 25.86 ? 57  G   A "C3'" 1 
ATOM   904  O  "O3'" . G   A 1 43 ? -0.683  -9.965  -15.460 1.00 26.55 ? 57  G   A "O3'" 1 
ATOM   905  C  "C2'" . G   A 1 43 ? -1.561  -10.055 -13.213 1.00 26.30 ? 57  G   A "C2'" 1 
ATOM   906  O  "O2'" . G   A 1 43 ? -1.680  -11.452 -13.402 1.00 26.81 ? 57  G   A "O2'" 1 
ATOM   907  C  "C1'" . G   A 1 43 ? -0.910  -9.781  -11.859 1.00 24.87 ? 57  G   A "C1'" 1 
ATOM   908  N  N9    . G   A 1 43 ? -1.302  -8.501  -11.275 1.00 23.68 ? 57  G   A N9    1 
ATOM   909  C  C8    . G   A 1 43 ? -0.560  -7.341  -11.245 1.00 22.38 ? 57  G   A C8    1 
ATOM   910  N  N7    . G   A 1 43 ? -1.168  -6.363  -10.628 1.00 21.98 ? 57  G   A N7    1 
ATOM   911  C  C5    . G   A 1 43 ? -2.384  -6.905  -10.234 1.00 20.74 ? 57  G   A C5    1 
ATOM   912  C  C6    . G   A 1 43 ? -3.461  -6.320  -9.519  1.00 21.31 ? 57  G   A C6    1 
ATOM   913  O  O6    . G   A 1 43 ? -3.560  -5.171  -9.087  1.00 23.37 ? 57  G   A O6    1 
ATOM   914  N  N1    . G   A 1 43 ? -4.502  -7.223  -9.328  1.00 21.01 ? 57  G   A N1    1 
ATOM   915  C  C2    . G   A 1 43 ? -4.508  -8.523  -9.773  1.00 20.74 ? 57  G   A C2    1 
ATOM   916  N  N2    . G   A 1 43 ? -5.615  -9.232  -9.519  1.00 21.64 ? 57  G   A N2    1 
ATOM   917  N  N3    . G   A 1 43 ? -3.507  -9.082  -10.430 1.00 20.47 ? 57  G   A N3    1 
ATOM   918  C  C4    . G   A 1 43 ? -2.485  -8.221  -10.628 1.00 20.89 ? 57  G   A C4    1 
ATOM   919  P  P     . C   A 1 44 ? -1.510  -9.147  -16.562 1.00 27.76 ? 58  C   A P     1 
ATOM   920  O  OP1   . C   A 1 44 ? -1.632  -9.961  -17.790 1.00 29.30 ? 58  C   A OP1   1 
ATOM   921  O  OP2   . C   A 1 44 ? -0.909  -7.791  -16.640 1.00 31.78 ? 58  C   A OP2   1 
ATOM   922  O  "O5'" . C   A 1 44 ? -2.957  -9.016  -15.927 1.00 29.23 ? 58  C   A "O5'" 1 
ATOM   923  C  "C5'" . C   A 1 44 ? -3.946  -10.005 -16.177 1.00 28.44 ? 58  C   A "C5'" 1 
ATOM   924  C  "C4'" . C   A 1 44 ? -5.145  -9.760  -15.308 1.00 28.01 ? 58  C   A "C4'" 1 
ATOM   925  O  "O4'" . C   A 1 44 ? -4.712  -9.435  -13.954 1.00 27.55 ? 58  C   A "O4'" 1 
ATOM   926  C  "C3'" . C   A 1 44 ? -5.990  -8.556  -15.662 1.00 26.74 ? 58  C   A "C3'" 1 
ATOM   927  O  "O3'" . C   A 1 44 ? -6.826  -8.790  -16.774 1.00 26.67 ? 58  C   A "O3'" 1 
ATOM   928  C  "C2'" . C   A 1 44 ? -6.784  -8.406  -14.381 1.00 27.01 ? 58  C   A "C2'" 1 
ATOM   929  O  "O2'" . C   A 1 44 ? -7.715  -9.449  -14.216 1.00 25.03 ? 58  C   A "O2'" 1 
ATOM   930  C  "C1'" . C   A 1 44 ? -5.660  -8.548  -13.362 1.00 27.75 ? 58  C   A "C1'" 1 
ATOM   931  N  N1    . C   A 1 44 ? -5.004  -7.252  -13.112 1.00 25.88 ? 58  C   A N1    1 
ATOM   932  C  C2    . C   A 1 44 ? -5.664  -6.335  -12.313 1.00 28.41 ? 58  C   A C2    1 
ATOM   933  O  O2    . C   A 1 44 ? -6.807  -6.620  -11.900 1.00 27.96 ? 58  C   A O2    1 
ATOM   934  N  N3    . C   A 1 44 ? -5.055  -5.158  -12.020 1.00 27.75 ? 58  C   A N3    1 
ATOM   935  C  C4    . C   A 1 44 ? -3.842  -4.890  -12.521 1.00 28.67 ? 58  C   A C4    1 
ATOM   936  N  N4    . C   A 1 44 ? -3.259  -3.734  -12.180 1.00 26.61 ? 58  C   A N4    1 
ATOM   937  C  C5    . C   A 1 44 ? -3.169  -5.800  -13.381 1.00 27.34 ? 58  C   A C5    1 
ATOM   938  C  C6    . C   A 1 44 ? -3.778  -6.958  -13.642 1.00 27.23 ? 58  C   A C6    1 
ATOM   939  P  P     . A   A 1 45 ? -7.129  -7.593  -17.800 1.00 31.32 ? 59  A   A P     1 
ATOM   940  O  OP1   . A   A 1 45 ? -7.711  -8.236  -19.004 1.00 32.87 ? 59  A   A OP1   1 
ATOM   941  O  OP2   . A   A 1 45 ? -5.913  -6.745  -17.929 1.00 30.83 ? 59  A   A OP2   1 
ATOM   942  O  "O5'" . A   A 1 45 ? -8.246  -6.721  -17.070 1.00 30.01 ? 59  A   A "O5'" 1 
ATOM   943  C  "C5'" . A   A 1 45 ? -9.522  -7.274  -16.773 1.00 30.25 ? 59  A   A "C5'" 1 
ATOM   944  C  "C4'" . A   A 1 45 ? -10.267 -6.389  -15.794 1.00 30.26 ? 59  A   A "C4'" 1 
ATOM   945  O  "O4'" . A   A 1 45 ? -9.443  -6.149  -14.628 1.00 29.35 ? 59  A   A "O4'" 1 
ATOM   946  C  "C3'" . A   A 1 45 ? -10.642 -5.002  -16.288 1.00 29.94 ? 59  A   A "C3'" 1 
ATOM   947  O  "O3'" . A   A 1 45 ? -11.906 -5.043  -16.922 1.00 31.10 ? 59  A   A "O3'" 1 
ATOM   948  C  "C2'" . A   A 1 45 ? -10.790 -4.229  -14.989 1.00 30.14 ? 59  A   A "C2'" 1 
ATOM   949  O  "O2'" . A   A 1 45 ? -12.035 -4.456  -14.356 1.00 26.81 ? 59  A   A "O2'" 1 
ATOM   950  C  "C1'" . A   A 1 45 ? -9.663  -4.829  -14.159 1.00 30.21 ? 59  A   A "C1'" 1 
ATOM   951  N  N9    . A   A 1 45 ? -8.422  -4.083  -14.307 1.00 29.50 ? 59  A   A N9    1 
ATOM   952  C  C8    . A   A 1 45 ? -7.299  -4.451  -15.005 1.00 30.74 ? 59  A   A C8    1 
ATOM   953  N  N7    . A   A 1 45 ? -6.311  -3.602  -14.899 1.00 30.44 ? 59  A   A N7    1 
ATOM   954  C  C5    . A   A 1 45 ? -6.825  -2.599  -14.089 1.00 29.35 ? 59  A   A C5    1 
ATOM   955  C  C6    . A   A 1 45 ? -6.268  -1.423  -13.588 1.00 28.54 ? 59  A   A C6    1 
ATOM   956  N  N6    . A   A 1 45 ? -5.002  -1.057  -13.815 1.00 28.90 ? 59  A   A N6    1 
ATOM   957  N  N1    . A   A 1 45 ? -7.053  -0.629  -12.828 1.00 28.47 ? 59  A   A N1    1 
ATOM   958  C  C2    . A   A 1 45 ? -8.307  -1.016  -12.580 1.00 29.61 ? 59  A   A C2    1 
ATOM   959  N  N3    . A   A 1 45 ? -8.939  -2.118  -12.975 1.00 29.80 ? 59  A   A N3    1 
ATOM   960  C  C4    . A   A 1 45 ? -8.131  -2.874  -13.736 1.00 29.89 ? 59  A   A C4    1 
ATOM   961  P  P     . C   A 1 46 ? -12.201 -4.066  -18.149 1.00 31.42 ? 60  C   A P     1 
ATOM   962  O  OP1   . C   A 1 46 ? -13.580 -4.365  -18.599 1.00 33.46 ? 60  C   A OP1   1 
ATOM   963  O  OP2   . C   A 1 46 ? -11.075 -4.178  -19.109 1.00 30.32 ? 60  C   A OP2   1 
ATOM   964  O  "O5'" . C   A 1 46 ? -12.164 -2.607  -17.499 1.00 32.36 ? 60  C   A "O5'" 1 
ATOM   965  C  "C5'" . C   A 1 46 ? -13.095 -2.236  -16.483 1.00 31.73 ? 60  C   A "C5'" 1 
ATOM   966  C  "C4'" . C   A 1 46 ? -12.703 -0.915  -15.868 1.00 29.60 ? 60  C   A "C4'" 1 
ATOM   967  O  "O4'" . C   A 1 46 ? -11.487 -1.093  -15.094 1.00 27.97 ? 60  C   A "O4'" 1 
ATOM   968  C  "C3'" . C   A 1 46 ? -12.358 0.177   -16.867 1.00 30.50 ? 60  C   A "C3'" 1 
ATOM   969  O  "O3'" . C   A 1 46 ? -13.527 0.863   -17.282 1.00 31.18 ? 60  C   A "O3'" 1 
ATOM   970  C  "C2'" . C   A 1 46 ? -11.441 1.070   -16.047 1.00 29.34 ? 60  C   A "C2'" 1 
ATOM   971  O  "O2'" . C   A 1 46 ? -12.121 1.891   -15.120 1.00 30.93 ? 60  C   A "O2'" 1 
ATOM   972  C  "C1'" . C   A 1 46 ? -10.636 0.026   -15.283 1.00 27.70 ? 60  C   A "C1'" 1 
ATOM   973  N  N1    . C   A 1 46 ? -9.438  -0.399  -16.020 1.00 26.16 ? 60  C   A N1    1 
ATOM   974  C  C2    . C   A 1 46 ? -8.305  0.432   -15.977 1.00 27.18 ? 60  C   A C2    1 
ATOM   975  O  O2    . C   A 1 46 ? -8.385  1.530   -15.379 1.00 21.94 ? 60  C   A O2    1 
ATOM   976  N  N3    . C   A 1 46 ? -7.170  0.027   -16.594 1.00 25.94 ? 60  C   A N3    1 
ATOM   977  C  C4    . C   A 1 46 ? -7.145  -1.136  -17.260 1.00 28.73 ? 60  C   A C4    1 
ATOM   978  N  N4    . C   A 1 46 ? -5.991  -1.504  -17.841 1.00 27.50 ? 60  C   A N4    1 
ATOM   979  C  C5    . C   A 1 46 ? -8.297  -1.975  -17.358 1.00 26.91 ? 60  C   A C5    1 
ATOM   980  C  C6    . C   A 1 46 ? -9.411  -1.573  -16.726 1.00 28.02 ? 60  C   A C6    1 
ATOM   981  P  P     . C   A 1 47 ? -13.668 1.350   -18.805 1.00 32.30 ? 61  C   A P     1 
ATOM   982  O  OP1   . C   A 1 47 ? -15.125 1.507   -19.052 1.00 35.13 ? 61  C   A OP1   1 
ATOM   983  O  OP2   . C   A 1 47 ? -12.855 0.482   -19.692 1.00 33.72 ? 61  C   A OP2   1 
ATOM   984  O  "O5'" . C   A 1 47 ? -13.011 2.799   -18.799 1.00 34.07 ? 61  C   A "O5'" 1 
ATOM   985  C  "C5'" . C   A 1 47 ? -13.357 3.736   -17.786 1.00 32.61 ? 61  C   A "C5'" 1 
ATOM   986  C  "C4'" . C   A 1 47 ? -12.232 4.710   -17.581 1.00 33.09 ? 61  C   A "C4'" 1 
ATOM   987  O  "O4'" . C   A 1 47 ? -11.063 4.001   -17.103 1.00 31.12 ? 61  C   A "O4'" 1 
ATOM   988  C  "C3'" . C   A 1 47 ? -11.749 5.370   -18.855 1.00 34.42 ? 61  C   A "C3'" 1 
ATOM   989  O  "O3'" . C   A 1 47 ? -12.589 6.461   -19.185 1.00 36.84 ? 61  C   A "O3'" 1 
ATOM   990  C  "C2'" . C   A 1 47 ? -10.343 5.808   -18.469 1.00 33.76 ? 61  C   A "C2'" 1 
ATOM   991  O  "O2'" . C   A 1 47 ? -10.330 6.992   -17.700 1.00 34.27 ? 61  C   A "O2'" 1 
ATOM   992  C  "C1'" . C   A 1 47 ? -9.897  4.633   -17.598 1.00 32.97 ? 61  C   A "C1'" 1 
ATOM   993  N  N1    . C   A 1 47 ? -9.077  3.632   -18.299 1.00 31.66 ? 61  C   A N1    1 
ATOM   994  C  C2    . C   A 1 47 ? -7.709  3.847   -18.385 1.00 32.39 ? 61  C   A C2    1 
ATOM   995  O  O2    . C   A 1 47 ? -7.244  4.903   -17.925 1.00 35.36 ? 61  C   A O2    1 
ATOM   996  N  N3    . C   A 1 47 ? -6.925  2.910   -18.966 1.00 32.93 ? 61  C   A N3    1 
ATOM   997  C  C4    . C   A 1 47 ? -7.476  1.797   -19.465 1.00 32.58 ? 61  C   A C4    1 
ATOM   998  N  N4    . C   A 1 47 ? -6.665  0.881   -20.002 1.00 30.62 ? 61  C   A N4    1 
ATOM   999  C  C5    . C   A 1 47 ? -8.877  1.572   -19.426 1.00 30.82 ? 61  C   A C5    1 
ATOM   1000 C  C6    . C   A 1 47 ? -9.636  2.507   -18.839 1.00 32.40 ? 61  C   A C6    1 
ATOM   1001 P  P     . G   A 1 48 ? -13.335 6.481   -20.604 1.00 40.78 ? 62  G   A P     1 
ATOM   1002 O  OP1   . G   A 1 48 ? -14.455 7.449   -20.537 1.00 41.45 ? 62  G   A OP1   1 
ATOM   1003 O  OP2   . G   A 1 48 ? -13.602 5.083   -21.016 1.00 40.59 ? 62  G   A OP2   1 
ATOM   1004 O  "O5'" . G   A 1 48 ? -12.241 7.064   -21.595 1.00 43.56 ? 62  G   A "O5'" 1 
ATOM   1005 C  "C5'" . G   A 1 48 ? -12.507 7.151   -22.988 1.00 47.80 ? 62  G   A "C5'" 1 
ATOM   1006 C  "C4'" . G   A 1 48 ? -11.261 7.559   -23.724 1.00 50.57 ? 62  G   A "C4'" 1 
ATOM   1007 O  "O4'" . G   A 1 48 ? -10.502 6.367   -24.053 1.00 51.68 ? 62  G   A "O4'" 1 
ATOM   1008 C  "C3'" . G   A 1 48 ? -11.527 8.238   -25.058 1.00 51.72 ? 62  G   A "C3'" 1 
ATOM   1009 O  "O3'" . G   A 1 48 ? -10.420 9.044   -25.398 1.00 52.37 ? 62  G   A "O3'" 1 
ATOM   1010 C  "C2'" . G   A 1 48 ? -11.626 7.069   -26.026 1.00 52.50 ? 62  G   A "C2'" 1 
ATOM   1011 O  "O2'" . G   A 1 48 ? -11.220 7.447   -27.328 1.00 53.77 ? 62  G   A "O2'" 1 
ATOM   1012 C  "C1'" . G   A 1 48 ? -10.588 6.117   -25.441 1.00 51.98 ? 62  G   A "C1'" 1 
ATOM   1013 N  N9    . G   A 1 48 ? -10.858 4.699   -25.644 1.00 52.20 ? 62  G   A N9    1 
ATOM   1014 C  C8    . G   A 1 48 ? -12.074 4.059   -25.673 1.00 51.60 ? 62  G   A C8    1 
ATOM   1015 N  N7    . G   A 1 48 ? -11.968 2.775   -25.879 1.00 51.82 ? 62  G   A N7    1 
ATOM   1016 C  C5    . G   A 1 48 ? -10.600 2.559   -25.994 1.00 52.45 ? 62  G   A C5    1 
ATOM   1017 C  C6    . G   A 1 48 ? -9.872  1.367   -26.226 1.00 52.78 ? 62  G   A C6    1 
ATOM   1018 O  O6    . G   A 1 48 ? -10.304 0.218   -26.391 1.00 52.68 ? 62  G   A O6    1 
ATOM   1019 N  N1    . G   A 1 48 ? -8.498  1.605   -26.258 1.00 52.73 ? 62  G   A N1    1 
ATOM   1020 C  C2    . G   A 1 48 ? -7.904  2.834   -26.092 1.00 51.94 ? 62  G   A C2    1 
ATOM   1021 N  N2    . G   A 1 48 ? -6.562  2.871   -26.133 1.00 51.70 ? 62  G   A N2    1 
ATOM   1022 N  N3    . G   A 1 48 ? -8.575  3.947   -25.892 1.00 51.44 ? 62  G   A N3    1 
ATOM   1023 C  C4    . G   A 1 48 ? -9.906  3.738   -25.850 1.00 51.92 ? 62  G   A C4    1 
ATOM   1024 P  P     . U   A 1 49 ? -10.665 10.543  -25.878 1.00 52.44 ? 63  U   A P     1 
ATOM   1025 O  OP1   . U   A 1 49 ? -11.985 10.949  -25.335 1.00 53.39 ? 63  U   A OP1   1 
ATOM   1026 O  OP2   . U   A 1 49 ? -10.416 10.601  -27.337 1.00 52.81 ? 63  U   A OP2   1 
ATOM   1027 O  "O5'" . U   A 1 49 ? -9.538  11.374  -25.125 1.00 51.34 ? 63  U   A "O5'" 1 
ATOM   1028 C  "C5'" . U   A 1 49 ? -9.239  11.126  -23.758 1.00 49.84 ? 63  U   A "C5'" 1 
ATOM   1029 C  "C4'" . U   A 1 49 ? -7.999  11.874  -23.371 1.00 48.91 ? 63  U   A "C4'" 1 
ATOM   1030 O  "O4'" . U   A 1 49 ? -7.061  10.896  -22.833 1.00 48.06 ? 63  U   A "O4'" 1 
ATOM   1031 C  "C3'" . U   A 1 49 ? -7.297  12.475  -24.579 1.00 49.91 ? 63  U   A "C3'" 1 
ATOM   1032 O  "O3'" . U   A 1 49 ? -6.935  13.857  -24.581 1.00 49.69 ? 63  U   A "O3'" 1 
ATOM   1033 C  "C2'" . U   A 1 49 ? -6.327  11.395  -25.052 1.00 50.02 ? 63  U   A "C2'" 1 
ATOM   1034 O  "O2'" . U   A 1 49 ? -5.123  11.897  -25.602 1.00 53.55 ? 63  U   A "O2'" 1 
ATOM   1035 C  "C1'" . U   A 1 49 ? -5.998  10.661  -23.754 1.00 48.18 ? 63  U   A "C1'" 1 
ATOM   1036 N  N1    . U   A 1 49 ? -5.878  9.212   -23.999 1.00 44.61 ? 63  U   A N1    1 
ATOM   1037 C  C2    . U   A 1 49 ? -4.607  8.658   -24.041 1.00 43.16 ? 63  U   A C2    1 
ATOM   1038 O  O2    . U   A 1 49 ? -3.590  9.308   -23.844 1.00 42.98 ? 63  U   A O2    1 
ATOM   1039 N  N3    . U   A 1 49 ? -4.569  7.313   -24.325 1.00 40.89 ? 63  U   A N3    1 
ATOM   1040 C  C4    . U   A 1 49 ? -5.643  6.479   -24.563 1.00 40.89 ? 63  U   A C4    1 
ATOM   1041 O  O4    . U   A 1 49 ? -5.444  5.294   -24.842 1.00 38.69 ? 63  U   A O4    1 
ATOM   1042 C  C5    . U   A 1 49 ? -6.919  7.117   -24.483 1.00 41.99 ? 63  U   A C5    1 
ATOM   1043 C  C6    . U   A 1 49 ? -6.993  8.428   -24.205 1.00 44.12 ? 63  U   A C6    1 
ATOM   1044 P  P     . A   A 1 50 ? -6.180  14.506  -23.331 1.00 49.55 ? 64  A   A P     1 
ATOM   1045 O  OP1   . A   A 1 50 ? -5.464  15.708  -23.819 1.00 50.22 ? 64  A   A OP1   1 
ATOM   1046 O  OP2   . A   A 1 50 ? -5.425  13.436  -22.631 1.00 50.78 ? 64  A   A OP2   1 
ATOM   1047 O  "O5'" . A   A 1 50 ? -7.356  15.015  -22.386 1.00 46.64 ? 64  A   A "O5'" 1 
ATOM   1048 C  "C5'" . A   A 1 50 ? -7.059  15.688  -21.169 1.00 41.99 ? 64  A   A "C5'" 1 
ATOM   1049 C  "C4'" . A   A 1 50 ? -7.888  15.120  -20.037 1.00 39.47 ? 64  A   A "C4'" 1 
ATOM   1050 O  "O4'" . A   A 1 50 ? -8.288  13.766  -20.360 1.00 37.73 ? 64  A   A "O4'" 1 
ATOM   1051 C  "C3'" . A   A 1 50 ? -7.169  15.018  -18.702 1.00 37.28 ? 64  A   A "C3'" 1 
ATOM   1052 O  "O3'" . A   A 1 50 ? -7.337  16.243  -18.004 1.00 35.61 ? 64  A   A "O3'" 1 
ATOM   1053 C  "C2'" . A   A 1 50 ? -7.902  13.871  -18.013 1.00 36.98 ? 64  A   A "C2'" 1 
ATOM   1054 O  "O2'" . A   A 1 50 ? -9.090  14.281  -17.377 1.00 37.18 ? 64  A   A "O2'" 1 
ATOM   1055 C  "C1'" . A   A 1 50 ? -8.261  12.966  -19.193 1.00 36.77 ? 64  A   A "C1'" 1 
ATOM   1056 N  N9    . A   A 1 50 ? -7.325  11.872  -19.433 1.00 35.88 ? 64  A   A N9    1 
ATOM   1057 C  C8    . A   A 1 50 ? -5.956  11.903  -19.393 1.00 35.31 ? 64  A   A C8    1 
ATOM   1058 N  N7    . A   A 1 50 ? -5.393  10.762  -19.723 1.00 37.19 ? 64  A   A N7    1 
ATOM   1059 C  C5    . A   A 1 50 ? -6.468  9.922   -19.984 1.00 36.36 ? 64  A   A C5    1 
ATOM   1060 C  C6    . A   A 1 50 ? -6.545  8.580   -20.402 1.00 38.18 ? 64  A   A C6    1 
ATOM   1061 N  N6    . A   A 1 50 ? -5.473  7.815   -20.652 1.00 38.15 ? 64  A   A N6    1 
ATOM   1062 N  N1    . A   A 1 50 ? -7.776  8.043   -20.566 1.00 38.65 ? 64  A   A N1    1 
ATOM   1063 C  C2    . A   A 1 50 ? -8.846  8.814   -20.335 1.00 36.85 ? 64  A   A C2    1 
ATOM   1064 N  N3    . A   A 1 50 ? -8.900  10.085  -19.949 1.00 36.89 ? 64  A   A N3    1 
ATOM   1065 C  C4    . A   A 1 50 ? -7.664  10.587  -19.790 1.00 36.07 ? 64  A   A C4    1 
ATOM   1066 P  P     . A   A 1 51 ? -6.413  16.573  -16.734 1.00 36.37 ? 65  A   A P     1 
ATOM   1067 O  OP1   . A   A 1 51 ? -6.722  17.953  -16.269 1.00 36.45 ? 65  A   A OP1   1 
ATOM   1068 O  OP2   . A   A 1 51 ? -5.013  16.206  -17.078 1.00 37.20 ? 65  A   A OP2   1 
ATOM   1069 O  "O5'" . A   A 1 51 ? -6.946  15.590  -15.605 1.00 34.07 ? 65  A   A "O5'" 1 
ATOM   1070 C  "C5'" . A   A 1 51 ? -8.287  15.696  -15.162 1.00 30.98 ? 65  A   A "C5'" 1 
ATOM   1071 C  "C4'" . A   A 1 51 ? -8.572  14.691  -14.076 1.00 28.06 ? 65  A   A "C4'" 1 
ATOM   1072 O  "O4'" . A   A 1 51 ? -8.519  13.342  -14.634 1.00 27.08 ? 65  A   A "O4'" 1 
ATOM   1073 C  "C3'" . A   A 1 51 ? -7.518  14.706  -12.974 1.00 26.26 ? 65  A   A "C3'" 1 
ATOM   1074 O  "O3'" . A   A 1 51 ? -8.132  14.176  -11.810 1.00 26.14 ? 65  A   A "O3'" 1 
ATOM   1075 C  "C2'" . A   A 1 51 ? -6.481  13.716  -13.496 1.00 27.07 ? 65  A   A "C2'" 1 
ATOM   1076 O  "O2'" . A   A 1 51 ? -5.714  13.123  -12.467 1.00 31.32 ? 65  A   A "O2'" 1 
ATOM   1077 C  "C1'" . A   A 1 51 ? -7.405  12.666  -14.102 1.00 26.45 ? 65  A   A "C1'" 1 
ATOM   1078 N  N9    . A   A 1 51 ? -6.885  11.691  -15.060 1.00 25.10 ? 65  A   A N9    1 
ATOM   1079 C  C8    . A   A 1 51 ? -5.672  11.641  -15.703 1.00 22.23 ? 65  A   A C8    1 
ATOM   1080 N  N7    . A   A 1 51 ? -5.505  10.548  -16.419 1.00 23.88 ? 65  A   A N7    1 
ATOM   1081 C  C5    . A   A 1 51 ? -6.698  9.850   -16.249 1.00 21.11 ? 65  A   A C5    1 
ATOM   1082 C  C6    . A   A 1 51 ? -7.150  8.600   -16.728 1.00 20.18 ? 65  A   A C6    1 
ATOM   1083 N  N6    . A   A 1 51 ? -6.427  7.799   -17.507 1.00 18.32 ? 65  A   A N6    1 
ATOM   1084 N  N1    . A   A 1 51 ? -8.391  8.199   -16.367 1.00 21.50 ? 65  A   A N1    1 
ATOM   1085 C  C2    . A   A 1 51 ? -9.127  9.007   -15.587 1.00 23.55 ? 65  A   A C2    1 
ATOM   1086 N  N3    . A   A 1 51 ? -8.813  10.196  -15.076 1.00 23.18 ? 65  A   A N3    1 
ATOM   1087 C  C4    . A   A 1 51 ? -7.566  10.558  -15.442 1.00 21.68 ? 65  A   A C4    1 
ATOM   1088 P  P     . A   A 1 52 ? -7.864  14.847  -10.389 1.00 27.07 ? 66  A   A P     1 
ATOM   1089 O  OP1   . A   A 1 52 ? -8.945  15.825  -10.109 1.00 30.61 ? 66  A   A OP1   1 
ATOM   1090 O  OP2   . A   A 1 52 ? -6.450  15.299  -10.371 1.00 31.46 ? 66  A   A OP2   1 
ATOM   1091 O  "O5'" . A   A 1 52 ? -8.001  13.632  -9.371  1.00 25.29 ? 66  A   A "O5'" 1 
ATOM   1092 C  "C5'" . A   A 1 52 ? -7.191  12.471  -9.509  1.00 26.49 ? 66  A   A "C5'" 1 
ATOM   1093 C  "C4'" . A   A 1 52 ? -8.060  11.253  -9.686  1.00 24.86 ? 66  A   A "C4'" 1 
ATOM   1094 O  "O4'" . A   A 1 52 ? -8.365  11.050  -11.095 1.00 26.57 ? 66  A   A "O4'" 1 
ATOM   1095 C  "C3'" . A   A 1 52 ? -7.410  9.938   -9.325  1.00 24.75 ? 66  A   A "C3'" 1 
ATOM   1096 O  "O3'" . A   A 1 52 ? -7.301  9.755   -7.932  1.00 20.27 ? 66  A   A "O3'" 1 
ATOM   1097 C  "C2'" . A   A 1 52 ? -8.355  8.969   -10.005 1.00 25.50 ? 66  A   A "C2'" 1 
ATOM   1098 O  "O2'" . A   A 1 52 ? -9.625  8.884   -9.397  1.00 28.48 ? 66  A   A "O2'" 1 
ATOM   1099 C  "C1'" . A   A 1 52 ? -8.474  9.653   -11.361 1.00 26.56 ? 66  A   A "C1'" 1 
ATOM   1100 N  N9    . A   A 1 52 ? -7.334  9.234   -12.174 1.00 26.85 ? 66  A   A N9    1 
ATOM   1101 C  C8    . A   A 1 52 ? -6.177  9.906   -12.474 1.00 27.21 ? 66  A   A C8    1 
ATOM   1102 N  N7    . A   A 1 52 ? -5.312  9.190   -13.157 1.00 26.08 ? 66  A   A N7    1 
ATOM   1103 C  C5    . A   A 1 52 ? -5.955  7.973   -13.333 1.00 24.50 ? 66  A   A C5    1 
ATOM   1104 C  C6    . A   A 1 52 ? -5.562  6.770   -13.957 1.00 25.19 ? 66  A   A C6    1 
ATOM   1105 N  N6    . A   A 1 52 ? -4.359  6.580   -14.513 1.00 20.89 ? 66  A   A N6    1 
ATOM   1106 N  N1    . A   A 1 52 ? -6.451  5.752   -13.972 1.00 22.43 ? 66  A   A N1    1 
ATOM   1107 C  C2    . A   A 1 52 ? -7.642  5.928   -13.377 1.00 25.22 ? 66  A   A C2    1 
ATOM   1108 N  N3    . A   A 1 52 ? -8.117  7.002   -12.740 1.00 25.92 ? 66  A   A N3    1 
ATOM   1109 C  C4    . A   A 1 52 ? -7.211  7.998   -12.755 1.00 25.41 ? 66  A   A C4    1 
ATOM   1110 P  P     . U   A 1 53 ? -5.941  9.182   -7.335  1.00 20.67 ? 67  U   A P     1 
ATOM   1111 O  OP1   . U   A 1 53 ? -6.127  8.857   -5.903  1.00 19.44 ? 67  U   A OP1   1 
ATOM   1112 O  OP2   . U   A 1 53 ? -4.868  10.127  -7.741  1.00 24.38 ? 67  U   A OP2   1 
ATOM   1113 O  "O5'" . U   A 1 53 ? -5.732  7.836   -8.171  1.00 23.01 ? 67  U   A "O5'" 1 
ATOM   1114 C  "C5'" . U   A 1 53 ? -6.044  6.560   -7.611  1.00 20.69 ? 67  U   A "C5'" 1 
ATOM   1115 C  "C4'" . U   A 1 53 ? -7.350  6.031   -8.169  1.00 21.73 ? 67  U   A "C4'" 1 
ATOM   1116 O  "O4'" . U   A 1 53 ? -7.257  5.864   -9.614  1.00 21.69 ? 67  U   A "O4'" 1 
ATOM   1117 C  "C3'" . U   A 1 53 ? -7.731  4.644   -7.669  1.00 21.45 ? 67  U   A "C3'" 1 
ATOM   1118 O  "O3'" . U   A 1 53 ? -8.384  4.709   -6.405  1.00 21.57 ? 67  U   A "O3'" 1 
ATOM   1119 C  "C2'" . U   A 1 53 ? -8.660  4.168   -8.770  1.00 20.06 ? 67  U   A "C2'" 1 
ATOM   1120 O  "O2'" . U   A 1 53 ? -9.917  4.812   -8.682  1.00 22.57 ? 67  U   A "O2'" 1 
ATOM   1121 C  "C1'" . U   A 1 53 ? -7.902  4.655   -10.006 1.00 21.44 ? 67  U   A "C1'" 1 
ATOM   1122 N  N1    . U   A 1 53 ? -6.872  3.735   -10.526 1.00 20.33 ? 67  U   A N1    1 
ATOM   1123 C  C2    . U   A 1 53 ? -7.270  2.508   -11.057 1.00 22.45 ? 67  U   A C2    1 
ATOM   1124 O  O2    . U   A 1 53 ? -8.432  2.114   -11.060 1.00 18.68 ? 67  U   A O2    1 
ATOM   1125 N  N3    . U   A 1 53 ? -6.251  1.749   -11.587 1.00 21.70 ? 67  U   A N3    1 
ATOM   1126 C  C4    . U   A 1 53 ? -4.914  2.059   -11.624 1.00 24.27 ? 67  U   A C4    1 
ATOM   1127 O  O4    . U   A 1 53 ? -4.126  1.272   -12.158 1.00 27.43 ? 67  U   A O4    1 
ATOM   1128 C  C5    . U   A 1 53 ? -4.576  3.324   -11.027 1.00 23.01 ? 67  U   A C5    1 
ATOM   1129 C  C6    . U   A 1 53 ? -5.543  4.094   -10.513 1.00 21.48 ? 67  U   A C6    1 
ATOM   1130 P  P     . G   A 1 54 ? -8.084  3.586   -5.305  1.00 26.72 ? 68  G   A P     1 
ATOM   1131 O  OP1   . G   A 1 54 ? -8.702  3.962   -4.013  1.00 26.47 ? 68  G   A OP1   1 
ATOM   1132 O  OP2   . G   A 1 54 ? -6.634  3.313   -5.361  1.00 29.22 ? 68  G   A OP2   1 
ATOM   1133 O  "O5'" . G   A 1 54 ? -8.843  2.308   -5.876  1.00 25.62 ? 68  G   A "O5'" 1 
ATOM   1134 C  "C5'" . G   A 1 54 ? -10.254 2.195   -5.744  1.00 25.17 ? 68  G   A "C5'" 1 
ATOM   1135 C  "C4'" . G   A 1 54 ? -10.752 0.980   -6.479  1.00 22.67 ? 68  G   A "C4'" 1 
ATOM   1136 O  "O4'" . G   A 1 54 ? -10.214 0.988   -7.826  1.00 23.34 ? 68  G   A "O4'" 1 
ATOM   1137 C  "C3'" . G   A 1 54 ? -10.288 -0.353  -5.922  1.00 22.67 ? 68  G   A "C3'" 1 
ATOM   1138 O  "O3'" . G   A 1 54 ? -11.106 -0.763  -4.833  1.00 19.81 ? 68  G   A "O3'" 1 
ATOM   1139 C  "C2'" . G   A 1 54 ? -10.477 -1.259  -7.128  1.00 21.14 ? 68  G   A "C2'" 1 
ATOM   1140 O  "O2'" . G   A 1 54 ? -11.836 -1.598  -7.343  1.00 20.90 ? 68  G   A "O2'" 1 
ATOM   1141 C  "C1'" . G   A 1 54 ? -9.988  -0.348  -8.246  1.00 21.28 ? 68  G   A "C1'" 1 
ATOM   1142 N  N9    . G   A 1 54 ? -8.568  -0.511  -8.554  1.00 22.39 ? 68  G   A N9    1 
ATOM   1143 C  C8    . G   A 1 54 ? -7.533  0.344   -8.250  1.00 21.35 ? 68  G   A C8    1 
ATOM   1144 N  N7    . G   A 1 54 ? -6.381  -0.056  -8.724  1.00 19.31 ? 68  G   A N7    1 
ATOM   1145 C  C5    . G   A 1 54 ? -6.674  -1.247  -9.373  1.00 19.91 ? 68  G   A C5    1 
ATOM   1146 C  C6    . G   A 1 54 ? -5.833  -2.132  -10.099 1.00 19.82 ? 68  G   A C6    1 
ATOM   1147 O  O6    . G   A 1 54 ? -4.612  -2.019  -10.345 1.00 17.19 ? 68  G   A O6    1 
ATOM   1148 N  N1    . G   A 1 54 ? -6.543  -3.236  -10.571 1.00 16.71 ? 68  G   A N1    1 
ATOM   1149 C  C2    . G   A 1 54 ? -7.885  -3.462  -10.371 1.00 19.09 ? 68  G   A C2    1 
ATOM   1150 N  N2    . G   A 1 54 ? -8.392  -4.603  -10.874 1.00 15.39 ? 68  G   A N2    1 
ATOM   1151 N  N3    . G   A 1 54 ? -8.679  -2.632  -9.714  1.00 19.63 ? 68  G   A N3    1 
ATOM   1152 C  C4    . G   A 1 54 ? -8.014  -1.556  -9.249  1.00 20.52 ? 68  G   A C4    1 
ATOM   1153 P  P     . U   A 1 55 ? -10.467 -1.632  -3.646  1.00 25.80 ? 69  U   A P     1 
ATOM   1154 O  OP1   . U   A 1 55 ? -11.487 -1.749  -2.551  1.00 22.11 ? 69  U   A OP1   1 
ATOM   1155 O  OP2   . U   A 1 55 ? -9.145  -1.045  -3.334  1.00 20.89 ? 69  U   A OP2   1 
ATOM   1156 O  "O5'" . U   A 1 55 ? -10.262 -3.070  -4.324  1.00 23.85 ? 69  U   A "O5'" 1 
ATOM   1157 C  "C5'" . U   A 1 55 ? -11.321 -3.663  -5.082  1.00 26.06 ? 69  U   A "C5'" 1 
ATOM   1158 C  "C4'" . U   A 1 55 ? -10.838 -4.891  -5.836  1.00 24.52 ? 69  U   A "C4'" 1 
ATOM   1159 O  "O4'" . U   A 1 55 ? -10.077 -4.486  -7.008  1.00 23.73 ? 69  U   A "O4'" 1 
ATOM   1160 C  "C3'" . U   A 1 55 ? -9.884  -5.809  -5.099  1.00 24.97 ? 69  U   A "C3'" 1 
ATOM   1161 O  "O3'" . U   A 1 55 ? -10.564 -6.679  -4.219  1.00 27.60 ? 69  U   A "O3'" 1 
ATOM   1162 C  "C2'" . U   A 1 55 ? -9.241  -6.554  -6.255  1.00 25.52 ? 69  U   A "C2'" 1 
ATOM   1163 O  "O2'" . U   A 1 55 ? -10.136 -7.457  -6.881  1.00 26.09 ? 69  U   A "O2'" 1 
ATOM   1164 C  "C1'" . U   A 1 55 ? -9.001  -5.395  -7.217  1.00 23.83 ? 69  U   A "C1'" 1 
ATOM   1165 N  N1    . U   A 1 55 ? -7.732  -4.672  -7.028  1.00 22.25 ? 69  U   A N1    1 
ATOM   1166 C  C2    . U   A 1 55 ? -6.604  -5.153  -7.682  1.00 23.14 ? 69  U   A C2    1 
ATOM   1167 O  O2    . U   A 1 55 ? -6.588  -6.202  -8.296  1.00 22.50 ? 69  U   A O2    1 
ATOM   1168 N  N3    . U   A 1 55 ? -5.488  -4.365  -7.568  1.00 20.86 ? 69  U   A N3    1 
ATOM   1169 C  C4    . U   A 1 55 ? -5.366  -3.189  -6.855  1.00 23.18 ? 69  U   A C4    1 
ATOM   1170 O  O4    . U   A 1 55 ? -4.305  -2.547  -6.915  1.00 24.46 ? 69  U   A O4    1 
ATOM   1171 C  C5    . U   A 1 55 ? -6.550  -2.791  -6.153  1.00 21.97 ? 69  U   A C5    1 
ATOM   1172 C  C6    . U   A 1 55 ? -7.665  -3.529  -6.259  1.00 25.12 ? 69  U   A C6    1 
ATOM   1173 P  P     . C   A 1 56 ? -9.766  -7.334  -2.993  1.00 29.93 ? 70  C   A P     1 
ATOM   1174 O  OP1   . C   A 1 56 ? -10.761 -8.092  -2.175  1.00 32.94 ? 70  C   A OP1   1 
ATOM   1175 O  OP2   . C   A 1 56 ? -8.947  -6.275  -2.359  1.00 28.11 ? 70  C   A OP2   1 
ATOM   1176 O  "O5'" . C   A 1 56 ? -8.817  -8.408  -3.701  1.00 29.92 ? 70  C   A "O5'" 1 
ATOM   1177 C  "C5'" . C   A 1 56 ? -9.386  -9.555  -4.348  1.00 28.86 ? 70  C   A "C5'" 1 
ATOM   1178 C  "C4'" . C   A 1 56 ? -8.307  -10.432 -4.940  1.00 26.13 ? 70  C   A "C4'" 1 
ATOM   1179 O  "O4'" . C   A 1 56 ? -7.628  -9.713  -5.996  1.00 29.02 ? 70  C   A "O4'" 1 
ATOM   1180 C  "C3'" . C   A 1 56 ? -7.200  -10.849 -3.997  1.00 26.05 ? 70  C   A "C3'" 1 
ATOM   1181 O  "O3'" . C   A 1 56 ? -7.576  -11.998 -3.260  1.00 24.14 ? 70  C   A "O3'" 1 
ATOM   1182 C  "C2'" . C   A 1 56 ? -6.057  -11.143 -4.956  1.00 28.43 ? 70  C   A "C2'" 1 
ATOM   1183 O  "O2'" . C   A 1 56 ? -6.160  -12.397 -5.603  1.00 25.36 ? 70  C   A "O2'" 1 
ATOM   1184 C  "C1'" . C   A 1 56 ? -6.243  -10.025 -5.978  1.00 27.50 ? 70  C   A "C1'" 1 
ATOM   1185 N  N1    . C   A 1 56 ? -5.501  -8.799  -5.666  1.00 28.98 ? 70  C   A N1    1 
ATOM   1186 C  C2    . C   A 1 56 ? -4.222  -8.646  -6.194  1.00 30.42 ? 70  C   A C2    1 
ATOM   1187 O  O2    . C   A 1 56 ? -3.730  -9.581  -6.842  1.00 34.13 ? 70  C   A O2    1 
ATOM   1188 N  N3    . C   A 1 56 ? -3.553  -7.491  -5.984  1.00 30.60 ? 70  C   A N3    1 
ATOM   1189 C  C4    . C   A 1 56 ? -4.115  -6.515  -5.261  1.00 31.06 ? 70  C   A C4    1 
ATOM   1190 N  N4    . C   A 1 56 ? -3.432  -5.373  -5.115  1.00 29.27 ? 70  C   A N4    1 
ATOM   1191 C  C5    . C   A 1 56 ? -5.403  -6.663  -4.668  1.00 28.70 ? 70  C   A C5    1 
ATOM   1192 C  C6    . C   A 1 56 ? -6.056  -7.810  -4.894  1.00 29.33 ? 70  C   A C6    1 
ATOM   1193 P  P     . C   A 1 57 ? -7.038  -12.175 -1.768  1.00 24.66 ? 71  C   A P     1 
ATOM   1194 O  OP1   . C   A 1 57 ? -7.682  -13.342 -1.129  1.00 28.28 ? 71  C   A OP1   1 
ATOM   1195 O  OP2   . C   A 1 57 ? -7.160  -10.835 -1.139  1.00 27.99 ? 71  C   A OP2   1 
ATOM   1196 O  "O5'" . C   A 1 57 ? -5.488  -12.515 -1.959  1.00 26.17 ? 71  C   A "O5'" 1 
ATOM   1197 C  "C5'" . C   A 1 57 ? -5.066  -13.861 -2.168  1.00 26.65 ? 71  C   A "C5'" 1 
ATOM   1198 C  "C4'" . C   A 1 57 ? -3.707  -13.896 -2.832  1.00 26.85 ? 71  C   A "C4'" 1 
ATOM   1199 O  "O4'" . C   A 1 57 ? -3.651  -12.858 -3.853  1.00 27.04 ? 71  C   A "O4'" 1 
ATOM   1200 C  "C3'" . C   A 1 57 ? -2.528  -13.556 -1.933  1.00 27.58 ? 71  C   A "C3'" 1 
ATOM   1201 O  "O3'" . C   A 1 57 ? -2.084  -14.662 -1.150  1.00 22.86 ? 71  C   A "O3'" 1 
ATOM   1202 C  "C2'" . C   A 1 57 ? -1.485  -13.156 -2.962  1.00 28.08 ? 71  C   A "C2'" 1 
ATOM   1203 O  "O2'" . C   A 1 57 ? -0.958  -14.284 -3.646  1.00 29.02 ? 71  C   A "O2'" 1 
ATOM   1204 C  "C1'" . C   A 1 57 ? -2.340  -12.317 -3.908  1.00 27.15 ? 71  C   A "C1'" 1 
ATOM   1205 N  N1    . C   A 1 57 ? -2.386  -10.885 -3.540  1.00 27.38 ? 71  C   A N1    1 
ATOM   1206 C  C2    . C   A 1 57 ? -1.327  -10.055 -3.960  1.00 28.88 ? 71  C   A C2    1 
ATOM   1207 O  O2    . C   A 1 57 ? -0.377  -10.564 -4.579  1.00 26.56 ? 71  C   A O2    1 
ATOM   1208 N  N3    . C   A 1 57 ? -1.364  -8.729  -3.671  1.00 27.49 ? 71  C   A N3    1 
ATOM   1209 C  C4    . C   A 1 57 ? -2.396  -8.223  -2.987  1.00 27.99 ? 71  C   A C4    1 
ATOM   1210 N  N4    . C   A 1 57 ? -2.411  -6.904  -2.760  1.00 21.96 ? 71  C   A N4    1 
ATOM   1211 C  C5    . C   A 1 57 ? -3.469  -9.051  -2.519  1.00 25.08 ? 71  C   A C5    1 
ATOM   1212 C  C6    . C   A 1 57 ? -3.422  -10.362 -2.818  1.00 26.70 ? 71  C   A C6    1 
ATOM   1213 P  P     . G   A 1 58 ? -1.270  -14.386 0.200   1.00 24.42 ? 72  G   A P     1 
ATOM   1214 O  OP1   . G   A 1 58 ? -0.902  -15.649 0.867   1.00 20.54 ? 72  G   A OP1   1 
ATOM   1215 O  OP2   . G   A 1 58 ? -2.025  -13.351 0.946   1.00 22.67 ? 72  G   A OP2   1 
ATOM   1216 O  "O5'" . G   A 1 58 ? 0.076   -13.675 -0.288  1.00 27.13 ? 72  G   A "O5'" 1 
ATOM   1217 C  "C5'" . G   A 1 58 ? 1.041   -14.387 -1.045  1.00 26.29 ? 72  G   A "C5'" 1 
ATOM   1218 C  "C4'" . G   A 1 58 ? 2.215   -13.496 -1.361  1.00 29.30 ? 72  G   A "C4'" 1 
ATOM   1219 O  "O4'" . G   A 1 58 ? 1.793   -12.396 -2.207  1.00 29.70 ? 72  G   A "O4'" 1 
ATOM   1220 C  "C3'" . G   A 1 58 ? 2.838   -12.814 -0.165  1.00 30.82 ? 72  G   A "C3'" 1 
ATOM   1221 O  "O3'" . G   A 1 58 ? 3.748   -13.708 0.447   1.00 34.12 ? 72  G   A "O3'" 1 
ATOM   1222 C  "C2'" . G   A 1 58 ? 3.557   -11.641 -0.817  1.00 30.71 ? 72  G   A "C2'" 1 
ATOM   1223 O  "O2'" . G   A 1 58 ? 4.771   -12.020 -1.420  1.00 31.63 ? 72  G   A "O2'" 1 
ATOM   1224 C  "C1'" . G   A 1 58 ? 2.559   -11.244 -1.904  1.00 30.35 ? 72  G   A "C1'" 1 
ATOM   1225 N  N9    . G   A 1 58 ? 1.653   -10.194 -1.455  1.00 30.25 ? 72  G   A N9    1 
ATOM   1226 C  C8    . G   A 1 58 ? 0.386   -10.347 -0.945  1.00 31.79 ? 72  G   A C8    1 
ATOM   1227 N  N7    . G   A 1 58 ? -0.165  -9.217  -0.591  1.00 31.01 ? 72  G   A N7    1 
ATOM   1228 C  C5    . G   A 1 58 ? 0.792   -8.261  -0.895  1.00 28.24 ? 72  G   A C5    1 
ATOM   1229 C  C6    . G   A 1 58 ? 0.761   -6.859  -0.726  1.00 27.26 ? 72  G   A C6    1 
ATOM   1230 O  O6    . G   A 1 58 ? -0.159  -6.153  -0.253  1.00 20.74 ? 72  G   A O6    1 
ATOM   1231 N  N1    . G   A 1 58 ? 1.953   -6.272  -1.159  1.00 24.93 ? 72  G   A N1    1 
ATOM   1232 C  C2    . G   A 1 58 ? 3.034   -6.959  -1.678  1.00 27.69 ? 72  G   A C2    1 
ATOM   1233 N  N2    . G   A 1 58 ? 4.114   -6.229  -2.006  1.00 23.45 ? 72  G   A N2    1 
ATOM   1234 N  N3    . G   A 1 58 ? 3.060   -8.271  -1.854  1.00 26.62 ? 72  G   A N3    1 
ATOM   1235 C  C4    . G   A 1 58 ? 1.918   -8.851  -1.438  1.00 29.05 ? 72  G   A C4    1 
ATOM   1236 P  P     . A   A 1 59 ? 4.152   -13.502 1.986   1.00 35.46 ? 73  A   A P     1 
ATOM   1237 O  OP1   . A   A 1 59 ? 4.976   -14.671 2.378   1.00 36.59 ? 73  A   A OP1   1 
ATOM   1238 O  OP2   . A   A 1 59 ? 2.943   -13.154 2.772   1.00 35.67 ? 73  A   A OP2   1 
ATOM   1239 O  "O5'" . A   A 1 59 ? 5.082   -12.214 1.972   1.00 39.11 ? 73  A   A "O5'" 1 
ATOM   1240 C  "C5'" . A   A 1 59 ? 5.625   -11.711 3.181   1.00 42.14 ? 73  A   A "C5'" 1 
ATOM   1241 C  "C4'" . A   A 1 59 ? 6.639   -10.641 2.887   1.00 44.43 ? 73  A   A "C4'" 1 
ATOM   1242 O  "O4'" . A   A 1 59 ? 5.953   -9.461  2.385   1.00 45.77 ? 73  A   A "O4'" 1 
ATOM   1243 C  "C3'" . A   A 1 59 ? 7.411   -10.176 4.106   1.00 45.66 ? 73  A   A "C3'" 1 
ATOM   1244 O  "O3'" . A   A 1 59 ? 8.622   -10.894 4.215   1.00 46.13 ? 73  A   A "O3'" 1 
ATOM   1245 C  "C2'" . A   A 1 59 ? 7.677   -8.715  3.788   1.00 46.10 ? 73  A   A "C2'" 1 
ATOM   1246 O  "O2'" . A   A 1 59 ? 8.739   -8.570  2.871   1.00 45.68 ? 73  A   A "O2'" 1 
ATOM   1247 C  "C1'" . A   A 1 59 ? 6.367   -8.323  3.114   1.00 45.14 ? 73  A   A "C1'" 1 
ATOM   1248 N  N9    . A   A 1 59 ? 5.290   -7.956  4.034   1.00 44.88 ? 73  A   A N9    1 
ATOM   1249 C  C8    . A   A 1 59 ? 4.238   -8.733  4.461   1.00 44.44 ? 73  A   A C8    1 
ATOM   1250 N  N7    . A   A 1 59 ? 3.391   -8.097  5.235   1.00 44.23 ? 73  A   A N7    1 
ATOM   1251 C  C5    . A   A 1 59 ? 3.930   -6.820  5.340   1.00 43.48 ? 73  A   A C5    1 
ATOM   1252 C  C6    . A   A 1 59 ? 3.500   -5.660  6.013   1.00 43.18 ? 73  A   A C6    1 
ATOM   1253 N  N6    . A   A 1 59 ? 2.369   -5.594  6.723   1.00 43.07 ? 73  A   A N6    1 
ATOM   1254 N  N1    . A   A 1 59 ? 4.276   -4.554  5.921   1.00 42.37 ? 73  A   A N1    1 
ATOM   1255 C  C2    . A   A 1 59 ? 5.394   -4.616  5.191   1.00 42.33 ? 73  A   A C2    1 
ATOM   1256 N  N3    . A   A 1 59 ? 5.897   -5.643  4.504   1.00 43.17 ? 73  A   A N3    1 
ATOM   1257 C  C4    . A   A 1 59 ? 5.109   -6.726  4.621   1.00 44.10 ? 73  A   A C4    1 
ATOM   1258 P  P     . U   A 1 60 ? 9.240   -11.173 5.667   1.00 49.58 ? 74  U   A P     1 
ATOM   1259 O  OP1   . U   A 1 60 ? 10.542  -11.859 5.464   1.00 49.71 ? 74  U   A OP1   1 
ATOM   1260 O  OP2   . U   A 1 60 ? 8.183   -11.820 6.490   1.00 49.30 ? 74  U   A OP2   1 
ATOM   1261 O  "O5'" . U   A 1 60 ? 9.514   -9.719  6.265   1.00 48.89 ? 74  U   A "O5'" 1 
ATOM   1262 C  "C5'" . U   A 1 60 ? 10.505  -8.872  5.694   1.00 47.94 ? 74  U   A "C5'" 1 
ATOM   1263 C  "C4'" . U   A 1 60 ? 10.374  -7.471  6.235   1.00 47.93 ? 74  U   A "C4'" 1 
ATOM   1264 O  "O4'" . U   A 1 60 ? 9.087   -6.920  5.843   1.00 48.30 ? 74  U   A "O4'" 1 
ATOM   1265 C  "C3'" . U   A 1 60 ? 10.351  -7.347  7.747   1.00 47.96 ? 74  U   A "C3'" 1 
ATOM   1266 O  "O3'" . U   A 1 60 ? 11.651  -7.398  8.302   1.00 45.94 ? 74  U   A "O3'" 1 
ATOM   1267 C  "C2'" . U   A 1 60 ? 9.698   -5.984  7.922   1.00 48.84 ? 74  U   A "C2'" 1 
ATOM   1268 O  "O2'" . U   A 1 60 ? 10.548  -4.896  7.606   1.00 47.04 ? 74  U   A "O2'" 1 
ATOM   1269 C  "C1'" . U   A 1 60 ? 8.585   -6.085  6.883   1.00 48.63 ? 74  U   A "C1'" 1 
ATOM   1270 N  N1    . U   A 1 60 ? 7.365   -6.703  7.426   1.00 49.41 ? 74  U   A N1    1 
ATOM   1271 C  C2    . U   A 1 60 ? 6.486   -5.891  8.122   1.00 49.87 ? 74  U   A C2    1 
ATOM   1272 O  O2    . U   A 1 60 ? 6.692   -4.705  8.318   1.00 48.96 ? 74  U   A O2    1 
ATOM   1273 N  N3    . U   A 1 60 ? 5.356   -6.522  8.581   1.00 49.90 ? 74  U   A N3    1 
ATOM   1274 C  C4    . U   A 1 60 ? 5.024   -7.853  8.421   1.00 50.17 ? 74  U   A C4    1 
ATOM   1275 O  O4    . U   A 1 60 ? 3.943   -8.261  8.845   1.00 50.52 ? 74  U   A O4    1 
ATOM   1276 C  C5    . U   A 1 60 ? 5.992   -8.630  7.706   1.00 49.58 ? 74  U   A C5    1 
ATOM   1277 C  C6    . U   A 1 60 ? 7.100   -8.044  7.246   1.00 49.65 ? 74  U   A C6    1 
ATOM   1278 P  P     . U   A 1 61 ? 11.854  -7.982  9.784   1.00 46.40 ? 75  U   A P     1 
ATOM   1279 O  OP1   . U   A 1 61 ? 13.316  -8.082  10.024  1.00 46.24 ? 75  U   A OP1   1 
ATOM   1280 O  OP2   . U   A 1 61 ? 11.002  -9.189  9.914   1.00 44.87 ? 75  U   A OP2   1 
ATOM   1281 O  "O5'" . U   A 1 61 ? 11.250  -6.850  10.727  1.00 45.24 ? 75  U   A "O5'" 1 
ATOM   1282 C  "C5'" . U   A 1 61 ? 11.697  -5.504  10.617  1.00 44.07 ? 75  U   A "C5'" 1 
ATOM   1283 C  "C4'" . U   A 1 61 ? 10.896  -4.608  11.529  1.00 42.63 ? 75  U   A "C4'" 1 
ATOM   1284 O  "O4'" . U   A 1 61 ? 9.568   -4.436  10.970  1.00 41.55 ? 75  U   A "O4'" 1 
ATOM   1285 C  "C3'" . U   A 1 61 ? 10.629  -5.159  12.919  1.00 43.66 ? 75  U   A "C3'" 1 
ATOM   1286 O  "O3'" . U   A 1 61 ? 11.701  -4.927  13.815  1.00 45.84 ? 75  U   A "O3'" 1 
ATOM   1287 C  "C2'" . U   A 1 61 ? 9.389   -4.388  13.331  1.00 41.81 ? 75  U   A "C2'" 1 
ATOM   1288 O  "O2'" . U   A 1 61 ? 9.691   -3.069  13.739  1.00 41.92 ? 75  U   A "O2'" 1 
ATOM   1289 C  "C1'" . U   A 1 61 ? 8.618   -4.357  12.014  1.00 40.79 ? 75  U   A "C1'" 1 
ATOM   1290 N  N1    . U   A 1 61 ? 7.691   -5.492  11.900  1.00 39.02 ? 75  U   A N1    1 
ATOM   1291 C  C2    . U   A 1 61 ? 6.477   -5.365  12.533  1.00 38.76 ? 75  U   A C2    1 
ATOM   1292 O  O2    . U   A 1 61 ? 6.165   -4.367  13.163  1.00 39.75 ? 75  U   A O2    1 
ATOM   1293 N  N3    . U   A 1 61 ? 5.641   -6.442  12.408  1.00 37.48 ? 75  U   A N3    1 
ATOM   1294 C  C4    . U   A 1 61 ? 5.894   -7.605  11.735  1.00 36.61 ? 75  U   A C4    1 
ATOM   1295 O  O4    . U   A 1 61 ? 5.034   -8.478  11.710  1.00 36.68 ? 75  U   A O4    1 
ATOM   1296 C  C5    . U   A 1 61 ? 7.177   -7.666  11.105  1.00 37.76 ? 75  U   A C5    1 
ATOM   1297 C  C6    . U   A 1 61 ? 8.011   -6.630  11.206  1.00 37.11 ? 75  U   A C6    1 
ATOM   1298 P  P     . A   A 1 62 ? 11.850  -5.861  15.111  1.00 47.31 ? 76  A   A P     1 
ATOM   1299 O  OP1   . A   A 1 62 ? 13.122  -5.488  15.782  1.00 48.08 ? 76  A   A OP1   1 
ATOM   1300 O  OP2   . A   A 1 62 ? 11.626  -7.261  14.661  1.00 47.80 ? 76  A   A OP2   1 
ATOM   1301 O  "O5'" . A   A 1 62 ? 10.630  -5.437  16.043  1.00 47.03 ? 76  A   A "O5'" 1 
ATOM   1302 C  "C5'" . A   A 1 62 ? 10.524  -4.104  16.523  1.00 46.95 ? 76  A   A "C5'" 1 
ATOM   1303 C  "C4'" . A   A 1 62 ? 9.389   -3.983  17.510  1.00 46.89 ? 76  A   A "C4'" 1 
ATOM   1304 O  "O4'" . A   A 1 62 ? 8.128   -3.928  16.792  1.00 46.10 ? 76  A   A "O4'" 1 
ATOM   1305 C  "C3'" . A   A 1 62 ? 9.217   -5.139  18.479  1.00 47.34 ? 76  A   A "C3'" 1 
ATOM   1306 O  "O3'" . A   A 1 62 ? 10.121  -5.045  19.574  1.00 50.45 ? 76  A   A "O3'" 1 
ATOM   1307 C  "C2'" . A   A 1 62 ? 7.750   -4.998  18.870  1.00 46.11 ? 76  A   A "C2'" 1 
ATOM   1308 O  "O2'" . A   A 1 62 ? 7.521   -3.942  19.782  1.00 43.72 ? 76  A   A "O2'" 1 
ATOM   1309 C  "C1'" . A   A 1 62 ? 7.127   -4.614  17.529  1.00 44.05 ? 76  A   A "C1'" 1 
ATOM   1310 N  N9    . A   A 1 62 ? 6.722   -5.786  16.755  1.00 42.43 ? 76  A   A N9    1 
ATOM   1311 C  C8    . A   A 1 62 ? 7.490   -6.538  15.899  1.00 42.59 ? 76  A   A C8    1 
ATOM   1312 N  N7    . A   A 1 62 ? 6.839   -7.531  15.340  1.00 42.32 ? 76  A   A N7    1 
ATOM   1313 C  C5    . A   A 1 62 ? 5.556   -7.425  15.863  1.00 39.46 ? 76  A   A C5    1 
ATOM   1314 C  C6    . A   A 1 62 ? 4.387   -8.178  15.665  1.00 38.36 ? 76  A   A C6    1 
ATOM   1315 N  N6    . A   A 1 62 ? 4.302   -9.233  14.843  1.00 36.42 ? 76  A   A N6    1 
ATOM   1316 N  N1    . A   A 1 62 ? 3.286   -7.807  16.349  1.00 37.17 ? 76  A   A N1    1 
ATOM   1317 C  C2    . A   A 1 62 ? 3.357   -6.750  17.163  1.00 37.31 ? 76  A   A C2    1 
ATOM   1318 N  N3    . A   A 1 62 ? 4.387   -5.963  17.426  1.00 39.08 ? 76  A   A N3    1 
ATOM   1319 C  C4    . A   A 1 62 ? 5.472   -6.358  16.739  1.00 40.60 ? 76  A   A C4    1 
ATOM   1320 P  P     . U   A 1 63 ? 10.655  -6.388  20.282  1.00 51.82 ? 77  U   A P     1 
ATOM   1321 O  OP1   . U   A 1 63 ? 11.612  -5.985  21.340  1.00 53.45 ? 77  U   A OP1   1 
ATOM   1322 O  OP2   . U   A 1 63 ? 11.084  -7.346  19.228  1.00 50.98 ? 77  U   A OP2   1 
ATOM   1323 O  "O5'" . U   A 1 63 ? 9.359   -6.952  21.013  1.00 52.52 ? 77  U   A "O5'" 1 
ATOM   1324 C  "C5'" . U   A 1 63 ? 8.743   -6.196  22.050  1.00 52.86 ? 77  U   A "C5'" 1 
ATOM   1325 C  "C4'" . U   A 1 63 ? 7.492   -6.883  22.539  1.00 52.67 ? 77  U   A "C4'" 1 
ATOM   1326 O  "O4'" . U   A 1 63 ? 6.468   -6.793  21.507  1.00 52.09 ? 77  U   A "O4'" 1 
ATOM   1327 C  "C3'" . U   A 1 63 ? 7.630   -8.380  22.764  1.00 53.21 ? 77  U   A "C3'" 1 
ATOM   1328 O  "O3'" . U   A 1 63 ? 8.171   -8.703  24.034  1.00 53.95 ? 77  U   A "O3'" 1 
ATOM   1329 C  "C2'" . U   A 1 63 ? 6.191   -8.852  22.657  1.00 52.74 ? 77  U   A "C2'" 1 
ATOM   1330 O  "O2'" . U   A 1 63 ? 5.475   -8.621  23.851  1.00 54.44 ? 77  U   A "O2'" 1 
ATOM   1331 C  "C1'" . U   A 1 63 ? 5.667   -7.963  21.531  1.00 51.54 ? 77  U   A "C1'" 1 
ATOM   1332 N  N1    . U   A 1 63 ? 5.777   -8.643  20.238  1.00 49.59 ? 77  U   A N1    1 
ATOM   1333 C  C2    . U   A 1 63 ? 4.700   -9.396  19.831  1.00 49.57 ? 77  U   A C2    1 
ATOM   1334 O  O2    . U   A 1 63 ? 3.676   -9.486  20.482  1.00 49.09 ? 77  U   A O2    1 
ATOM   1335 N  N3    . U   A 1 63 ? 4.864   -10.044 18.634  1.00 49.81 ? 77  U   A N3    1 
ATOM   1336 C  C4    . U   A 1 63 ? 5.974   -10.009 17.818  1.00 50.00 ? 77  U   A C4    1 
ATOM   1337 O  O4    . U   A 1 63 ? 5.970   -10.648 16.761  1.00 50.41 ? 77  U   A O4    1 
ATOM   1338 C  C5    . U   A 1 63 ? 7.045   -9.194  18.308  1.00 49.83 ? 77  U   A C5    1 
ATOM   1339 C  C6    . U   A 1 63 ? 6.910   -8.552  19.474  1.00 49.45 ? 77  U   A C6    1 
ATOM   1340 P  P     . G   A 1 64 ? 8.706   -10.195 24.301  1.00 54.81 ? 78  G   A P     1 
ATOM   1341 O  OP1   . G   A 1 64 ? 9.272   -10.247 25.675  1.00 55.08 ? 78  G   A OP1   1 
ATOM   1342 O  OP2   . G   A 1 64 ? 9.543   -10.595 23.140  1.00 53.45 ? 78  G   A OP2   1 
ATOM   1343 O  "O5'" . G   A 1 64 ? 7.388   -11.090 24.269  1.00 56.47 ? 78  G   A "O5'" 1 
ATOM   1344 C  "C5'" . G   A 1 64 ? 6.582   -11.227 25.427  1.00 58.40 ? 78  G   A "C5'" 1 
ATOM   1345 C  "C4'" . G   A 1 64 ? 5.399   -12.114 25.141  1.00 61.17 ? 78  G   A "C4'" 1 
ATOM   1346 O  "O4'" . G   A 1 64 ? 4.758   -11.666 23.916  1.00 61.26 ? 78  G   A "O4'" 1 
ATOM   1347 C  "C3'" . G   A 1 64 ? 5.748   -13.564 24.842  1.00 63.26 ? 78  G   A "C3'" 1 
ATOM   1348 O  "O3'" . G   A 1 64 ? 5.920   -14.335 26.022  1.00 66.08 ? 78  G   A "O3'" 1 
ATOM   1349 C  "C2'" . G   A 1 64 ? 4.536   -14.026 24.053  1.00 62.79 ? 78  G   A "C2'" 1 
ATOM   1350 O  "O2'" . G   A 1 64 ? 3.430   -14.312 24.884  1.00 64.44 ? 78  G   A "O2'" 1 
ATOM   1351 C  "C1'" . G   A 1 64 ? 4.233   -12.784 23.221  1.00 62.12 ? 78  G   A "C1'" 1 
ATOM   1352 N  N9    . G   A 1 64 ? 4.835   -12.859 21.897  1.00 61.74 ? 78  G   A N9    1 
ATOM   1353 C  C8    . G   A 1 64 ? 5.946   -12.200 21.435  1.00 61.54 ? 78  G   A C8    1 
ATOM   1354 N  N7    . G   A 1 64 ? 6.229   -12.488 20.193  1.00 61.81 ? 78  G   A N7    1 
ATOM   1355 C  C5    . G   A 1 64 ? 5.244   -13.391 19.817  1.00 61.62 ? 78  G   A C5    1 
ATOM   1356 C  C6    . G   A 1 64 ? 5.028   -14.061 18.582  1.00 62.12 ? 78  G   A C6    1 
ATOM   1357 O  O6    . G   A 1 64 ? 5.687   -13.986 17.537  1.00 62.67 ? 78  G   A O6    1 
ATOM   1358 N  N1    . G   A 1 64 ? 3.911   -14.891 18.638  1.00 61.85 ? 78  G   A N1    1 
ATOM   1359 C  C2    . G   A 1 64 ? 3.106   -15.059 19.739  1.00 61.77 ? 78  G   A C2    1 
ATOM   1360 N  N2    . G   A 1 64 ? 2.072   -15.906 19.604  1.00 60.64 ? 78  G   A N2    1 
ATOM   1361 N  N3    . G   A 1 64 ? 3.300   -14.443 20.891  1.00 62.02 ? 78  G   A N3    1 
ATOM   1362 C  C4    . G   A 1 64 ? 4.378   -13.630 20.858  1.00 61.65 ? 78  G   A C4    1 
ATOM   1363 P  P     . U   A 1 65 ? 6.692   -15.740 25.939  1.00 67.89 ? 79  U   A P     1 
ATOM   1364 O  OP1   . U   A 1 65 ? 6.946   -16.221 27.320  1.00 68.47 ? 79  U   A OP1   1 
ATOM   1365 O  OP2   . U   A 1 65 ? 7.828   -15.577 24.998  1.00 67.06 ? 79  U   A OP2   1 
ATOM   1366 O  "O5'" . U   A 1 65 ? 5.635   -16.710 25.255  1.00 69.14 ? 79  U   A "O5'" 1 
ATOM   1367 C  "C5'" . U   A 1 65 ? 4.410   -17.026 25.901  1.00 71.21 ? 79  U   A "C5'" 1 
ATOM   1368 C  "C4'" . U   A 1 65 ? 3.633   -18.011 25.068  1.00 72.65 ? 79  U   A "C4'" 1 
ATOM   1369 O  "O4'" . U   A 1 65 ? 3.252   -17.374 23.822  1.00 72.26 ? 79  U   A "O4'" 1 
ATOM   1370 C  "C3'" . U   A 1 65 ? 4.422   -19.234 24.635  1.00 73.70 ? 79  U   A "C3'" 1 
ATOM   1371 O  "O3'" . U   A 1 65 ? 4.373   -20.237 25.634  1.00 76.27 ? 79  U   A "O3'" 1 
ATOM   1372 C  "C2'" . U   A 1 65 ? 3.678   -19.671 23.381  1.00 73.21 ? 79  U   A "C2'" 1 
ATOM   1373 O  "O2'" . U   A 1 65 ? 2.520   -20.436 23.649  1.00 72.72 ? 79  U   A "O2'" 1 
ATOM   1374 C  "C1'" . U   A 1 65 ? 3.307   -18.319 22.769  1.00 72.66 ? 79  U   A "C1'" 1 
ATOM   1375 N  N1    . U   A 1 65 ? 4.306   -17.860 21.799  1.00 72.41 ? 79  U   A N1    1 
ATOM   1376 C  C2    . U   A 1 65 ? 4.229   -18.369 20.520  1.00 72.65 ? 79  U   A C2    1 
ATOM   1377 O  O2    . U   A 1 65 ? 3.373   -19.171 20.180  1.00 73.09 ? 79  U   A O2    1 
ATOM   1378 N  N3    . U   A 1 65 ? 5.188   -17.908 19.654  1.00 72.76 ? 79  U   A N3    1 
ATOM   1379 C  C4    . U   A 1 65 ? 6.194   -17.005 19.936  1.00 73.04 ? 79  U   A C4    1 
ATOM   1380 O  O4    . U   A 1 65 ? 6.985   -16.683 19.045  1.00 73.24 ? 79  U   A O4    1 
ATOM   1381 C  C5    . U   A 1 65 ? 6.206   -16.524 21.287  1.00 72.52 ? 79  U   A C5    1 
ATOM   1382 C  C6    . U   A 1 65 ? 5.284   -16.958 22.149  1.00 72.21 ? 79  U   A C6    1 
ATOM   1383 P  P     . C   A 1 66 ? 5.437   -21.436 25.598  1.00 78.55 ? 80  C   A P     1 
ATOM   1384 O  OP1   . C   A 1 66 ? 5.325   -22.164 26.888  1.00 78.68 ? 80  C   A OP1   1 
ATOM   1385 O  OP2   . C   A 1 66 ? 6.743   -20.864 25.184  1.00 77.56 ? 80  C   A OP2   1 
ATOM   1386 O  "O5'" . C   A 1 66 ? 4.919   -22.378 24.421  1.00 80.65 ? 80  C   A "O5'" 1 
ATOM   1387 C  "C5'" . C   A 1 66 ? 5.690   -23.498 23.991  1.00 84.36 ? 80  C   A "C5'" 1 
ATOM   1388 C  "C4'" . C   A 1 66 ? 5.199   -23.989 22.649  1.00 86.90 ? 80  C   A "C4'" 1 
ATOM   1389 O  "O4'" . C   A 1 66 ? 4.688   -22.861 21.893  1.00 86.98 ? 80  C   A "O4'" 1 
ATOM   1390 C  "C3'" . C   A 1 66 ? 6.240   -24.622 21.737  1.00 88.88 ? 80  C   A "C3'" 1 
ATOM   1391 O  "O3'" . C   A 1 66 ? 6.438   -26.006 22.011  1.00 91.95 ? 80  C   A "O3'" 1 
ATOM   1392 C  "C2'" . C   A 1 66 ? 5.621   -24.412 20.364  1.00 88.35 ? 80  C   A "C2'" 1 
ATOM   1393 O  "O2'" . C   A 1 66 ? 4.608   -25.348 20.053  1.00 88.20 ? 80  C   A "O2'" 1 
ATOM   1394 C  "C1'" . C   A 1 66 ? 5.021   -23.016 20.524  1.00 87.68 ? 80  C   A "C1'" 1 
ATOM   1395 N  N1    . C   A 1 66 ? 6.008   -21.983 20.180  1.00 87.54 ? 80  C   A N1    1 
ATOM   1396 C  C2    . C   A 1 66 ? 6.438   -21.889 18.858  1.00 87.38 ? 80  C   A C2    1 
ATOM   1397 O  O2    . C   A 1 66 ? 5.972   -22.677 18.021  1.00 87.47 ? 80  C   A O2    1 
ATOM   1398 N  N3    . C   A 1 66 ? 7.348   -20.946 18.522  1.00 87.26 ? 80  C   A N3    1 
ATOM   1399 C  C4    . C   A 1 66 ? 7.826   -20.119 19.453  1.00 87.16 ? 80  C   A C4    1 
ATOM   1400 N  N4    . C   A 1 66 ? 8.720   -19.201 19.073  1.00 86.74 ? 80  C   A N4    1 
ATOM   1401 C  C5    . C   A 1 66 ? 7.407   -20.194 20.814  1.00 87.15 ? 80  C   A C5    1 
ATOM   1402 C  C6    . C   A 1 66 ? 6.502   -21.132 21.129  1.00 87.27 ? 80  C   A C6    1 
ATOM   1403 P  P     . C   A 1 67 ? 7.742   -26.752 21.430  1.00 94.29 ? 81  C   A P     1 
ATOM   1404 O  OP1   . C   A 1 67 ? 7.923   -28.016 22.188  1.00 94.38 ? 81  C   A OP1   1 
ATOM   1405 O  OP2   . C   A 1 67 ? 8.844   -25.754 21.390  1.00 94.42 ? 81  C   A OP2   1 
ATOM   1406 O  "O5'" . C   A 1 67 ? 7.356   -27.117 19.924  1.00 94.74 ? 81  C   A "O5'" 1 
ATOM   1407 C  "C5'" . C   A 1 67 ? 7.661   -28.402 19.379  1.00 95.76 ? 81  C   A "C5'" 1 
ATOM   1408 C  "C4'" . C   A 1 67 ? 7.900   -28.303 17.888  1.00 96.72 ? 81  C   A "C4'" 1 
ATOM   1409 O  "O4'" . C   A 1 67 ? 7.543   -26.972 17.425  1.00 97.18 ? 81  C   A "O4'" 1 
ATOM   1410 C  "C3'" . C   A 1 67 ? 9.344   -28.478 17.440  1.00 97.10 ? 81  C   A "C3'" 1 
ATOM   1411 O  "O3'" . C   A 1 67 ? 9.815   -29.835 17.422  1.00 97.19 ? 81  C   A "O3'" 1 
ATOM   1412 C  "C2'" . C   A 1 67 ? 9.357   -27.751 16.101  1.00 96.95 ? 81  C   A "C2'" 1 
ATOM   1413 O  "O2'" . C   A 1 67 ? 8.818   -28.522 15.047  1.00 96.76 ? 81  C   A "O2'" 1 
ATOM   1414 C  "C1'" . C   A 1 67 ? 8.435   -26.565 16.396  1.00 96.70 ? 81  C   A "C1'" 1 
ATOM   1415 N  N1    . C   A 1 67 ? 9.167   -25.377 16.864  1.00 96.30 ? 81  C   A N1    1 
ATOM   1416 C  C2    . C   A 1 67 ? 10.018  -24.711 15.972  1.00 96.22 ? 81  C   A C2    1 
ATOM   1417 O  O2    . C   A 1 67 ? 10.117  -25.130 14.804  1.00 96.33 ? 81  C   A O2    1 
ATOM   1418 N  N3    . C   A 1 67 ? 10.710  -23.628 16.404  1.00 95.72 ? 81  C   A N3    1 
ATOM   1419 C  C4    . C   A 1 67 ? 10.573  -23.209 17.664  1.00 95.28 ? 81  C   A C4    1 
ATOM   1420 N  N4    . C   A 1 67 ? 11.276  -22.142 18.047  1.00 94.92 ? 81  C   A N4    1 
ATOM   1421 C  C5    . C   A 1 67 ? 9.709   -23.863 18.588  1.00 95.17 ? 81  C   A C5    1 
ATOM   1422 C  C6    . C   A 1 67 ? 9.030   -24.932 18.151  1.00 95.55 ? 81  C   A C6    1 
HETATM 1423 C  C6A   . 6GO B 2 .  ? 1.957   -6.179  9.748   1.00 32.31 ? 91  6GO A C6A   1 
HETATM 1424 O  O6    . 6GO B 2 .  ? 1.352   -5.257  10.659  1.00 31.17 ? 91  6GO A O6    1 
HETATM 1425 C  C6    . 6GO B 2 .  ? 2.207   -4.252  10.993  1.00 32.19 ? 91  6GO A C6    1 
HETATM 1426 N  N1    . 6GO B 2 .  ? 3.440   -4.180  10.466  1.00 33.40 ? 91  6GO A N1    1 
HETATM 1427 C  C5    . 6GO B 2 .  ? 1.804   -3.280  11.900  1.00 32.83 ? 91  6GO A C5    1 
HETATM 1428 N  N7    . 6GO B 2 .  ? 0.689   -3.072  12.596  1.00 33.81 ? 91  6GO A N7    1 
HETATM 1429 C  C8    . 6GO B 2 .  ? 0.866   -1.980  13.337  1.00 33.90 ? 91  6GO A C8    1 
HETATM 1430 N  N9    . 6GO B 2 .  ? 2.083   -1.488  13.117  1.00 34.07 ? 91  6GO A N9    1 
HETATM 1431 C  C4    . 6GO B 2 .  ? 2.695   -2.268  12.229  1.00 33.64 ? 91  6GO A C4    1 
HETATM 1432 N  N3    . 6GO B 2 .  ? 3.915   -2.243  11.671  1.00 33.81 ? 91  6GO A N3    1 
HETATM 1433 C  C2    . 6GO B 2 .  ? 4.286   -3.192  10.798  1.00 35.48 ? 91  6GO A C2    1 
HETATM 1434 N  N2    . 6GO B 2 .  ? 5.508   -3.163  10.273  1.00 36.27 ? 91  6GO A N2    1 
HETATM 1435 C  C     . ACT C 3 .  ? -1.928  8.119   -11.154 1.00 27.85 ? 96  ACT A C     1 
HETATM 1436 O  O     . ACT C 3 .  ? -1.146  7.385   -11.818 1.00 27.91 ? 96  ACT A O     1 
HETATM 1437 O  OXT   . ACT C 3 .  ? -1.873  9.430   -10.972 1.00 24.72 ? 96  ACT A OXT   1 
HETATM 1438 C  CH3   . ACT C 3 .  ? -3.090  7.413   -10.471 1.00 24.88 ? 96  ACT A CH3   1 
HETATM 1439 CO CO    . NCO D 4 .  ? -10.077 9.392   -4.568  1.00 28.26 ? 101 NCO A CO    1 
HETATM 1440 N  N1    . NCO D 4 .  ? -10.315 9.901   -6.448  1.00 23.97 ? 101 NCO A N1    1 
HETATM 1441 N  N2    . NCO D 4 .  ? -9.835  8.878   -2.693  1.00 22.79 ? 101 NCO A N2    1 
HETATM 1442 N  N3    . NCO D 4 .  ? -11.707 8.291   -4.661  1.00 25.76 ? 101 NCO A N3    1 
HETATM 1443 N  N4    . NCO D 4 .  ? -8.452  10.482  -4.481  1.00 27.29 ? 101 NCO A N4    1 
HETATM 1444 N  N5    . NCO D 4 .  ? -9.008  7.840   -5.129  1.00 25.62 ? 101 NCO A N5    1 
HETATM 1445 N  N6    . NCO D 4 .  ? -11.143 10.943  -4.011  1.00 25.12 ? 101 NCO A N6    1 
HETATM 1446 CO CO    . NCO E 4 .  ? 7.358   0.855   -11.897 1.00 45.01 ? 102 NCO A CO    1 
HETATM 1447 N  N1    . NCO E 4 .  ? 5.866   -0.229  -12.596 1.00 44.50 ? 102 NCO A N1    1 
HETATM 1448 N  N2    . NCO E 4 .  ? 8.843   1.935   -11.205 1.00 46.87 ? 102 NCO A N2    1 
HETATM 1449 N  N3    . NCO E 4 .  ? 7.234   -0.074  -10.167 1.00 45.27 ? 102 NCO A N3    1 
HETATM 1450 N  N4    . NCO E 4 .  ? 7.483   1.787   -13.624 1.00 45.56 ? 102 NCO A N4    1 
HETATM 1451 N  N5    . NCO E 4 .  ? 8.636   -0.494  -12.538 1.00 45.53 ? 102 NCO A N5    1 
HETATM 1452 N  N6    . NCO E 4 .  ? 6.081   2.207   -11.260 1.00 45.52 ? 102 NCO A N6    1 
HETATM 1453 CO CO    . NCO F 4 .  ? -0.669  -1.233  -7.586  1.00 35.46 ? 103 NCO A CO    1 
HETATM 1454 N  N1    . NCO F 4 .  ? -1.730  -2.563  -8.561  1.00 32.97 ? 103 NCO A N1    1 
HETATM 1455 N  N2    . NCO F 4 .  ? 0.398   0.100   -6.614  1.00 33.74 ? 103 NCO A N2    1 
HETATM 1456 N  N3    . NCO F 4 .  ? 0.326   -2.671  -6.697  1.00 32.65 ? 103 NCO A N3    1 
HETATM 1457 N  N4    . NCO F 4 .  ? -1.664  0.212   -8.485  1.00 34.45 ? 103 NCO A N4    1 
HETATM 1458 N  N5    . NCO F 4 .  ? 0.656   -1.222  -9.047  1.00 34.34 ? 103 NCO A N5    1 
HETATM 1459 N  N6    . NCO F 4 .  ? -1.992  -1.242  -6.130  1.00 35.63 ? 103 NCO A N6    1 
HETATM 1460 CO CO    . NCO G 4 .  ? -2.824  15.203  -8.856  1.00 32.96 ? 104 NCO A CO    1 
HETATM 1461 N  N1    . NCO G 4 .  ? -3.922  14.228  -10.160 1.00 28.60 ? 104 NCO A N1    1 
HETATM 1462 N  N2    . NCO G 4 .  ? -1.718  16.176  -7.547  1.00 29.97 ? 104 NCO A N2    1 
HETATM 1463 N  N3    . NCO G 4 .  ? -4.320  15.197  -7.588  1.00 30.18 ? 104 NCO A N3    1 
HETATM 1464 N  N4    . NCO G 4 .  ? -1.315  15.206  -10.133 1.00 28.04 ? 104 NCO A N4    1 
HETATM 1465 N  N5    . NCO G 4 .  ? -2.193  13.496  -8.109  1.00 31.33 ? 104 NCO A N5    1 
HETATM 1466 N  N6    . NCO G 4 .  ? -3.453  16.910  -9.596  1.00 29.51 ? 104 NCO A N6    1 
HETATM 1467 CO CO    . NCO H 4 .  ? 0.099   -2.649  -17.276 1.00 80.28 ? 105 NCO A CO    1 
HETATM 1468 N  N1    . NCO H 4 .  ? -1.136  -4.161  -17.490 1.00 81.16 ? 105 NCO A N1    1 
HETATM 1469 N  N2    . NCO H 4 .  ? 1.333   -1.139  -17.061 1.00 80.86 ? 105 NCO A N2    1 
HETATM 1470 N  N3    . NCO H 4 .  ? -0.423  -2.487  -15.390 1.00 80.63 ? 105 NCO A N3    1 
HETATM 1471 N  N4    . NCO H 4 .  ? 0.620   -2.811  -19.167 1.00 80.45 ? 105 NCO A N4    1 
HETATM 1472 N  N5    . NCO H 4 .  ? 1.535   -3.892  -16.770 1.00 79.95 ? 105 NCO A N5    1 
HETATM 1473 N  N6    . NCO H 4 .  ? -1.334  -1.408  -17.780 1.00 80.37 ? 105 NCO A N6    1 
HETATM 1474 CO CO    . NCO I 4 .  ? 3.218   7.661   14.134  1.00 76.47 ? 108 NCO A CO    1 
HETATM 1475 N  N1    . NCO I 4 .  ? 4.422   6.172   13.693  1.00 75.99 ? 108 NCO A N1    1 
HETATM 1476 N  N2    . NCO I 4 .  ? 2.017   9.150   14.574  1.00 75.93 ? 108 NCO A N2    1 
HETATM 1477 N  N3    . NCO I 4 .  ? 4.642   8.492   15.199  1.00 76.27 ? 108 NCO A N3    1 
HETATM 1478 N  N4    . NCO I 4 .  ? 1.792   6.832   13.070  1.00 76.01 ? 108 NCO A N4    1 
HETATM 1479 N  N5    . NCO I 4 .  ? 3.837   8.635   12.546  1.00 76.42 ? 108 NCO A N5    1 
HETATM 1480 N  N6    . NCO I 4 .  ? 2.599   6.685   15.723  1.00 76.05 ? 108 NCO A N6    1 
HETATM 1481 CO CO    . NCO J 4 .  ? -6.221  -9.051  2.259   1.00 88.66 ? 109 NCO A CO    1 
HETATM 1482 N  N1    . NCO J 4 .  ? -7.634  -9.234  0.909   1.00 88.64 ? 109 NCO A N1    1 
HETATM 1483 N  N2    . NCO J 4 .  ? -4.808  -8.868  3.612   1.00 88.08 ? 109 NCO A N2    1 
HETATM 1484 N  N3    . NCO J 4 .  ? -4.866  -9.461  0.894   1.00 88.04 ? 109 NCO A N3    1 
HETATM 1485 N  N4    . NCO J 4 .  ? -7.576  -8.641  3.620   1.00 88.41 ? 109 NCO A N4    1 
HETATM 1486 N  N5    . NCO J 4 .  ? -6.065  -7.138  1.839   1.00 88.63 ? 109 NCO A N5    1 
HETATM 1487 N  N6    . NCO J 4 .  ? -6.376  -10.964 2.679   1.00 88.48 ? 109 NCO A N6    1 
HETATM 1488 CO CO    . NCO K 4 .  ? -0.241  -16.451 4.754   0.64 50.23 ? 112 NCO A CO    1 
HETATM 1489 N  N1    . NCO K 4 .  ? 0.503   -18.257 4.547   0.64 49.80 ? 112 NCO A N1    1 
HETATM 1490 N  N2    . NCO K 4 .  ? -0.984  -14.647 4.960   0.64 49.30 ? 112 NCO A N2    1 
HETATM 1491 N  N3    . NCO K 4 .  ? 1.121   -16.045 6.108   0.64 49.56 ? 112 NCO A N3    1 
HETATM 1492 N  N4    . NCO K 4 .  ? -1.601  -16.857 3.398   0.64 48.69 ? 112 NCO A N4    1 
HETATM 1493 N  N5    . NCO K 4 .  ? 0.962   -15.794 3.345   0.64 49.43 ? 112 NCO A N5    1 
HETATM 1494 N  N6    . NCO K 4 .  ? -1.441  -17.108 6.161   0.64 49.46 ? 112 NCO A N6    1 
HETATM 1495 O  O     . HOH L 5 .  ? -3.665  16.135  -12.796 1.00 20.23 ? 300 HOH A O     1 
HETATM 1496 O  O     . HOH L 5 .  ? 13.052  9.664   1.879   1.00 31.49 ? 301 HOH A O     1 
HETATM 1497 O  O     . HOH L 5 .  ? -10.189 6.968   4.564   1.00 32.30 ? 303 HOH A O     1 
HETATM 1498 O  O     . HOH L 5 .  ? 10.560  15.601  -4.106  1.00 16.82 ? 304 HOH A O     1 
HETATM 1499 O  O     . HOH L 5 .  ? -2.406  13.971  -5.420  1.00 23.54 ? 305 HOH A O     1 
HETATM 1500 O  O     . HOH L 5 .  ? -10.306 -2.475  5.346   1.00 45.83 ? 306 HOH A O     1 
HETATM 1501 O  O     . HOH L 5 .  ? -7.420  -7.740  -1.204  1.00 51.84 ? 307 HOH A O     1 
HETATM 1502 O  O     . HOH L 5 .  ? -1.094  -5.501  19.924  1.00 37.89 ? 308 HOH A O     1 
HETATM 1503 O  O     . HOH L 5 .  ? -3.649  -14.377 -6.698  1.00 23.26 ? 309 HOH A O     1 
HETATM 1504 O  O     . HOH L 5 .  ? 3.174   -2.082  15.885  1.00 37.51 ? 310 HOH A O     1 
HETATM 1505 O  O     . HOH L 5 .  ? -0.362  -6.429  -19.561 1.00 35.98 ? 311 HOH A O     1 
HETATM 1506 O  O     . HOH L 5 .  ? -1.039  18.392  -10.667 1.00 16.32 ? 312 HOH A O     1 
HETATM 1507 O  O     . HOH L 5 .  ? -2.243  9.095   -0.650  1.00 26.63 ? 313 HOH A O     1 
HETATM 1508 O  O     . HOH L 5 .  ? 4.414   24.017  -7.192  1.00 31.02 ? 314 HOH A O     1 
HETATM 1509 O  O     . HOH L 5 .  ? -3.592  14.422  -2.565  1.00 26.51 ? 315 HOH A O     1 
HETATM 1510 O  O     . HOH L 5 .  ? -5.058  12.090  -6.258  1.00 18.24 ? 316 HOH A O     1 
HETATM 1511 O  O     . HOH L 5 .  ? -6.430  -15.003 -5.702  1.00 21.34 ? 317 HOH A O     1 
HETATM 1512 O  O     . HOH L 5 .  ? -7.141  0.937   13.944  1.00 40.13 ? 318 HOH A O     1 
HETATM 1513 O  O     . HOH L 5 .  ? 0.713   16.941  -12.182 1.00 23.85 ? 319 HOH A O     1 
HETATM 1514 O  O     . HOH L 5 .  ? -4.029  -3.924  -16.096 1.00 31.50 ? 320 HOH A O     1 
HETATM 1515 O  O     . HOH L 5 .  ? -9.747  -1.023  1.224   1.00 32.85 ? 321 HOH A O     1 
HETATM 1516 O  O     . HOH L 5 .  ? -3.089  12.860  -13.086 1.00 21.57 ? 322 HOH A O     1 
HETATM 1517 O  O     . HOH L 5 .  ? 6.829   9.248   -10.882 1.00 31.76 ? 323 HOH A O     1 
HETATM 1518 O  O     . HOH L 5 .  ? -12.514 8.763   -17.375 1.00 35.22 ? 324 HOH A O     1 
HETATM 1519 O  O     . HOH L 5 .  ? 3.979   7.684   -13.459 1.00 18.34 ? 325 HOH A O     1 
HETATM 1520 O  O     . HOH L 5 .  ? -10.042 3.170   -13.984 1.00 28.19 ? 326 HOH A O     1 
HETATM 1521 O  O     . HOH L 5 .  ? -11.833 11.642  -19.915 1.00 45.79 ? 327 HOH A O     1 
HETATM 1522 O  O     . HOH L 5 .  ? -3.504  11.573  -10.269 1.00 29.19 ? 328 HOH A O     1 
HETATM 1523 O  O     . HOH L 5 .  ? -3.012  14.736  -17.666 1.00 53.52 ? 329 HOH A O     1 
HETATM 1524 O  O     . HOH L 5 .  ? -5.309  18.145  -11.959 1.00 35.39 ? 330 HOH A O     1 
HETATM 1525 O  O     . HOH L 5 .  ? -2.427  9.062   -7.696  1.00 21.34 ? 331 HOH A O     1 
HETATM 1526 O  O     . HOH L 5 .  ? 7.555   -3.996  -1.868  1.00 42.66 ? 332 HOH A O     1 
HETATM 1527 O  O     . HOH L 5 .  ? 7.964   -0.788  -15.490 1.00 27.72 ? 333 HOH A O     1 
HETATM 1528 O  O     . HOH L 5 .  ? -4.848  7.571   -4.209  1.00 30.18 ? 334 HOH A O     1 
HETATM 1529 O  O     . HOH L 5 .  ? 7.164   12.294  -11.112 1.00 30.47 ? 335 HOH A O     1 
HETATM 1530 O  O     . HOH L 5 .  ? 9.429   0.733   -7.599  1.00 33.39 ? 336 HOH A O     1 
HETATM 1531 O  O     . HOH L 5 .  ? -8.293  -11.210 13.255  1.00 42.04 ? 337 HOH A O     1 
HETATM 1532 O  O     . HOH L 5 .  ? 6.054   7.635   -3.319  1.00 20.81 ? 338 HOH A O     1 
HETATM 1533 O  O     . HOH L 5 .  ? -4.088  1.446   -7.862  1.00 24.73 ? 339 HOH A O     1 
HETATM 1534 O  O     . HOH L 5 .  ? -5.960  8.561   6.832   1.00 30.42 ? 340 HOH A O     1 
HETATM 1535 O  O     . HOH L 5 .  ? -3.308  -12.080 -7.918  1.00 41.70 ? 341 HOH A O     1 
HETATM 1536 O  O     . HOH L 5 .  ? -7.135  -0.934  -23.545 1.00 42.22 ? 342 HOH A O     1 
HETATM 1537 O  O     . HOH L 5 .  ? 3.938   -3.058  -13.595 1.00 28.61 ? 343 HOH A O     1 
HETATM 1538 O  O     . HOH L 5 .  ? 6.634   20.193  -7.339  1.00 29.12 ? 344 HOH A O     1 
HETATM 1539 O  O     . HOH L 5 .  ? -2.404  -5.722  0.708   1.00 34.05 ? 345 HOH A O     1 
HETATM 1540 O  O     . HOH L 5 .  ? 3.106   -12.764 12.905  1.00 39.52 ? 346 HOH A O     1 
HETATM 1541 O  O     . HOH L 5 .  ? -7.042  -9.563  11.804  1.00 40.92 ? 347 HOH A O     1 
HETATM 1542 O  O     . HOH L 5 .  ? -10.587 6.816   -11.655 1.00 23.27 ? 348 HOH A O     1 
HETATM 1543 O  O     . HOH L 5 .  ? -3.728  7.983   1.673   1.00 52.98 ? 349 HOH A O     1 
HETATM 1544 O  O     . HOH L 5 .  ? -3.619  23.407  -7.266  1.00 32.17 ? 350 HOH A O     1 
HETATM 1545 O  O     . HOH L 5 .  ? -11.860 -2.348  -11.471 1.00 28.11 ? 351 HOH A O     1 
HETATM 1546 O  O     . HOH L 5 .  ? 4.114   -10.077 -6.471  1.00 36.33 ? 352 HOH A O     1 
HETATM 1547 O  O     . HOH L 5 .  ? 2.811   -17.078 4.523   1.00 51.20 ? 353 HOH A O     1 
HETATM 1548 O  O     . HOH L 5 .  ? -2.451  18.011  3.290   1.00 31.31 ? 354 HOH A O     1 
HETATM 1549 O  O     . HOH L 5 .  ? 1.390   -21.820 21.690  1.00 46.32 ? 355 HOH A O     1 
HETATM 1550 O  O     . HOH L 5 .  ? 11.536  13.073  4.617   1.00 37.88 ? 356 HOH A O     1 
HETATM 1551 O  O     . HOH L 5 .  ? -11.522 7.971   2.658   1.00 52.86 ? 357 HOH A O     1 
HETATM 1552 O  O     . HOH L 5 .  ? -2.561  2.816   0.567   1.00 41.81 ? 358 HOH A O     1 
HETATM 1553 O  O     . HOH L 5 .  ? 5.374   -26.398 24.237  1.00 47.45 ? 359 HOH A O     1 
HETATM 1554 O  O     . HOH L 5 .  ? 5.407   0.140   -16.367 1.00 34.50 ? 360 HOH A O     1 
HETATM 1555 O  O     . HOH L 5 .  ? 8.121   2.851   -16.700 1.00 46.84 ? 361 HOH A O     1 
HETATM 1556 O  O     . HOH L 5 .  ? 6.049   -8.612  -0.099  1.00 36.26 ? 362 HOH A O     1 
HETATM 1557 O  O     . HOH L 5 .  ? 5.672   5.552   -14.005 1.00 27.26 ? 363 HOH A O     1 
HETATM 1558 O  O     . HOH L 5 .  ? 2.235   1.327   26.077  1.00 65.70 ? 364 HOH A O     1 
HETATM 1559 O  O     . HOH L 5 .  ? 3.840   -1.829  -16.675 1.00 67.38 ? 365 HOH A O     1 
HETATM 1560 O  O     . HOH L 5 .  ? 0.023   2.931   0.859   1.00 33.73 ? 366 HOH A O     1 
HETATM 1561 O  O     . HOH L 5 .  ? -8.769  1.933   -2.275  1.00 51.97 ? 367 HOH A O     1 
HETATM 1562 O  O     . HOH L 5 .  ? -10.882 12.611  -16.005 1.00 37.80 ? 368 HOH A O     1 
HETATM 1563 O  O     . HOH L 5 .  ? -11.460 11.202  -13.449 1.00 40.04 ? 369 HOH A O     1 
HETATM 1564 O  O     . HOH L 5 .  ? 2.328   -11.236 -10.059 1.00 37.58 ? 370 HOH A O     1 
HETATM 1565 O  O     . HOH L 5 .  ? -5.117  -15.277 -8.762  1.00 32.05 ? 371 HOH A O     1 
HETATM 1566 O  O     . HOH L 5 .  ? -3.654  3.852   21.759  1.00 46.07 ? 372 HOH A O     1 
HETATM 1567 O  O     . HOH L 5 .  ? -3.685  13.731  -20.309 1.00 37.12 ? 373 HOH A O     1 
HETATM 1568 O  O     . HOH L 5 .  ? -5.069  5.026   -4.639  1.00 37.55 ? 374 HOH A O     1 
HETATM 1569 O  O     . HOH L 5 .  ? 10.876  13.919  -6.332  1.00 30.51 ? 375 HOH A O     1 
HETATM 1570 O  O     . HOH L 5 .  ? -3.044  -11.865 -10.584 1.00 30.37 ? 376 HOH A O     1 
HETATM 1571 O  O     . HOH L 5 .  ? -1.247  -7.185  9.881   1.00 27.85 ? 378 HOH A O     1 
HETATM 1572 O  O     . HOH L 5 .  ? -8.826  5.969   6.427   1.00 55.01 ? 379 HOH A O     1 
HETATM 1573 O  O     . HOH L 5 .  ? 13.120  -16.260 5.039   1.00 42.10 ? 380 HOH A O     1 
HETATM 1574 O  O     . HOH L 5 .  ? 2.527   -1.517  22.568  1.00 37.62 ? 381 HOH A O     1 
HETATM 1575 O  O     . HOH L 5 .  ? 6.273   7.876   13.298  1.00 40.27 ? 382 HOH A O     1 
HETATM 1576 O  O     . HOH L 5 .  ? -7.843  -1.822  3.651   1.00 53.50 ? 383 HOH A O     1 
HETATM 1577 O  O     . HOH L 5 .  ? -12.245 3.287   -22.201 1.00 41.14 ? 384 HOH A O     1 
HETATM 1578 O  O     . HOH L 5 .  ? 5.356   5.789   21.592  1.00 39.99 ? 385 HOH A O     1 
HETATM 1579 O  O     . HOH L 5 .  ? -12.382 11.844  -28.594 1.00 48.49 ? 387 HOH A O     1 
HETATM 1580 O  O     . HOH L 5 .  ? -16.122 3.483   -20.830 1.00 38.34 ? 388 HOH A O     1 
HETATM 1581 O  O     . HOH L 5 .  ? -10.757 0.198   -11.372 1.00 31.36 ? 389 HOH A O     1 
HETATM 1582 O  O     . HOH L 5 .  ? -2.270  -12.509 21.399  1.00 30.15 ? 390 HOH A O     1 
HETATM 1583 O  O     . HOH L 5 .  ? -11.179 10.255  -22.053 1.00 93.77 ? 391 HOH A O     1 
HETATM 1584 O  O     . HOH L 5 .  ? -11.637 9.999   -10.580 1.00 66.25 ? 392 HOH A O     1 
HETATM 1585 O  O     . HOH L 5 .  ? -4.947  13.412  9.311   1.00 41.84 ? 393 HOH A O     1 
HETATM 1586 O  O     . HOH L 5 .  ? -3.669  15.944  -21.978 1.00 62.42 ? 394 HOH A O     1 
HETATM 1587 O  O     . HOH L 5 .  ? -6.479  9.569   -0.842  1.00 74.85 ? 395 HOH A O     1 
HETATM 1588 O  O     . HOH L 5 .  ? -0.685  -5.429  -15.048 1.00 62.11 ? 396 HOH A O     1 
HETATM 1589 O  O     . HOH L 5 .  ? -8.416  14.403  5.288   1.00 30.96 ? 397 HOH A O     1 
HETATM 1590 O  O     . HOH L 5 .  ? 1.327   -6.896  -17.534 1.00 37.09 ? 398 HOH A O     1 
HETATM 1591 O  O     . HOH L 5 .  ? -3.415  4.354   -2.284  1.00 52.16 ? 399 HOH A O     1 
HETATM 1592 O  O     . HOH L 5 .  ? -4.623  -17.709 -9.243  1.00 30.79 ? 400 HOH A O     1 
HETATM 1593 O  O     . HOH L 5 .  ? -13.148 0.185   -1.008  1.00 31.58 ? 401 HOH A O     1 
HETATM 1594 O  O     . HOH L 5 .  ? 9.584   5.337   5.788   1.00 48.37 ? 402 HOH A O     1 
HETATM 1595 O  O     . HOH L 5 .  ? 4.974   9.557   0.175   1.00 29.46 ? 403 HOH A O     1 
HETATM 1596 O  O     . HOH L 5 .  ? -3.560  3.799   -7.125  1.00 34.74 ? 405 HOH A O     1 
HETATM 1597 O  O     . HOH L 5 .  ? -3.258  11.264  -21.077 1.00 33.91 ? 406 HOH A O     1 
HETATM 1598 O  O     . HOH L 5 .  ? 1.406   -13.039 -5.065  1.00 64.99 ? 407 HOH A O     1 
HETATM 1599 O  O     . HOH L 5 .  ? 8.161   9.891   2.856   1.00 38.59 ? 408 HOH A O     1 
HETATM 1600 O  O     . HOH L 5 .  ? -3.252  -14.441 -10.073 1.00 54.50 ? 409 HOH A O     1 
HETATM 1601 O  O     . HOH L 5 .  ? -11.178 7.258   -7.372  1.00 40.62 ? 410 HOH A O     1 
HETATM 1602 O  O     . HOH L 5 .  ? -12.997 -0.274  -10.554 1.00 57.80 ? 411 HOH A O     1 
HETATM 1603 O  O     . HOH L 5 .  ? -0.817  -5.165  7.673   1.00 41.60 ? 412 HOH A O     1 
HETATM 1604 O  O     . HOH L 5 .  ? 1.089   -14.894 8.563   1.00 62.96 ? 413 HOH A O     1 
# 
loop_
_pdbx_poly_seq_scheme.asym_id 
_pdbx_poly_seq_scheme.entity_id 
_pdbx_poly_seq_scheme.seq_id 
_pdbx_poly_seq_scheme.mon_id 
_pdbx_poly_seq_scheme.ndb_seq_num 
_pdbx_poly_seq_scheme.pdb_seq_num 
_pdbx_poly_seq_scheme.auth_seq_num 
_pdbx_poly_seq_scheme.pdb_mon_id 
_pdbx_poly_seq_scheme.auth_mon_id 
_pdbx_poly_seq_scheme.pdb_strand_id 
_pdbx_poly_seq_scheme.pdb_ins_code 
_pdbx_poly_seq_scheme.hetero 
A 1 1  G 1  15 15 G GUA A . n 
A 1 2  G 2  16 16 G GUA A . n 
A 1 3  A 3  17 17 A ADE A . n 
A 1 4  C 4  18 18 C CYT A . n 
A 1 5  A 5  19 19 A ADE A . n 
A 1 6  U 6  20 20 U URI A . n 
A 1 7  A 7  21 21 A ADE A . n 
A 1 8  U 8  22 22 U URI A . n 
A 1 9  A 9  23 23 A ADE A . n 
A 1 10 A 10 24 24 A ADE A . n 
A 1 11 U 11 25 25 U URI A . n 
A 1 12 C 12 26 26 C CYT A . n 
A 1 13 G 13 27 27 G GUA A . n 
A 1 14 C 14 28 28 C CYT A . n 
A 1 15 G 15 29 29 G GUA A . n 
A 1 16 U 16 30 30 U URI A . n 
A 1 17 G 17 31 31 G GUA A . n 
A 1 18 G 18 32 32 G GUA A . n 
A 1 19 A 19 33 33 A ADE A . n 
A 1 20 U 20 34 34 U URI A . n 
A 1 21 A 21 35 35 A ADE A . n 
A 1 22 U 22 36 36 U URI A . n 
A 1 23 G 23 37 37 G GUA A . n 
A 1 24 G 24 38 38 G GUA A . n 
A 1 25 C 25 39 39 C CYT A . n 
A 1 26 A 26 40 40 A ADE A . n 
A 1 27 C 27 41 41 C CYT A . n 
A 1 28 G 28 42 42 G GUA A . n 
A 1 29 C 29 43 43 C CYT A . n 
A 1 30 A 30 44 44 A ADE A . n 
A 1 31 A 31 45 45 A ADE A . n 
A 1 32 G 32 46 46 G GUA A . n 
A 1 33 U 33 47 47 U URI A . n 
A 1 34 U 34 48 48 U URI A . n 
A 1 35 U 35 49 49 U URI A . n 
A 1 36 C 36 50 50 C CYT A . n 
A 1 37 U 37 51 51 U URI A . n 
A 1 38 A 38 52 52 A ADE A . n 
A 1 39 C 39 53 53 C CYT A . n 
A 1 40 C 40 54 54 C CYT A . n 
A 1 41 G 41 55 55 G GUA A . n 
A 1 42 G 42 56 56 G GUA A . n 
A 1 43 G 43 57 57 G GUA A . n 
A 1 44 C 44 58 58 C CYT A . n 
A 1 45 A 45 59 59 A ADE A . n 
A 1 46 C 46 60 60 C CYT A . n 
A 1 47 C 47 61 61 C CYT A . n 
A 1 48 G 48 62 62 G GUA A . n 
A 1 49 U 49 63 63 U URI A . n 
A 1 50 A 50 64 64 A ADE A . n 
A 1 51 A 51 65 65 A ADE A . n 
A 1 52 A 52 66 66 A ADE A . n 
A 1 53 U 53 67 67 U URI A . n 
A 1 54 G 54 68 68 G GUA A . n 
A 1 55 U 55 69 69 U URI A . n 
A 1 56 C 56 70 70 C CYT A . n 
A 1 57 C 57 71 71 C CYT A . n 
A 1 58 G 58 72 72 G GUA A . n 
A 1 59 A 59 73 73 A ADE A . n 
A 1 60 U 60 74 74 U URI A . n 
A 1 61 U 61 75 75 U URI A . n 
A 1 62 A 62 76 76 A ADE A . n 
A 1 63 U 63 77 77 U URI A . n 
A 1 64 G 64 78 78 G GUA A . n 
A 1 65 U 65 79 79 U URI A . n 
A 1 66 C 66 80 80 C CYT A . n 
A 1 67 C 67 81 81 C CYT A . n 
# 
loop_
_pdbx_nonpoly_scheme.asym_id 
_pdbx_nonpoly_scheme.entity_id 
_pdbx_nonpoly_scheme.mon_id 
_pdbx_nonpoly_scheme.ndb_seq_num 
_pdbx_nonpoly_scheme.pdb_seq_num 
_pdbx_nonpoly_scheme.auth_seq_num 
_pdbx_nonpoly_scheme.pdb_mon_id 
_pdbx_nonpoly_scheme.auth_mon_id 
_pdbx_nonpoly_scheme.pdb_strand_id 
_pdbx_nonpoly_scheme.pdb_ins_code 
B 2 6GO 1   91  91  6GO 6GO A . 
C 3 ACT 1   96  96  ACT ACT A . 
D 4 NCO 1   101 101 NCO NCO A . 
E 4 NCO 1   102 102 NCO NCO A . 
F 4 NCO 1   103 103 NCO NCO A . 
G 4 NCO 1   104 104 NCO NCO A . 
H 4 NCO 1   105 105 NCO NCO A . 
I 4 NCO 1   108 108 NCO NCO A . 
J 4 NCO 1   109 109 NCO NCO A . 
K 4 NCO 1   112 112 NCO NCO A . 
L 5 HOH 1   300 300 HOH HOH A . 
L 5 HOH 2   301 301 HOH HOH A . 
L 5 HOH 3   303 303 HOH HOH A . 
L 5 HOH 4   304 304 HOH HOH A . 
L 5 HOH 5   305 305 HOH HOH A . 
L 5 HOH 6   306 306 HOH HOH A . 
L 5 HOH 7   307 307 HOH HOH A . 
L 5 HOH 8   308 308 HOH HOH A . 
L 5 HOH 9   309 309 HOH HOH A . 
L 5 HOH 10  310 310 HOH HOH A . 
L 5 HOH 11  311 311 HOH HOH A . 
L 5 HOH 12  312 312 HOH HOH A . 
L 5 HOH 13  313 313 HOH HOH A . 
L 5 HOH 14  314 314 HOH HOH A . 
L 5 HOH 15  315 315 HOH HOH A . 
L 5 HOH 16  316 316 HOH HOH A . 
L 5 HOH 17  317 317 HOH HOH A . 
L 5 HOH 18  318 318 HOH HOH A . 
L 5 HOH 19  319 319 HOH HOH A . 
L 5 HOH 20  320 320 HOH HOH A . 
L 5 HOH 21  321 321 HOH HOH A . 
L 5 HOH 22  322 322 HOH HOH A . 
L 5 HOH 23  323 323 HOH HOH A . 
L 5 HOH 24  324 324 HOH HOH A . 
L 5 HOH 25  325 325 HOH HOH A . 
L 5 HOH 26  326 326 HOH HOH A . 
L 5 HOH 27  327 327 HOH HOH A . 
L 5 HOH 28  328 328 HOH HOH A . 
L 5 HOH 29  329 329 HOH HOH A . 
L 5 HOH 30  330 330 HOH HOH A . 
L 5 HOH 31  331 331 HOH HOH A . 
L 5 HOH 32  332 332 HOH HOH A . 
L 5 HOH 33  333 333 HOH HOH A . 
L 5 HOH 34  334 334 HOH HOH A . 
L 5 HOH 35  335 335 HOH HOH A . 
L 5 HOH 36  336 336 HOH HOH A . 
L 5 HOH 37  337 337 HOH HOH A . 
L 5 HOH 38  338 338 HOH HOH A . 
L 5 HOH 39  339 339 HOH HOH A . 
L 5 HOH 40  340 340 HOH HOH A . 
L 5 HOH 41  341 341 HOH HOH A . 
L 5 HOH 42  342 342 HOH HOH A . 
L 5 HOH 43  343 343 HOH HOH A . 
L 5 HOH 44  344 344 HOH HOH A . 
L 5 HOH 45  345 345 HOH HOH A . 
L 5 HOH 46  346 346 HOH HOH A . 
L 5 HOH 47  347 347 HOH HOH A . 
L 5 HOH 48  348 348 HOH HOH A . 
L 5 HOH 49  349 349 HOH HOH A . 
L 5 HOH 50  350 350 HOH HOH A . 
L 5 HOH 51  351 351 HOH HOH A . 
L 5 HOH 52  352 352 HOH HOH A . 
L 5 HOH 53  353 353 HOH HOH A . 
L 5 HOH 54  354 354 HOH HOH A . 
L 5 HOH 55  355 355 HOH HOH A . 
L 5 HOH 56  356 356 HOH HOH A . 
L 5 HOH 57  357 357 HOH HOH A . 
L 5 HOH 58  358 358 HOH HOH A . 
L 5 HOH 59  359 359 HOH HOH A . 
L 5 HOH 60  360 360 HOH HOH A . 
L 5 HOH 61  361 361 HOH HOH A . 
L 5 HOH 62  362 362 HOH HOH A . 
L 5 HOH 63  363 363 HOH HOH A . 
L 5 HOH 64  364 364 HOH HOH A . 
L 5 HOH 65  365 365 HOH HOH A . 
L 5 HOH 66  366 366 HOH HOH A . 
L 5 HOH 67  367 367 HOH HOH A . 
L 5 HOH 68  368 368 HOH HOH A . 
L 5 HOH 69  369 369 HOH HOH A . 
L 5 HOH 70  370 370 HOH HOH A . 
L 5 HOH 71  371 371 HOH HOH A . 
L 5 HOH 72  372 372 HOH HOH A . 
L 5 HOH 73  373 373 HOH HOH A . 
L 5 HOH 74  374 374 HOH HOH A . 
L 5 HOH 75  375 375 HOH HOH A . 
L 5 HOH 76  376 376 HOH HOH A . 
L 5 HOH 77  378 378 HOH HOH A . 
L 5 HOH 78  379 379 HOH HOH A . 
L 5 HOH 79  380 380 HOH HOH A . 
L 5 HOH 80  381 381 HOH HOH A . 
L 5 HOH 81  382 382 HOH HOH A . 
L 5 HOH 82  383 383 HOH HOH A . 
L 5 HOH 83  384 384 HOH HOH A . 
L 5 HOH 84  385 385 HOH HOH A . 
L 5 HOH 85  387 387 HOH HOH A . 
L 5 HOH 86  388 388 HOH HOH A . 
L 5 HOH 87  389 389 HOH HOH A . 
L 5 HOH 88  390 390 HOH HOH A . 
L 5 HOH 89  391 391 HOH HOH A . 
L 5 HOH 90  392 392 HOH HOH A . 
L 5 HOH 91  393 393 HOH HOH A . 
L 5 HOH 92  394 394 HOH HOH A . 
L 5 HOH 93  395 395 HOH HOH A . 
L 5 HOH 94  396 396 HOH HOH A . 
L 5 HOH 95  397 397 HOH HOH A . 
L 5 HOH 96  398 398 HOH HOH A . 
L 5 HOH 97  399 399 HOH HOH A . 
L 5 HOH 98  400 400 HOH HOH A . 
L 5 HOH 99  401 401 HOH HOH A . 
L 5 HOH 100 402 402 HOH HOH A . 
L 5 HOH 101 403 403 HOH HOH A . 
L 5 HOH 102 405 405 HOH HOH A . 
L 5 HOH 103 406 406 HOH HOH A . 
L 5 HOH 104 407 407 HOH HOH A . 
L 5 HOH 105 408 408 HOH HOH A . 
L 5 HOH 106 409 409 HOH HOH A . 
L 5 HOH 107 410 410 HOH HOH A . 
L 5 HOH 108 411 411 HOH HOH A . 
L 5 HOH 109 412 412 HOH HOH A . 
L 5 HOH 110 413 413 HOH HOH A . 
# 
_pdbx_struct_assembly.id                   1 
_pdbx_struct_assembly.details              author_and_software_defined_assembly 
_pdbx_struct_assembly.method_details       PISA 
_pdbx_struct_assembly.oligomeric_details   monomeric 
_pdbx_struct_assembly.oligomeric_count     1 
# 
_pdbx_struct_assembly_gen.assembly_id       1 
_pdbx_struct_assembly_gen.oper_expression   1 
_pdbx_struct_assembly_gen.asym_id_list      A,B,C,D,E,F,G,H,I,J,K,L 
# 
_pdbx_struct_oper_list.id                   1 
_pdbx_struct_oper_list.type                 'identity operation' 
_pdbx_struct_oper_list.name                 1_555 
_pdbx_struct_oper_list.symmetry_operation   x,y,z 
_pdbx_struct_oper_list.matrix[1][1]         1.0000000000 
_pdbx_struct_oper_list.matrix[1][2]         0.0000000000 
_pdbx_struct_oper_list.matrix[1][3]         0.0000000000 
_pdbx_struct_oper_list.vector[1]            0.0000000000 
_pdbx_struct_oper_list.matrix[2][1]         0.0000000000 
_pdbx_struct_oper_list.matrix[2][2]         1.0000000000 
_pdbx_struct_oper_list.matrix[2][3]         0.0000000000 
_pdbx_struct_oper_list.vector[2]            0.0000000000 
_pdbx_struct_oper_list.matrix[3][1]         0.0000000000 
_pdbx_struct_oper_list.matrix[3][2]         0.0000000000 
_pdbx_struct_oper_list.matrix[3][3]         1.0000000000 
_pdbx_struct_oper_list.vector[3]            0.0000000000 
# 
loop_
_pdbx_audit_revision_history.ordinal 
_pdbx_audit_revision_history.data_content_type 
_pdbx_audit_revision_history.major_revision 
_pdbx_audit_revision_history.minor_revision 
_pdbx_audit_revision_history.revision_date 
1 'Structure model' 1 0 2009-06-23 
2 'Structure model' 1 1 2011-07-13 
3 'Structure model' 1 2 2023-09-06 
# 
_pdbx_audit_revision_details.ordinal             1 
_pdbx_audit_revision_details.revision_ordinal    1 
_pdbx_audit_revision_details.data_content_type   'Structure model' 
_pdbx_audit_revision_details.provider            repository 
_pdbx_audit_revision_details.type                'Initial release' 
_pdbx_audit_revision_details.description         ? 
_pdbx_audit_revision_details.details             ? 
# 
loop_
_pdbx_audit_revision_group.ordinal 
_pdbx_audit_revision_group.revision_ordinal 
_pdbx_audit_revision_group.data_content_type 
_pdbx_audit_revision_group.group 
1 2 'Structure model' 'Version format compliance' 
2 3 'Structure model' 'Data collection'           
3 3 'Structure model' 'Database references'       
4 3 'Structure model' 'Derived calculations'      
5 3 'Structure model' 'Refinement description'    
# 
loop_
_pdbx_audit_revision_category.ordinal 
_pdbx_audit_revision_category.revision_ordinal 
_pdbx_audit_revision_category.data_content_type 
_pdbx_audit_revision_category.category 
1 3 'Structure model' chem_comp_atom                
2 3 'Structure model' chem_comp_bond                
3 3 'Structure model' database_2                    
4 3 'Structure model' pdbx_initial_refinement_model 
5 3 'Structure model' struct_site                   
# 
loop_
_pdbx_audit_revision_item.ordinal 
_pdbx_audit_revision_item.revision_ordinal 
_pdbx_audit_revision_item.data_content_type 
_pdbx_audit_revision_item.item 
1 3 'Structure model' '_database_2.pdbx_DOI'                
2 3 'Structure model' '_database_2.pdbx_database_accession' 
3 3 'Structure model' '_struct_site.pdbx_auth_asym_id'      
4 3 'Structure model' '_struct_site.pdbx_auth_comp_id'      
5 3 'Structure model' '_struct_site.pdbx_auth_seq_id'       
# 
loop_
_software.name 
_software.classification 
_software.version 
_software.citation_id 
_software.pdbx_ordinal 
CrystalClear 'data collection' . ? 1 
CNS          refinement        . ? 2 
CrystalClear 'data reduction'  . ? 3 
d*TREK       'data scaling'    . ? 4 
CNS          phasing           . ? 5 
# 
_pdbx_validate_planes.id              1 
_pdbx_validate_planes.PDB_model_num   1 
_pdbx_validate_planes.auth_comp_id    U 
_pdbx_validate_planes.auth_asym_id    A 
_pdbx_validate_planes.auth_seq_id     34 
_pdbx_validate_planes.PDB_ins_code    ? 
_pdbx_validate_planes.label_alt_id    ? 
_pdbx_validate_planes.rmsd            0.066 
_pdbx_validate_planes.type            'SIDE CHAIN' 
# 
loop_
_chem_comp_atom.comp_id 
_chem_comp_atom.atom_id 
_chem_comp_atom.type_symbol 
_chem_comp_atom.pdbx_aromatic_flag 
_chem_comp_atom.pdbx_stereo_config 
_chem_comp_atom.pdbx_ordinal 
6GO C6A    C  N N 1   
6GO O6     O  N N 2   
6GO C6     C  Y N 3   
6GO N1     N  Y N 4   
6GO C5     C  Y N 5   
6GO N7     N  Y N 6   
6GO C8     C  Y N 7   
6GO N9     N  Y N 8   
6GO C4     C  Y N 9   
6GO N3     N  Y N 10  
6GO C2     C  Y N 11  
6GO N2     N  N N 12  
6GO H6A    H  N N 13  
6GO H6AA   H  N N 14  
6GO H6AB   H  N N 15  
6GO H8     H  N N 16  
6GO HN2    H  N N 17  
6GO HN2A   H  N N 18  
6GO HN7    H  N N 19  
A   OP3    O  N N 20  
A   P      P  N N 21  
A   OP1    O  N N 22  
A   OP2    O  N N 23  
A   "O5'"  O  N N 24  
A   "C5'"  C  N N 25  
A   "C4'"  C  N R 26  
A   "O4'"  O  N N 27  
A   "C3'"  C  N S 28  
A   "O3'"  O  N N 29  
A   "C2'"  C  N R 30  
A   "O2'"  O  N N 31  
A   "C1'"  C  N R 32  
A   N9     N  Y N 33  
A   C8     C  Y N 34  
A   N7     N  Y N 35  
A   C5     C  Y N 36  
A   C6     C  Y N 37  
A   N6     N  N N 38  
A   N1     N  Y N 39  
A   C2     C  Y N 40  
A   N3     N  Y N 41  
A   C4     C  Y N 42  
A   HOP3   H  N N 43  
A   HOP2   H  N N 44  
A   "H5'"  H  N N 45  
A   "H5''" H  N N 46  
A   "H4'"  H  N N 47  
A   "H3'"  H  N N 48  
A   "HO3'" H  N N 49  
A   "H2'"  H  N N 50  
A   "HO2'" H  N N 51  
A   "H1'"  H  N N 52  
A   H8     H  N N 53  
A   H61    H  N N 54  
A   H62    H  N N 55  
A   H2     H  N N 56  
ACT C      C  N N 57  
ACT O      O  N N 58  
ACT OXT    O  N N 59  
ACT CH3    C  N N 60  
ACT H1     H  N N 61  
ACT H2     H  N N 62  
ACT H3     H  N N 63  
C   OP3    O  N N 64  
C   P      P  N N 65  
C   OP1    O  N N 66  
C   OP2    O  N N 67  
C   "O5'"  O  N N 68  
C   "C5'"  C  N N 69  
C   "C4'"  C  N R 70  
C   "O4'"  O  N N 71  
C   "C3'"  C  N S 72  
C   "O3'"  O  N N 73  
C   "C2'"  C  N R 74  
C   "O2'"  O  N N 75  
C   "C1'"  C  N R 76  
C   N1     N  N N 77  
C   C2     C  N N 78  
C   O2     O  N N 79  
C   N3     N  N N 80  
C   C4     C  N N 81  
C   N4     N  N N 82  
C   C5     C  N N 83  
C   C6     C  N N 84  
C   HOP3   H  N N 85  
C   HOP2   H  N N 86  
C   "H5'"  H  N N 87  
C   "H5''" H  N N 88  
C   "H4'"  H  N N 89  
C   "H3'"  H  N N 90  
C   "HO3'" H  N N 91  
C   "H2'"  H  N N 92  
C   "HO2'" H  N N 93  
C   "H1'"  H  N N 94  
C   H41    H  N N 95  
C   H42    H  N N 96  
C   H5     H  N N 97  
C   H6     H  N N 98  
G   OP3    O  N N 99  
G   P      P  N N 100 
G   OP1    O  N N 101 
G   OP2    O  N N 102 
G   "O5'"  O  N N 103 
G   "C5'"  C  N N 104 
G   "C4'"  C  N R 105 
G   "O4'"  O  N N 106 
G   "C3'"  C  N S 107 
G   "O3'"  O  N N 108 
G   "C2'"  C  N R 109 
G   "O2'"  O  N N 110 
G   "C1'"  C  N R 111 
G   N9     N  Y N 112 
G   C8     C  Y N 113 
G   N7     N  Y N 114 
G   C5     C  Y N 115 
G   C6     C  N N 116 
G   O6     O  N N 117 
G   N1     N  N N 118 
G   C2     C  N N 119 
G   N2     N  N N 120 
G   N3     N  N N 121 
G   C4     C  Y N 122 
G   HOP3   H  N N 123 
G   HOP2   H  N N 124 
G   "H5'"  H  N N 125 
G   "H5''" H  N N 126 
G   "H4'"  H  N N 127 
G   "H3'"  H  N N 128 
G   "HO3'" H  N N 129 
G   "H2'"  H  N N 130 
G   "HO2'" H  N N 131 
G   "H1'"  H  N N 132 
G   H8     H  N N 133 
G   H1     H  N N 134 
G   H21    H  N N 135 
G   H22    H  N N 136 
HOH O      O  N N 137 
HOH H1     H  N N 138 
HOH H2     H  N N 139 
NCO CO     CO N N 140 
NCO N1     N  N N 141 
NCO N2     N  N N 142 
NCO N3     N  N N 143 
NCO N4     N  N N 144 
NCO N5     N  N N 145 
NCO N6     N  N N 146 
NCO HN11   H  N N 147 
NCO HN12   H  N N 148 
NCO HN13   H  N N 149 
NCO HN21   H  N N 150 
NCO HN22   H  N N 151 
NCO HN23   H  N N 152 
NCO HN31   H  N N 153 
NCO HN32   H  N N 154 
NCO HN33   H  N N 155 
NCO HN41   H  N N 156 
NCO HN42   H  N N 157 
NCO HN43   H  N N 158 
NCO HN51   H  N N 159 
NCO HN52   H  N N 160 
NCO HN53   H  N N 161 
NCO HN61   H  N N 162 
NCO HN62   H  N N 163 
NCO HN63   H  N N 164 
U   OP3    O  N N 165 
U   P      P  N N 166 
U   OP1    O  N N 167 
U   OP2    O  N N 168 
U   "O5'"  O  N N 169 
U   "C5'"  C  N N 170 
U   "C4'"  C  N R 171 
U   "O4'"  O  N N 172 
U   "C3'"  C  N S 173 
U   "O3'"  O  N N 174 
U   "C2'"  C  N R 175 
U   "O2'"  O  N N 176 
U   "C1'"  C  N R 177 
U   N1     N  N N 178 
U   C2     C  N N 179 
U   O2     O  N N 180 
U   N3     N  N N 181 
U   C4     C  N N 182 
U   O4     O  N N 183 
U   C5     C  N N 184 
U   C6     C  N N 185 
U   HOP3   H  N N 186 
U   HOP2   H  N N 187 
U   "H5'"  H  N N 188 
U   "H5''" H  N N 189 
U   "H4'"  H  N N 190 
U   "H3'"  H  N N 191 
U   "HO3'" H  N N 192 
U   "H2'"  H  N N 193 
U   "HO2'" H  N N 194 
U   "H1'"  H  N N 195 
U   H3     H  N N 196 
U   H5     H  N N 197 
U   H6     H  N N 198 
# 
loop_
_chem_comp_bond.comp_id 
_chem_comp_bond.atom_id_1 
_chem_comp_bond.atom_id_2 
_chem_comp_bond.value_order 
_chem_comp_bond.pdbx_aromatic_flag 
_chem_comp_bond.pdbx_stereo_config 
_chem_comp_bond.pdbx_ordinal 
6GO O6    C6A    sing N N 1   
6GO C6A   H6A    sing N N 2   
6GO C6A   H6AA   sing N N 3   
6GO C6A   H6AB   sing N N 4   
6GO O6    C6     sing N N 5   
6GO C5    C6     doub Y N 6   
6GO C6    N1     sing Y N 7   
6GO N1    C2     doub Y N 8   
6GO N7    C5     sing Y N 9   
6GO C5    C4     sing Y N 10  
6GO C8    N7     sing Y N 11  
6GO C8    N9     doub Y N 12  
6GO C8    H8     sing N N 13  
6GO N9    C4     sing Y N 14  
6GO C4    N3     doub Y N 15  
6GO N3    C2     sing Y N 16  
6GO C2    N2     sing N N 17  
6GO N2    HN2    sing N N 18  
6GO N2    HN2A   sing N N 19  
6GO N7    HN7    sing N N 20  
A   OP3   P      sing N N 21  
A   OP3   HOP3   sing N N 22  
A   P     OP1    doub N N 23  
A   P     OP2    sing N N 24  
A   P     "O5'"  sing N N 25  
A   OP2   HOP2   sing N N 26  
A   "O5'" "C5'"  sing N N 27  
A   "C5'" "C4'"  sing N N 28  
A   "C5'" "H5'"  sing N N 29  
A   "C5'" "H5''" sing N N 30  
A   "C4'" "O4'"  sing N N 31  
A   "C4'" "C3'"  sing N N 32  
A   "C4'" "H4'"  sing N N 33  
A   "O4'" "C1'"  sing N N 34  
A   "C3'" "O3'"  sing N N 35  
A   "C3'" "C2'"  sing N N 36  
A   "C3'" "H3'"  sing N N 37  
A   "O3'" "HO3'" sing N N 38  
A   "C2'" "O2'"  sing N N 39  
A   "C2'" "C1'"  sing N N 40  
A   "C2'" "H2'"  sing N N 41  
A   "O2'" "HO2'" sing N N 42  
A   "C1'" N9     sing N N 43  
A   "C1'" "H1'"  sing N N 44  
A   N9    C8     sing Y N 45  
A   N9    C4     sing Y N 46  
A   C8    N7     doub Y N 47  
A   C8    H8     sing N N 48  
A   N7    C5     sing Y N 49  
A   C5    C6     sing Y N 50  
A   C5    C4     doub Y N 51  
A   C6    N6     sing N N 52  
A   C6    N1     doub Y N 53  
A   N6    H61    sing N N 54  
A   N6    H62    sing N N 55  
A   N1    C2     sing Y N 56  
A   C2    N3     doub Y N 57  
A   C2    H2     sing N N 58  
A   N3    C4     sing Y N 59  
ACT C     O      doub N N 60  
ACT C     OXT    sing N N 61  
ACT C     CH3    sing N N 62  
ACT CH3   H1     sing N N 63  
ACT CH3   H2     sing N N 64  
ACT CH3   H3     sing N N 65  
C   OP3   P      sing N N 66  
C   OP3   HOP3   sing N N 67  
C   P     OP1    doub N N 68  
C   P     OP2    sing N N 69  
C   P     "O5'"  sing N N 70  
C   OP2   HOP2   sing N N 71  
C   "O5'" "C5'"  sing N N 72  
C   "C5'" "C4'"  sing N N 73  
C   "C5'" "H5'"  sing N N 74  
C   "C5'" "H5''" sing N N 75  
C   "C4'" "O4'"  sing N N 76  
C   "C4'" "C3'"  sing N N 77  
C   "C4'" "H4'"  sing N N 78  
C   "O4'" "C1'"  sing N N 79  
C   "C3'" "O3'"  sing N N 80  
C   "C3'" "C2'"  sing N N 81  
C   "C3'" "H3'"  sing N N 82  
C   "O3'" "HO3'" sing N N 83  
C   "C2'" "O2'"  sing N N 84  
C   "C2'" "C1'"  sing N N 85  
C   "C2'" "H2'"  sing N N 86  
C   "O2'" "HO2'" sing N N 87  
C   "C1'" N1     sing N N 88  
C   "C1'" "H1'"  sing N N 89  
C   N1    C2     sing N N 90  
C   N1    C6     sing N N 91  
C   C2    O2     doub N N 92  
C   C2    N3     sing N N 93  
C   N3    C4     doub N N 94  
C   C4    N4     sing N N 95  
C   C4    C5     sing N N 96  
C   N4    H41    sing N N 97  
C   N4    H42    sing N N 98  
C   C5    C6     doub N N 99  
C   C5    H5     sing N N 100 
C   C6    H6     sing N N 101 
G   OP3   P      sing N N 102 
G   OP3   HOP3   sing N N 103 
G   P     OP1    doub N N 104 
G   P     OP2    sing N N 105 
G   P     "O5'"  sing N N 106 
G   OP2   HOP2   sing N N 107 
G   "O5'" "C5'"  sing N N 108 
G   "C5'" "C4'"  sing N N 109 
G   "C5'" "H5'"  sing N N 110 
G   "C5'" "H5''" sing N N 111 
G   "C4'" "O4'"  sing N N 112 
G   "C4'" "C3'"  sing N N 113 
G   "C4'" "H4'"  sing N N 114 
G   "O4'" "C1'"  sing N N 115 
G   "C3'" "O3'"  sing N N 116 
G   "C3'" "C2'"  sing N N 117 
G   "C3'" "H3'"  sing N N 118 
G   "O3'" "HO3'" sing N N 119 
G   "C2'" "O2'"  sing N N 120 
G   "C2'" "C1'"  sing N N 121 
G   "C2'" "H2'"  sing N N 122 
G   "O2'" "HO2'" sing N N 123 
G   "C1'" N9     sing N N 124 
G   "C1'" "H1'"  sing N N 125 
G   N9    C8     sing Y N 126 
G   N9    C4     sing Y N 127 
G   C8    N7     doub Y N 128 
G   C8    H8     sing N N 129 
G   N7    C5     sing Y N 130 
G   C5    C6     sing N N 131 
G   C5    C4     doub Y N 132 
G   C6    O6     doub N N 133 
G   C6    N1     sing N N 134 
G   N1    C2     sing N N 135 
G   N1    H1     sing N N 136 
G   C2    N2     sing N N 137 
G   C2    N3     doub N N 138 
G   N2    H21    sing N N 139 
G   N2    H22    sing N N 140 
G   N3    C4     sing N N 141 
HOH O     H1     sing N N 142 
HOH O     H2     sing N N 143 
NCO CO    N1     sing N N 144 
NCO CO    N2     sing N N 145 
NCO CO    N3     sing N N 146 
NCO CO    N4     sing N N 147 
NCO CO    N5     sing N N 148 
NCO CO    N6     sing N N 149 
NCO N1    HN11   sing N N 150 
NCO N1    HN12   sing N N 151 
NCO N1    HN13   sing N N 152 
NCO N2    HN21   sing N N 153 
NCO N2    HN22   sing N N 154 
NCO N2    HN23   sing N N 155 
NCO N3    HN31   sing N N 156 
NCO N3    HN32   sing N N 157 
NCO N3    HN33   sing N N 158 
NCO N4    HN41   sing N N 159 
NCO N4    HN42   sing N N 160 
NCO N4    HN43   sing N N 161 
NCO N5    HN51   sing N N 162 
NCO N5    HN52   sing N N 163 
NCO N5    HN53   sing N N 164 
NCO N6    HN61   sing N N 165 
NCO N6    HN62   sing N N 166 
NCO N6    HN63   sing N N 167 
U   OP3   P      sing N N 168 
U   OP3   HOP3   sing N N 169 
U   P     OP1    doub N N 170 
U   P     OP2    sing N N 171 
U   P     "O5'"  sing N N 172 
U   OP2   HOP2   sing N N 173 
U   "O5'" "C5'"  sing N N 174 
U   "C5'" "C4'"  sing N N 175 
U   "C5'" "H5'"  sing N N 176 
U   "C5'" "H5''" sing N N 177 
U   "C4'" "O4'"  sing N N 178 
U   "C4'" "C3'"  sing N N 179 
U   "C4'" "H4'"  sing N N 180 
U   "O4'" "C1'"  sing N N 181 
U   "C3'" "O3'"  sing N N 182 
U   "C3'" "C2'"  sing N N 183 
U   "C3'" "H3'"  sing N N 184 
U   "O3'" "HO3'" sing N N 185 
U   "C2'" "O2'"  sing N N 186 
U   "C2'" "C1'"  sing N N 187 
U   "C2'" "H2'"  sing N N 188 
U   "O2'" "HO2'" sing N N 189 
U   "C1'" N1     sing N N 190 
U   "C1'" "H1'"  sing N N 191 
U   N1    C2     sing N N 192 
U   N1    C6     sing N N 193 
U   C2    O2     doub N N 194 
U   C2    N3     sing N N 195 
U   N3    C4     sing N N 196 
U   N3    H3     sing N N 197 
U   C4    O4     doub N N 198 
U   C4    C5     sing N N 199 
U   C5    C6     doub N N 200 
U   C5    H5     sing N N 201 
U   C6    H6     sing N N 202 
# 
loop_
_ndb_struct_conf_na.entry_id 
_ndb_struct_conf_na.feature 
3GES 'double helix'         
3GES 'a-form double helix'  
3GES 'mismatched base pair' 
3GES 'internal loop'        
3GES 'triple helix'         
3GES 'three-way junction'   
# 
loop_
_ndb_struct_na_base_pair.model_number 
_ndb_struct_na_base_pair.i_label_asym_id 
_ndb_struct_na_base_pair.i_label_comp_id 
_ndb_struct_na_base_pair.i_label_seq_id 
_ndb_struct_na_base_pair.i_symmetry 
_ndb_struct_na_base_pair.j_label_asym_id 
_ndb_struct_na_base_pair.j_label_comp_id 
_ndb_struct_na_base_pair.j_label_seq_id 
_ndb_struct_na_base_pair.j_symmetry 
_ndb_struct_na_base_pair.shear 
_ndb_struct_na_base_pair.stretch 
_ndb_struct_na_base_pair.stagger 
_ndb_struct_na_base_pair.buckle 
_ndb_struct_na_base_pair.propeller 
_ndb_struct_na_base_pair.opening 
_ndb_struct_na_base_pair.pair_number 
_ndb_struct_na_base_pair.pair_name 
_ndb_struct_na_base_pair.i_auth_asym_id 
_ndb_struct_na_base_pair.i_auth_seq_id 
_ndb_struct_na_base_pair.i_PDB_ins_code 
_ndb_struct_na_base_pair.j_auth_asym_id 
_ndb_struct_na_base_pair.j_auth_seq_id 
_ndb_struct_na_base_pair.j_PDB_ins_code 
_ndb_struct_na_base_pair.hbond_type_28 
_ndb_struct_na_base_pair.hbond_type_12 
1 A G 1  1_555 A C 67 1_555 -0.067 -0.178 0.741  4.169   -8.663  -5.255   1  A_G15:C81_A A 15 ? A 81 ? 19 1 
1 A G 2  1_555 A C 66 1_555 -0.183 -0.131 0.118  -1.018  -14.851 1.560    2  A_G16:C80_A A 16 ? A 80 ? 19 1 
1 A A 3  1_555 A U 65 1_555 -0.009 -0.142 -0.135 5.725   -18.369 3.006    3  A_A17:U79_A A 17 ? A 79 ? 20 1 
1 A C 4  1_555 A G 64 1_555 0.126  -0.112 0.118  0.328   -8.228  -0.146   4  A_C18:G78_A A 18 ? A 78 ? 19 1 
1 A A 5  1_555 A U 63 1_555 0.061  -0.115 -0.161 -4.257  -10.334 6.927    5  A_A19:U77_A A 19 ? A 77 ? 20 1 
1 A U 6  1_555 A A 62 1_555 0.000  -0.178 0.461  -12.347 -17.173 7.474    6  A_U20:A76_A A 20 ? A 76 ? 20 1 
1 A A 7  1_555 A U 61 1_555 0.102  -0.025 0.143  6.342   -8.777  1.743    7  A_A21:U75_A A 21 ? A 75 ? 20 1 
1 A U 37 1_555 A U 33 1_555 -3.568 -0.787 0.691  -28.450 42.764  -66.285  8  A_U51:U47_A A 51 ? A 47 ? ?  ? 
1 A A 38 1_555 A U 8  1_555 -0.063 -0.100 -0.487 -8.877  0.931   3.694    9  A_A52:U22_A A 52 ? A 22 ? 20 1 
1 A C 39 1_555 A G 32 1_555 0.265  0.013  -0.500 19.615  -6.680  1.136    10 A_C53:G46_A A 53 ? A 46 ? 19 1 
1 A U 11 1_555 A A 31 1_555 -0.094 -0.174 0.484  -5.655  -11.177 3.661    11 A_U25:A45_A A 25 ? A 45 ? 20 1 
1 A G 13 1_555 A C 29 1_555 -0.213 -0.020 0.013  1.968   -2.657  -1.661   12 A_G27:C43_A A 27 ? A 43 ? 19 1 
1 A C 14 1_555 A G 28 1_555 0.022  -0.090 -0.433 12.794  -9.610  -1.392   13 A_C28:G42_A A 28 ? A 42 ? 19 1 
1 A G 15 1_555 A C 27 1_555 -0.299 -0.131 0.000  2.637   -11.188 2.288    14 A_G29:C41_A A 29 ? A 41 ? 19 1 
1 A U 16 1_555 A A 26 1_555 0.018  -0.173 -0.245 7.873   -5.974  3.462    15 A_U30:A40_A A 30 ? A 40 ? 20 1 
1 A G 17 1_555 A C 25 1_555 -0.280 -0.259 0.153  6.188   -2.310  1.010    16 A_G31:C39_A A 31 ? A 39 ? 19 1 
1 A A 19 1_555 A A 52 1_555 3.993  1.366  -0.069 -7.091  -4.692  -107.807 17 A_A33:A66_A A 33 ? A 66 ? 5  4 
1 A U 20 1_555 A A 51 1_555 4.144  -2.076 -0.514 -1.779  -5.784  -100.414 18 A_U34:A65_A A 34 ? A 65 ? 24 4 
1 A A 21 1_555 A A 50 1_555 -4.191 1.299  0.398  -1.516  5.252   -107.488 19 A_A35:A64_A A 35 ? A 64 ? 5  4 
1 A G 23 1_555 A C 47 1_555 -0.178 -0.196 0.745  2.894   -11.070 -3.630   20 A_G37:C61_A A 37 ? A 61 ? 19 1 
1 A G 24 1_555 A C 46 1_555 -0.089 -0.071 0.667  21.083  -13.623 -0.738   21 A_G38:C60_A A 38 ? A 60 ? 19 1 
1 A U 53 1_555 A A 45 1_555 -0.070 -0.135 0.276  -1.765  -12.259 1.818    22 A_U67:A59_A A 67 ? A 59 ? 20 1 
1 A G 54 1_555 A C 44 1_555 -0.173 -0.197 -0.043 -3.248  -14.452 0.357    23 A_G68:C58_A A 68 ? A 58 ? 19 1 
1 A U 55 1_555 A G 43 1_555 2.251  -0.801 0.125  -2.198  -15.954 -1.934   24 A_U69:G57_A A 69 ? A 57 ? 28 1 
1 A C 56 1_555 A G 42 1_555 0.212  -0.155 0.332  0.463   -15.271 -0.795   25 A_C70:G56_A A 70 ? A 56 ? 19 1 
1 A C 57 1_555 A G 41 1_555 0.242  -0.101 0.010  8.022   -12.498 -2.100   26 A_C71:G55_A A 71 ? A 55 ? 19 1 
1 A G 58 1_555 A C 40 1_555 -0.271 -0.257 -0.129 0.779   -17.713 2.458    27 A_G72:C54_A A 72 ? A 54 ? 19 1 
1 A G 48 1_555 A U 49 1_555 -7.891 1.328  -0.911 2.808   5.999   -14.012  28 A_G62:U63_A A 62 ? A 63 ? ?  ? 
# 
loop_
_ndb_struct_na_base_pair_step.model_number 
_ndb_struct_na_base_pair_step.i_label_asym_id_1 
_ndb_struct_na_base_pair_step.i_label_comp_id_1 
_ndb_struct_na_base_pair_step.i_label_seq_id_1 
_ndb_struct_na_base_pair_step.i_symmetry_1 
_ndb_struct_na_base_pair_step.j_label_asym_id_1 
_ndb_struct_na_base_pair_step.j_label_comp_id_1 
_ndb_struct_na_base_pair_step.j_label_seq_id_1 
_ndb_struct_na_base_pair_step.j_symmetry_1 
_ndb_struct_na_base_pair_step.i_label_asym_id_2 
_ndb_struct_na_base_pair_step.i_label_comp_id_2 
_ndb_struct_na_base_pair_step.i_label_seq_id_2 
_ndb_struct_na_base_pair_step.i_symmetry_2 
_ndb_struct_na_base_pair_step.j_label_asym_id_2 
_ndb_struct_na_base_pair_step.j_label_comp_id_2 
_ndb_struct_na_base_pair_step.j_label_seq_id_2 
_ndb_struct_na_base_pair_step.j_symmetry_2 
_ndb_struct_na_base_pair_step.shift 
_ndb_struct_na_base_pair_step.slide 
_ndb_struct_na_base_pair_step.rise 
_ndb_struct_na_base_pair_step.tilt 
_ndb_struct_na_base_pair_step.roll 
_ndb_struct_na_base_pair_step.twist 
_ndb_struct_na_base_pair_step.x_displacement 
_ndb_struct_na_base_pair_step.y_displacement 
_ndb_struct_na_base_pair_step.helical_rise 
_ndb_struct_na_base_pair_step.inclination 
_ndb_struct_na_base_pair_step.tip 
_ndb_struct_na_base_pair_step.helical_twist 
_ndb_struct_na_base_pair_step.step_number 
_ndb_struct_na_base_pair_step.step_name 
_ndb_struct_na_base_pair_step.i_auth_asym_id_1 
_ndb_struct_na_base_pair_step.i_auth_seq_id_1 
_ndb_struct_na_base_pair_step.i_PDB_ins_code_1 
_ndb_struct_na_base_pair_step.j_auth_asym_id_1 
_ndb_struct_na_base_pair_step.j_auth_seq_id_1 
_ndb_struct_na_base_pair_step.j_PDB_ins_code_1 
_ndb_struct_na_base_pair_step.i_auth_asym_id_2 
_ndb_struct_na_base_pair_step.i_auth_seq_id_2 
_ndb_struct_na_base_pair_step.i_PDB_ins_code_2 
_ndb_struct_na_base_pair_step.j_auth_asym_id_2 
_ndb_struct_na_base_pair_step.j_auth_seq_id_2 
_ndb_struct_na_base_pair_step.j_PDB_ins_code_2 
1 A G 1  1_555 A C 67 1_555 A G 2  1_555 A C 66 1_555 0.929  -2.141 3.382 3.477   3.123  37.610  -3.706 -0.976 3.270  4.821   
-5.368  37.889  1  AA_G15G16:C80C81_AA A 15 ? A 81 ? A 16 ? A 80 ? 
1 A G 2  1_555 A C 66 1_555 A A 3  1_555 A U 65 1_555 -0.162 -1.565 3.048 2.948   8.542  33.811  -3.732 0.658  2.566  14.371  
-4.960  34.963  2  AA_G16A17:U79C80_AA A 16 ? A 80 ? A 17 ? A 79 ? 
1 A A 3  1_555 A U 65 1_555 A C 4  1_555 A G 64 1_555 0.857  -1.634 3.324 -1.243  7.791  28.829  -4.703 -1.908 2.759  15.290  
2.440   29.867  3  AA_A17C18:G78U79_AA A 17 ? A 79 ? A 18 ? A 78 ? 
1 A C 4  1_555 A G 64 1_555 A A 5  1_555 A U 63 1_555 0.078  -1.576 3.128 2.513   13.457 32.904  -4.285 0.191  2.326  22.579  
-4.217  35.565  4  AA_C18A19:U77G78_AA A 18 ? A 78 ? A 19 ? A 77 ? 
1 A A 5  1_555 A U 63 1_555 A U 6  1_555 A A 62 1_555 -0.014 -1.259 3.467 -2.406  15.125 29.837  -4.623 -0.363 2.545  27.233  
4.332   33.458  5  AA_A19U20:A76U77_AA A 19 ? A 77 ? A 20 ? A 76 ? 
1 A U 6  1_555 A A 62 1_555 A A 7  1_555 A U 61 1_555 0.362  -1.443 2.586 4.006   15.140 29.444  -4.284 -0.166 1.696  27.476  
-7.270  33.268  6  AA_U20A21:U75A76_AA A 20 ? A 76 ? A 21 ? A 75 ? 
1 A A 7  1_555 A U 61 1_555 A U 37 1_555 A U 33 1_555 -1.560 6.400  2.274 19.128  4.932  159.250 3.243  0.828  2.275  2.506   
-9.720  159.561 7  AA_A21U51:U47U75_AA A 21 ? A 75 ? A 51 ? A 47 ? 
1 A U 37 1_555 A U 33 1_555 A A 38 1_555 A U 8  1_555 0.056  -0.870 3.191 -0.412  23.411 2.951   -8.006 -0.242 -0.462 82.904  
1.460   23.597  8  AA_U51A52:U22U47_AA A 51 ? A 47 ? A 52 ? A 22 ? 
1 A A 38 1_555 A U 8  1_555 A C 39 1_555 A G 32 1_555 1.967  0.289  2.509 3.625   14.718 43.258  -0.665 -2.277 2.618  19.272  
-4.747  45.717  9  AA_A52C53:G46U22_AA A 52 ? A 22 ? A 53 ? A 46 ? 
1 A C 39 1_555 A G 32 1_555 A U 11 1_555 A A 31 1_555 -2.404 -0.424 3.606 -20.877 7.008  53.794  -0.902 1.106  4.130  7.406   
22.063  57.814  10 AA_C53U25:A45G46_AA A 53 ? A 46 ? A 25 ? A 45 ? 
1 A U 11 1_555 A A 31 1_555 A G 13 1_555 A C 29 1_555 -1.670 -4.257 5.836 -4.069  16.843 59.484  -5.441 1.315  4.688  16.597  
4.009   61.734  11 AA_U25G27:C43A45_AA A 25 ? A 45 ? A 27 ? A 43 ? 
1 A G 13 1_555 A C 29 1_555 A C 14 1_555 A G 28 1_555 0.542  -2.162 3.175 2.709   -2.048 26.198  -4.184 -0.462 3.369  -4.494  
-5.944  26.413  12 AA_G27C28:G42C43_AA A 27 ? A 43 ? A 28 ? A 42 ? 
1 A C 14 1_555 A G 28 1_555 A G 15 1_555 A C 27 1_555 -0.441 -1.758 3.459 -2.644  11.696 28.263  -5.543 0.334  2.575  22.704  
5.132   30.653  13 AA_C28G29:C41G42_AA A 28 ? A 42 ? A 29 ? A 41 ? 
1 A G 15 1_555 A C 27 1_555 A U 16 1_555 A A 26 1_555 -0.122 -1.195 3.158 -0.225  10.995 32.033  -3.668 0.176  2.618  19.230  
0.394   33.822  14 AA_G29U30:A40C41_AA A 29 ? A 41 ? A 30 ? A 40 ? 
1 A U 16 1_555 A A 26 1_555 A G 17 1_555 A C 25 1_555 0.755  -1.759 3.249 -2.966  5.254  31.316  -4.102 -1.882 2.842  9.621   
5.432   31.877  15 AA_U30G31:C39A40_AA A 30 ? A 40 ? A 31 ? A 39 ? 
1 A A 19 1_555 A A 52 1_555 A U 20 1_555 A A 51 1_555 0.104  -1.677 3.389 9.708   3.302  38.039  -2.891 1.021  3.170  4.957   
-14.573 39.347  16 AA_A33U34:A65A66_AA A 33 ? A 66 ? A 34 ? A 65 ? 
1 A U 20 1_555 A A 51 1_555 A A 21 1_555 A A 50 1_555 -3.629 3.876  3.642 -21.846 19.361 -18.127 -7.277 -6.947 -2.519 -39.018 
-44.026 -34.257 17 AA_U34A35:A64A65_AA A 34 ? A 65 ? A 35 ? A 64 ? 
1 A G 23 1_555 A C 47 1_555 A G 24 1_555 A C 46 1_555 0.505  -0.695 2.947 1.626   5.665  27.308  -2.632 -0.704 2.774  11.825  
-3.394  27.925  18 AA_G37G38:C60C61_AA A 37 ? A 61 ? A 38 ? A 60 ? 
1 A G 24 1_555 A C 46 1_555 A U 53 1_555 A A 45 1_555 -2.058 -0.494 3.612 -4.671  6.806  55.147  -0.970 1.899  3.681  7.306   
5.014   55.713  19 AA_G38U67:A59C60_AA A 38 ? A 60 ? A 67 ? A 59 ? 
1 A U 53 1_555 A A 45 1_555 A G 54 1_555 A C 44 1_555 -0.332 -1.704 3.236 0.885   5.376  33.969  -3.678 0.693  2.931  9.129   
-1.503  34.391  20 AA_U67G68:C58A59_AA A 67 ? A 59 ? A 68 ? A 58 ? 
1 A G 54 1_555 A C 44 1_555 A U 55 1_555 A G 43 1_555 -0.363 -1.075 3.233 -0.366  3.128  43.273  -1.752 0.456  3.154  4.235   
0.496   43.382  21 AA_G68U69:G57C58_AA A 68 ? A 58 ? A 69 ? A 57 ? 
1 A U 55 1_555 A G 43 1_555 A C 56 1_555 A G 42 1_555 -0.089 -1.526 2.996 1.623   8.627  27.255  -4.743 0.491  2.400  17.734  
-3.337  28.609  22 AA_U69C70:G56G57_AA A 69 ? A 57 ? A 70 ? A 56 ? 
1 A C 56 1_555 A G 42 1_555 A C 57 1_555 A G 41 1_555 0.082  -0.549 3.054 2.441   7.027  29.999  -2.281 0.280  2.853  13.319  
-4.626  30.887  23 AA_C70C71:G55G56_AA A 70 ? A 56 ? A 71 ? A 55 ? 
1 A C 57 1_555 A G 41 1_555 A G 58 1_555 A C 40 1_555 0.713  -1.595 3.403 -0.460  9.544  33.606  -4.069 -1.257 2.848  16.106  
0.776   34.900  24 AA_C71G72:C54G55_AA A 71 ? A 55 ? A 72 ? A 54 ? 
# 
loop_
_pdbx_entity_nonpoly.entity_id 
_pdbx_entity_nonpoly.name 
_pdbx_entity_nonpoly.comp_id 
2 6-O-methylguanine       6GO 
3 'ACETATE ION'           ACT 
4 'COBALT HEXAMMINE(III)' NCO 
5 water                   HOH 
# 
_pdbx_initial_refinement_model.id               1 
_pdbx_initial_refinement_model.entity_id_list   ? 
_pdbx_initial_refinement_model.type             'experimental model' 
_pdbx_initial_refinement_model.source_name      PDB 
_pdbx_initial_refinement_model.accession_code   1U8D 
_pdbx_initial_refinement_model.details          'PDB entry 1U8D' 
# 
